data_2ICE
#
_entry.id   2ICE
#
_cell.length_a   384.936
_cell.length_b   65.213
_cell.length_c   147.676
_cell.angle_alpha   90.000
_cell.angle_beta   102.910
_cell.angle_gamma   90.000
#
_symmetry.space_group_name_H-M   'C 1 2 1'
#
loop_
_entity.id
_entity.type
_entity.pdbx_description
1 polymer 'Complement C3 beta chain'
2 polymer 'Complement C3 alpha chain'
3 polymer 'Complement C3 alpha chain'
4 polymer 'V-set and immunoglobulin domain-containing protein 4'
5 branched 2-acetamido-2-deoxy-beta-D-glucopyranose-(1-4)-2-acetamido-2-deoxy-beta-D-glucopyranose
6 non-polymer 'CALCIUM ION'
#
loop_
_entity_poly.entity_id
_entity_poly.type
_entity_poly.pdbx_seq_one_letter_code
_entity_poly.pdbx_strand_id
1 'polypeptide(L)'
;SPMYSIITPNILRLESEETMVLEAHDAQGDVPVTVTVHDFPGKKLVLSSEKTVLTPATNHMGNVTFTIPANREFKSEKGR
NKFVTVQATFGTQVVEKVVLVSLQSGYLFIQTDKTIYTPGSTVLYRIFTVNHKLLPVGRTVMVNIENPEGIPVKQDSLSS
QNQLGVLPLSWDIPELVNMGQWKIRAYYENSPQQVFSTEFEVKEYVLPSFEVIVEPTEKFYYIYNEKGLEVTITARFLYG
KKVEGTAFVIFGIQDGEQRISLPESLKRIPIEDGSGEVVLSRKVLLDGVQNLRAEDLVGKSLYVSATVILHSGSDMVQAE
RSGIPIVTSPYQIHFTKTPKYFKPGMPFDLMVFVTNPDGSPAYRVPVAVQGEDTVQSLTQGDGVAKLSINTHPSQKPLSI
TVRTKKQELSEAEQATRTMQALPYSTVGNSNNYLHLSVLRTELRPGETLNVNFLLRMDRAHEAKIRYYTYLIMNKGRLLK
AGRQVREPGQDLVVLPLSITTDFIPSFRLVAYYTLIGASGQREVVADSVWVDVKDSCVGSLVVKSGQSEDRQPVPGQQMT
LKIEGDHGARVVLVAVDKGVFVLNKKNKLTQSKIWDVVEKADIGCTPGSGKDYAGVFSDAGLTFTSSSGQQTAQRAELQC
PQ
;
A,D
2 'polypeptide(L)'
;SNLDEDIIAEENIVSRSEFPESWLWNVEDLKEPPKNGISTKLMNIFLKDSITTWEILAVSMSDKKGICVADPFEVTVMQD
FFIDLRLPYSVVRNEQVEIRAVLYNYRQNQELKVRVELLHNPAFCSLATTKRRHQQTVTIPPKSSLSVPYVIVPLKTGLQ
EVEVKAAVYHHFISDGVRKSLKVVPEGIRMNKTVAVRTLDPERLGR
;
B,E
3 'polypeptide(L)'
;SEETKENEGFTVTAEGKGQGTLSVVTMYHAKAKDQLTCNKFDLKVTIKPAPETEKRPQDAKNTMILEICTRYRGDQDATM
SILDISMMTGFAPDTDDLKQLANGVDRYISKYELDKAFSDRNTLIIYLDKVSHSEDDCLAFKVHQYFNVELIQPGAVKVY
AYYNLEESCTRFYHPEKEDGKLNKLCRDELCRCAEENCFIQKSDDKVTLEERLDKACEPGVDYVYKTRLVKVQLSNDFDE
YIMAIEQTIKSGSDEVQVGQQRTFISPIKCREALKLEEKKHYLMWGLSSDFWGEKPNLSYIIGKDTWVEHWPEEDECQDE
ENQKQCQDLGAFTESMVVFGCPN
;
C,F
4 'polypeptide(L)'
;GRPILEVPESVTGPWKGDVNLPCTYDPLQGYTQVLVKWLVQRGSDPVTIFLRDSSGDHIQQAKYQGRLHVSHKVPGDVSL
QLSTLEMDDRSHYTCEVTWQTPDGNQVVRDKITELRVQK
;
S,T
#
loop_
_chem_comp.id
_chem_comp.type
_chem_comp.name
_chem_comp.formula
CA non-polymer 'CALCIUM ION' 'Ca 2'
NAG D-saccharide, beta linking 2-acetamido-2-deoxy-beta-D-glucopyranose 'C8 H15 N O6'
#
# COMPACT_ATOMS: atom_id res chain seq x y z
N SER A 1 -72.39 28.53 -11.97
CA SER A 1 -71.98 29.85 -11.38
C SER A 1 -70.48 29.83 -11.04
N PRO A 2 -69.72 30.77 -11.64
CA PRO A 2 -68.26 30.81 -11.49
C PRO A 2 -67.80 30.97 -10.04
N MET A 3 -66.74 30.25 -9.69
CA MET A 3 -66.09 30.43 -8.41
C MET A 3 -64.77 31.14 -8.65
N TYR A 4 -64.63 32.33 -8.07
CA TYR A 4 -63.36 33.03 -8.08
C TYR A 4 -62.59 32.65 -6.82
N SER A 5 -61.30 32.39 -6.99
CA SER A 5 -60.45 31.89 -5.92
C SER A 5 -59.15 32.68 -5.89
N ILE A 6 -58.51 32.71 -4.73
CA ILE A 6 -57.18 33.31 -4.65
C ILE A 6 -56.23 32.57 -3.70
N ILE A 7 -55.04 32.21 -4.20
CA ILE A 7 -54.03 31.56 -3.37
C ILE A 7 -52.85 32.49 -3.19
N THR A 8 -52.46 32.73 -1.93
CA THR A 8 -51.20 33.41 -1.59
C THR A 8 -50.53 32.60 -0.48
N PRO A 9 -49.23 32.88 -0.20
CA PRO A 9 -48.52 32.34 0.98
C PRO A 9 -49.13 32.71 2.37
N ASN A 10 -49.17 31.73 3.30
CA ASN A 10 -49.49 31.89 4.76
C ASN A 10 -48.92 33.13 5.46
N ILE A 11 -47.63 33.43 5.21
CA ILE A 11 -46.98 34.65 5.68
C ILE A 11 -46.47 35.40 4.44
N LEU A 12 -46.54 36.74 4.42
CA LEU A 12 -45.99 37.52 3.31
C LEU A 12 -44.84 38.40 3.79
N ARG A 13 -43.82 38.49 2.95
CA ARG A 13 -42.60 39.18 3.27
C ARG A 13 -42.73 40.63 2.88
N LEU A 14 -42.04 41.50 3.61
CA LEU A 14 -41.99 42.90 3.25
C LEU A 14 -40.89 43.21 2.26
N GLU A 15 -41.18 44.19 1.40
CA GLU A 15 -40.19 44.78 0.50
C GLU A 15 -39.71 43.85 -0.61
N SER A 16 -40.06 42.57 -0.48
CA SER A 16 -39.72 41.57 -1.48
C SER A 16 -40.93 41.23 -2.34
N GLU A 17 -40.66 40.73 -3.54
CA GLU A 17 -41.70 40.27 -4.46
C GLU A 17 -42.39 39.01 -3.97
N GLU A 18 -43.68 38.98 -4.17
CA GLU A 18 -44.53 37.88 -3.79
C GLU A 18 -45.54 37.73 -4.92
N THR A 19 -46.11 36.53 -5.04
CA THR A 19 -46.98 36.23 -6.14
C THR A 19 -48.28 35.84 -5.52
N MET A 20 -49.38 36.36 -6.05
CA MET A 20 -50.71 35.97 -5.66
C MET A 20 -51.41 35.39 -6.92
N VAL A 21 -52.12 34.26 -6.76
CA VAL A 21 -52.54 33.42 -7.90
C VAL A 21 -54.05 33.38 -8.18
N LEU A 22 -54.46 34.10 -9.21
CA LEU A 22 -55.87 34.30 -9.55
C LEU A 22 -56.43 33.22 -10.46
N GLU A 23 -57.65 32.77 -10.17
CA GLU A 23 -58.36 31.77 -10.97
C GLU A 23 -59.83 32.08 -10.93
N ALA A 24 -60.49 31.96 -12.08
CA ALA A 24 -61.95 31.88 -12.14
C ALA A 24 -62.32 30.52 -12.73
N HIS A 25 -63.15 29.77 -12.02
CA HIS A 25 -63.53 28.43 -12.44
C HIS A 25 -64.95 28.44 -13.01
N ASP A 26 -65.12 27.82 -14.18
CA ASP A 26 -66.42 27.79 -14.86
C ASP A 26 -66.86 29.23 -15.16
N ALA A 27 -65.94 30.00 -15.72
CA ALA A 27 -66.23 31.37 -16.13
C ALA A 27 -66.32 31.45 -17.64
N GLN A 28 -66.70 32.63 -18.16
CA GLN A 28 -66.86 32.85 -19.60
C GLN A 28 -66.23 34.18 -20.01
N GLY A 29 -65.47 34.17 -21.11
CA GLY A 29 -64.88 35.39 -21.67
C GLY A 29 -63.88 36.04 -20.73
N ASP A 30 -63.40 37.23 -21.10
CA ASP A 30 -62.44 37.99 -20.29
C ASP A 30 -63.01 38.43 -18.95
N VAL A 31 -62.35 38.07 -17.85
CA VAL A 31 -62.76 38.47 -16.50
C VAL A 31 -61.63 39.23 -15.79
N PRO A 32 -61.71 40.57 -15.81
CA PRO A 32 -60.65 41.48 -15.38
C PRO A 32 -60.56 41.61 -13.86
N VAL A 33 -59.34 41.65 -13.34
CA VAL A 33 -59.12 41.56 -11.90
C VAL A 33 -58.23 42.66 -11.38
N THR A 34 -58.73 43.46 -10.42
CA THR A 34 -57.88 44.38 -9.66
C THR A 34 -57.54 43.71 -8.35
N VAL A 35 -56.30 43.89 -7.88
CA VAL A 35 -55.83 43.31 -6.61
C VAL A 35 -55.17 44.32 -5.68
N THR A 36 -55.80 44.54 -4.52
CA THR A 36 -55.39 45.58 -3.58
C THR A 36 -54.92 45.09 -2.22
N VAL A 37 -53.83 45.68 -1.74
CA VAL A 37 -53.33 45.39 -0.39
C VAL A 37 -53.43 46.59 0.59
N HIS A 38 -54.18 46.42 1.68
CA HIS A 38 -54.22 47.39 2.75
C HIS A 38 -53.71 46.78 4.05
N ASP A 39 -53.32 47.63 4.98
CA ASP A 39 -52.96 47.18 6.33
C ASP A 39 -54.23 46.83 7.12
N PHE A 40 -54.11 45.96 8.12
CA PHE A 40 -55.28 45.47 8.86
C PHE A 40 -55.46 46.09 10.29
N PRO A 41 -56.71 46.28 10.73
CA PRO A 41 -57.59 47.38 11.00
C PRO A 41 -57.13 48.75 10.50
N GLY A 42 -58.11 49.60 10.20
CA GLY A 42 -57.86 51.02 9.92
C GLY A 42 -56.96 51.14 8.72
N LYS A 43 -57.57 51.43 7.57
CA LYS A 43 -56.92 51.12 6.33
C LYS A 43 -56.22 52.30 5.64
N LYS A 44 -55.14 51.97 4.95
CA LYS A 44 -54.34 52.88 4.11
C LYS A 44 -53.64 51.95 3.10
N LEU A 45 -53.69 52.25 1.80
CA LEU A 45 -53.41 51.20 0.79
C LEU A 45 -51.99 51.04 0.26
N VAL A 46 -51.35 49.95 0.71
CA VAL A 46 -49.93 49.71 0.54
C VAL A 46 -49.54 49.13 -0.82
N LEU A 47 -50.48 48.48 -1.51
CA LEU A 47 -50.30 48.14 -2.92
C LEU A 47 -51.62 47.93 -3.66
N SER A 48 -51.98 48.94 -4.44
CA SER A 48 -53.20 48.97 -5.24
C SER A 48 -52.74 48.68 -6.64
N SER A 49 -51.42 48.75 -6.78
CA SER A 49 -50.79 48.39 -8.02
C SER A 49 -51.20 46.96 -8.33
N GLU A 50 -51.00 46.59 -9.58
CA GLU A 50 -51.24 45.24 -10.04
C GLU A 50 -52.73 44.96 -10.22
N LYS A 51 -53.14 45.00 -11.48
CA LYS A 51 -54.37 44.40 -11.97
C LYS A 51 -53.96 43.40 -13.05
N THR A 52 -54.92 42.62 -13.55
CA THR A 52 -54.69 41.60 -14.58
C THR A 52 -55.99 41.27 -15.36
N VAL A 53 -55.89 40.41 -16.36
CA VAL A 53 -57.08 39.87 -17.07
C VAL A 53 -57.06 38.36 -17.24
N LEU A 54 -58.15 37.72 -16.84
CA LEU A 54 -58.27 36.28 -16.97
C LEU A 54 -59.03 35.90 -18.24
N THR A 55 -58.32 35.23 -19.15
CA THR A 55 -58.80 34.94 -20.51
C THR A 55 -59.12 33.45 -20.62
N PRO A 56 -60.02 33.06 -21.54
CA PRO A 56 -60.22 31.63 -21.83
C PRO A 56 -59.02 31.05 -22.57
N ALA A 57 -58.27 31.93 -23.24
CA ALA A 57 -57.04 31.58 -23.95
C ALA A 57 -56.05 30.82 -23.06
N THR A 58 -56.09 31.10 -21.76
CA THR A 58 -55.20 30.51 -20.77
C THR A 58 -55.99 29.68 -19.74
N ASN A 59 -57.22 29.33 -20.13
CA ASN A 59 -58.20 28.70 -19.25
C ASN A 59 -58.36 29.40 -17.89
N HIS A 60 -58.34 30.73 -17.91
CA HIS A 60 -58.57 31.62 -16.75
C HIS A 60 -57.64 31.36 -15.55
N MET A 61 -56.35 31.20 -15.78
CA MET A 61 -55.42 31.05 -14.67
C MET A 61 -54.30 32.05 -14.80
N GLY A 62 -54.46 33.17 -14.12
CA GLY A 62 -53.44 34.20 -14.10
C GLY A 62 -52.83 34.41 -12.74
N ASN A 63 -51.85 35.31 -12.70
CA ASN A 63 -51.26 35.72 -11.46
C ASN A 63 -50.96 37.21 -11.45
N VAL A 64 -51.01 37.81 -10.29
CA VAL A 64 -50.58 39.18 -10.12
C VAL A 64 -49.38 39.06 -9.19
N THR A 65 -48.31 39.80 -9.48
CA THR A 65 -47.09 39.75 -8.67
C THR A 65 -46.85 41.12 -8.06
N PHE A 66 -46.91 41.19 -6.73
CA PHE A 66 -46.85 42.48 -6.03
C PHE A 66 -45.69 42.60 -5.07
N THR A 67 -45.41 43.84 -4.63
CA THR A 67 -44.51 44.08 -3.49
C THR A 67 -45.13 45.08 -2.50
N ILE A 68 -45.24 44.65 -1.25
CA ILE A 68 -45.65 45.55 -0.18
C ILE A 68 -44.39 46.26 0.30
N PRO A 69 -44.39 47.60 0.34
CA PRO A 69 -43.21 48.28 0.85
C PRO A 69 -43.25 48.47 2.37
N ALA A 70 -42.10 48.70 2.99
CA ALA A 70 -42.08 49.03 4.41
C ALA A 70 -42.74 50.40 4.56
N ASN A 71 -43.46 50.57 5.66
CA ASN A 71 -44.10 51.84 5.93
C ASN A 71 -43.98 52.21 7.37
N ARG A 72 -44.23 53.48 7.65
CA ARG A 72 -44.24 53.98 9.00
C ARG A 72 -45.32 53.27 9.82
N GLU A 73 -46.44 52.93 9.17
CA GLU A 73 -47.52 52.20 9.83
C GLU A 73 -47.17 50.75 10.21
N PHE A 74 -46.19 50.17 9.53
CA PHE A 74 -45.75 48.82 9.87
C PHE A 74 -44.77 48.79 11.03
N LYS A 75 -44.28 49.95 11.42
CA LYS A 75 -43.29 50.06 12.50
C LYS A 75 -43.76 50.97 13.66
N SER A 76 -45.07 51.12 13.79
CA SER A 76 -45.66 51.88 14.90
C SER A 76 -46.62 51.04 15.76
N GLU A 77 -46.63 49.72 15.50
CA GLU A 77 -47.38 48.76 16.32
C GLU A 77 -46.48 47.61 16.70
N LYS A 78 -45.24 47.94 17.08
CA LYS A 78 -44.20 46.97 17.41
C LYS A 78 -44.62 45.97 18.49
N GLY A 79 -43.81 44.93 18.66
CA GLY A 79 -44.05 43.92 19.69
C GLY A 79 -45.18 42.96 19.36
N ARG A 80 -46.28 43.50 18.81
CA ARG A 80 -47.34 42.66 18.25
C ARG A 80 -47.24 42.44 16.73
N ASN A 81 -47.89 41.38 16.25
CA ASN A 81 -47.81 40.95 14.86
C ASN A 81 -48.50 41.85 13.83
N LYS A 82 -47.82 42.18 12.74
CA LYS A 82 -48.44 42.92 11.64
C LYS A 82 -49.37 42.06 10.75
N PHE A 83 -50.27 42.74 10.04
CA PHE A 83 -51.30 42.10 9.24
C PHE A 83 -51.78 42.95 8.05
N VAL A 84 -52.26 42.30 6.99
CA VAL A 84 -52.85 43.02 5.83
C VAL A 84 -54.14 42.37 5.36
N THR A 85 -54.94 43.11 4.59
CA THR A 85 -56.12 42.54 3.91
C THR A 85 -55.80 42.50 2.44
N VAL A 86 -55.88 41.30 1.87
CA VAL A 86 -55.57 41.11 0.47
C VAL A 86 -56.89 40.96 -0.26
N GLN A 87 -57.12 41.84 -1.23
CA GLN A 87 -58.43 41.97 -1.83
C GLN A 87 -58.38 41.87 -3.35
N ALA A 88 -59.07 40.87 -3.88
CA ALA A 88 -59.21 40.71 -5.32
C ALA A 88 -60.65 41.00 -5.73
N THR A 89 -60.81 41.83 -6.77
CA THR A 89 -62.11 42.01 -7.39
C THR A 89 -62.10 41.43 -8.81
N PHE A 90 -62.87 40.36 -8.97
CA PHE A 90 -63.04 39.70 -10.24
C PHE A 90 -64.18 40.38 -10.97
N GLY A 91 -63.81 41.40 -11.74
CA GLY A 91 -64.78 42.29 -12.37
C GLY A 91 -65.56 43.06 -11.33
N THR A 92 -66.52 42.37 -10.73
CA THR A 92 -67.46 43.00 -9.82
C THR A 92 -67.46 42.31 -8.44
N GLN A 93 -67.30 40.99 -8.45
CA GLN A 93 -67.24 40.16 -7.24
C GLN A 93 -65.91 40.32 -6.49
N VAL A 94 -65.99 40.49 -5.17
CA VAL A 94 -64.79 40.66 -4.34
C VAL A 94 -64.55 39.48 -3.40
N VAL A 95 -63.29 39.06 -3.32
CA VAL A 95 -62.85 37.99 -2.43
C VAL A 95 -61.64 38.53 -1.67
N GLU A 96 -61.70 38.45 -0.34
CA GLU A 96 -60.60 38.96 0.49
C GLU A 96 -60.10 38.07 1.60
N LYS A 97 -58.84 38.29 1.99
CA LYS A 97 -58.20 37.46 2.99
C LYS A 97 -57.22 38.25 3.85
N VAL A 98 -57.36 38.10 5.17
CA VAL A 98 -56.41 38.72 6.09
C VAL A 98 -55.19 37.81 6.26
N VAL A 99 -54.03 38.40 6.04
CA VAL A 99 -52.82 37.62 5.89
C VAL A 99 -51.67 38.18 6.76
N LEU A 100 -51.10 37.30 7.56
CA LEU A 100 -49.96 37.65 8.41
C LEU A 100 -48.77 38.18 7.62
N VAL A 101 -48.03 39.09 8.22
CA VAL A 101 -46.88 39.72 7.59
C VAL A 101 -45.70 39.57 8.51
N SER A 102 -44.50 39.48 7.95
CA SER A 102 -43.31 39.46 8.79
C SER A 102 -42.26 40.46 8.35
N LEU A 103 -41.58 41.04 9.32
CA LEU A 103 -40.58 42.05 9.03
C LEU A 103 -39.23 41.41 8.71
N GLN A 104 -39.03 40.14 9.13
CA GLN A 104 -37.89 39.33 8.68
C GLN A 104 -37.46 39.65 7.24
N SER A 105 -36.42 40.49 7.12
CA SER A 105 -35.94 41.01 5.83
C SER A 105 -35.11 40.01 5.00
N GLY A 106 -34.75 38.88 5.63
CA GLY A 106 -33.88 37.87 5.01
C GLY A 106 -32.98 37.15 6.01
N TYR A 107 -31.70 37.01 5.67
CA TYR A 107 -30.78 36.35 6.58
C TYR A 107 -29.50 37.13 6.67
N LEU A 108 -28.72 36.87 7.72
CA LEU A 108 -27.40 37.43 7.88
C LEU A 108 -26.45 36.30 8.21
N PHE A 109 -25.24 36.37 7.68
CA PHE A 109 -24.22 35.36 7.99
C PHE A 109 -22.93 36.06 8.35
N ILE A 110 -22.38 35.68 9.51
CA ILE A 110 -21.16 36.29 10.04
C ILE A 110 -19.97 35.37 9.89
N GLN A 111 -18.88 35.89 9.33
CA GLN A 111 -17.67 35.11 9.12
C GLN A 111 -16.51 35.75 9.85
N THR A 112 -15.86 35.02 10.76
CA THR A 112 -14.65 35.51 11.42
C THR A 112 -13.45 34.81 10.83
N ASP A 113 -12.37 35.54 10.58
CA ASP A 113 -11.16 34.93 10.01
C ASP A 113 -10.56 33.79 10.85
N LYS A 114 -10.74 33.82 12.18
CA LYS A 114 -10.24 32.74 13.04
C LYS A 114 -11.34 32.32 14.00
N THR A 115 -11.12 31.22 14.70
CA THR A 115 -12.08 30.70 15.65
C THR A 115 -11.66 31.02 17.09
N ILE A 116 -10.43 31.45 17.25
CA ILE A 116 -9.87 31.70 18.56
C ILE A 116 -8.82 32.79 18.41
N TYR A 117 -8.78 33.73 19.35
CA TYR A 117 -7.89 34.88 19.22
C TYR A 117 -7.25 35.09 20.57
N THR A 118 -6.17 35.87 20.61
CA THR A 118 -5.51 36.24 21.87
C THR A 118 -5.64 37.74 22.11
N PRO A 119 -5.57 38.16 23.38
CA PRO A 119 -5.64 39.58 23.67
C PRO A 119 -4.59 40.34 22.87
N GLY A 120 -4.96 41.49 22.30
CA GLY A 120 -4.00 42.28 21.55
C GLY A 120 -4.13 42.08 20.05
N SER A 121 -4.74 40.96 19.67
CA SER A 121 -5.00 40.68 18.23
C SER A 121 -6.31 41.28 17.76
N THR A 122 -6.41 41.52 16.46
CA THR A 122 -7.65 42.00 15.84
C THR A 122 -8.55 40.86 15.39
N VAL A 123 -9.86 41.03 15.58
CA VAL A 123 -10.86 40.19 14.94
C VAL A 123 -11.27 40.76 13.55
N LEU A 124 -11.17 39.96 12.50
CA LEU A 124 -11.64 40.37 11.17
C LEU A 124 -12.90 39.60 10.92
N TYR A 125 -13.94 40.28 10.45
CA TYR A 125 -15.20 39.61 10.22
C TYR A 125 -15.95 40.22 9.07
N ARG A 126 -16.78 39.42 8.43
CA ARG A 126 -17.63 39.91 7.35
C ARG A 126 -19.07 39.62 7.69
N ILE A 127 -19.98 40.48 7.24
CA ILE A 127 -21.40 40.16 7.32
C ILE A 127 -22.00 40.04 5.91
N PHE A 128 -22.72 38.94 5.69
CA PHE A 128 -23.33 38.67 4.39
C PHE A 128 -24.80 38.96 4.51
N THR A 129 -25.24 39.98 3.79
CA THR A 129 -26.62 40.44 3.88
C THR A 129 -27.43 39.94 2.69
N VAL A 130 -28.25 38.93 2.91
CA VAL A 130 -29.09 38.40 1.84
C VAL A 130 -30.59 38.44 2.22
N ASN A 131 -31.44 38.28 1.21
CA ASN A 131 -32.88 38.14 1.44
C ASN A 131 -33.25 36.69 1.54
N HIS A 132 -34.53 36.38 1.47
CA HIS A 132 -34.96 35.01 1.70
C HIS A 132 -34.83 34.08 0.47
N LYS A 133 -34.17 34.57 -0.58
CA LYS A 133 -33.81 33.78 -1.73
C LYS A 133 -32.29 33.65 -1.79
N LEU A 134 -31.63 34.08 -0.71
CA LEU A 134 -30.16 34.24 -0.64
C LEU A 134 -29.48 35.14 -1.70
N LEU A 135 -30.23 36.05 -2.31
CA LEU A 135 -29.59 37.07 -3.15
C LEU A 135 -29.16 38.29 -2.35
N PRO A 136 -28.14 39.02 -2.83
CA PRO A 136 -27.61 40.16 -2.08
C PRO A 136 -28.59 41.32 -2.00
N VAL A 137 -28.57 42.02 -0.89
CA VAL A 137 -29.51 43.10 -0.64
C VAL A 137 -28.77 44.23 0.11
N GLY A 138 -29.14 45.48 -0.16
CA GLY A 138 -28.52 46.62 0.52
C GLY A 138 -29.45 47.13 1.59
N ARG A 139 -29.15 46.83 2.84
CA ARG A 139 -29.96 47.28 3.95
C ARG A 139 -29.10 47.81 5.11
N THR A 140 -29.74 48.43 6.09
CA THR A 140 -29.04 48.87 7.31
C THR A 140 -28.98 47.74 8.33
N VAL A 141 -27.79 47.50 8.85
CA VAL A 141 -27.49 46.41 9.79
C VAL A 141 -26.95 46.96 11.11
N MET A 142 -27.38 46.38 12.23
CA MET A 142 -26.84 46.72 13.57
C MET A 142 -25.89 45.61 14.03
N VAL A 143 -24.65 45.96 14.41
CA VAL A 143 -23.65 44.92 14.77
C VAL A 143 -23.06 45.16 16.16
N ASN A 144 -23.04 44.12 17.00
CA ASN A 144 -22.51 44.20 18.37
C ASN A 144 -21.43 43.17 18.71
N ILE A 145 -20.28 43.61 19.19
CA ILE A 145 -19.37 42.73 19.89
C ILE A 145 -19.82 42.57 21.37
N GLU A 146 -19.94 41.34 21.85
CA GLU A 146 -20.47 41.05 23.17
C GLU A 146 -19.52 40.18 23.97
N ASN A 147 -19.23 40.57 25.21
CA ASN A 147 -18.22 39.92 26.01
C ASN A 147 -18.78 38.71 26.75
N PRO A 148 -17.92 37.88 27.36
CA PRO A 148 -18.40 36.60 27.82
C PRO A 148 -19.53 36.67 28.81
N GLU A 149 -19.74 37.81 29.46
CA GLU A 149 -20.83 37.92 30.45
C GLU A 149 -22.11 38.59 29.93
N GLY A 150 -22.11 38.96 28.66
CA GLY A 150 -23.34 39.34 27.98
C GLY A 150 -23.44 40.81 27.64
N ILE A 151 -22.32 41.53 27.74
CA ILE A 151 -22.32 42.98 27.62
C ILE A 151 -21.81 43.50 26.26
N PRO A 152 -22.62 44.34 25.57
CA PRO A 152 -22.10 45.06 24.39
C PRO A 152 -20.88 45.84 24.77
N VAL A 153 -19.91 45.95 23.88
CA VAL A 153 -18.66 46.69 24.19
C VAL A 153 -18.22 47.40 22.94
N LYS A 154 -18.83 47.01 21.84
CA LYS A 154 -18.73 47.78 20.59
C LYS A 154 -20.08 47.72 19.90
N GLN A 155 -20.49 48.84 19.33
CA GLN A 155 -21.66 48.87 18.50
C GLN A 155 -21.29 49.43 17.16
N ASP A 156 -22.13 49.20 16.18
CA ASP A 156 -21.89 49.63 14.82
C ASP A 156 -23.19 49.57 14.06
N SER A 157 -23.29 50.47 13.09
CA SER A 157 -24.42 50.52 12.21
C SER A 157 -23.96 50.79 10.76
N LEU A 158 -24.20 49.83 9.88
CA LEU A 158 -23.70 49.91 8.53
C LEU A 158 -24.82 49.77 7.51
N SER A 159 -24.56 50.17 6.27
CA SER A 159 -25.40 49.78 5.16
C SER A 159 -24.61 49.01 4.15
N SER A 160 -25.11 47.82 3.84
CA SER A 160 -24.53 46.95 2.82
C SER A 160 -24.93 47.38 1.41
N GLN A 161 -25.33 48.65 1.26
CA GLN A 161 -25.78 49.20 0.00
C GLN A 161 -24.57 49.40 -0.88
N ASN A 162 -24.72 49.07 -2.18
CA ASN A 162 -23.62 49.13 -3.16
C ASN A 162 -22.39 48.33 -2.75
N GLN A 163 -22.63 47.22 -2.07
CA GLN A 163 -21.62 46.54 -1.28
C GLN A 163 -21.63 45.04 -1.57
N LEU A 164 -22.47 44.65 -2.52
CA LEU A 164 -22.65 43.25 -2.91
C LEU A 164 -22.92 42.40 -1.70
N GLY A 165 -23.81 42.86 -0.84
CA GLY A 165 -24.15 42.10 0.36
C GLY A 165 -23.02 41.63 1.25
N VAL A 166 -21.83 42.25 1.12
CA VAL A 166 -20.66 41.97 1.99
C VAL A 166 -20.27 43.20 2.85
N LEU A 167 -20.18 43.02 4.17
CA LEU A 167 -19.73 44.10 5.05
C LEU A 167 -18.45 43.74 5.82
N PRO A 168 -17.30 44.22 5.34
CA PRO A 168 -16.07 43.93 6.05
C PRO A 168 -15.90 44.86 7.26
N LEU A 169 -15.69 44.27 8.43
CA LEU A 169 -15.56 45.01 9.67
C LEU A 169 -14.51 44.37 10.56
N SER A 170 -13.84 45.16 11.37
CA SER A 170 -12.86 44.59 12.28
C SER A 170 -13.05 45.16 13.68
N TRP A 171 -12.45 44.49 14.67
CA TRP A 171 -12.42 44.95 16.04
C TRP A 171 -11.12 44.56 16.69
N ASP A 172 -10.46 45.55 17.31
CA ASP A 172 -9.25 45.32 18.08
C ASP A 172 -9.57 44.84 19.49
N ILE A 173 -9.08 43.66 19.84
CA ILE A 173 -9.26 43.13 21.19
C ILE A 173 -8.20 43.78 22.02
N PRO A 174 -8.62 44.45 23.11
CA PRO A 174 -7.67 45.09 24.01
C PRO A 174 -6.78 44.10 24.80
N GLU A 175 -5.61 44.56 25.25
CA GLU A 175 -4.66 43.74 26.00
C GLU A 175 -5.20 43.21 27.34
N LEU A 176 -5.89 44.03 28.12
CA LEU A 176 -6.54 43.53 29.34
C LEU A 176 -7.97 43.23 28.98
N VAL A 177 -8.36 41.96 29.11
CA VAL A 177 -9.59 41.52 28.50
C VAL A 177 -10.10 40.24 29.15
N ASN A 178 -11.42 40.07 29.18
CA ASN A 178 -12.03 38.87 29.74
C ASN A 178 -11.89 37.63 28.82
N MET A 179 -11.02 36.70 29.18
CA MET A 179 -10.94 35.40 28.49
C MET A 179 -12.30 34.69 28.44
N GLY A 180 -12.55 33.92 27.38
CA GLY A 180 -13.80 33.13 27.28
C GLY A 180 -14.52 33.23 25.96
N GLN A 181 -15.81 32.88 25.95
CA GLN A 181 -16.60 32.91 24.72
C GLN A 181 -17.22 34.27 24.43
N TRP A 182 -16.55 35.05 23.60
CA TRP A 182 -17.12 36.27 23.07
C TRP A 182 -18.16 36.03 22.00
N LYS A 183 -18.91 37.07 21.65
CA LYS A 183 -20.01 36.94 20.69
C LYS A 183 -20.15 38.13 19.69
N ILE A 184 -20.47 37.80 18.43
CA ILE A 184 -20.82 38.83 17.44
C ILE A 184 -22.30 38.74 17.15
N ARG A 185 -23.00 39.87 17.18
CA ARG A 185 -24.47 39.85 17.10
C ARG A 185 -25.07 40.86 16.15
N ALA A 186 -25.55 40.38 15.00
CA ALA A 186 -26.06 41.25 13.96
C ALA A 186 -27.52 41.02 13.70
N TYR A 187 -28.23 42.10 13.37
CA TYR A 187 -29.64 42.05 12.97
C TYR A 187 -29.95 43.19 12.03
N TYR A 188 -31.04 43.06 11.26
CA TYR A 188 -31.41 44.12 10.32
C TYR A 188 -32.12 45.21 11.09
N GLU A 189 -31.88 46.47 10.75
CA GLU A 189 -32.52 47.60 11.46
C GLU A 189 -34.04 47.44 11.61
N ASN A 190 -34.69 47.11 10.50
CA ASN A 190 -36.12 46.91 10.45
C ASN A 190 -36.65 45.74 11.27
N SER A 191 -35.82 44.75 11.55
CA SER A 191 -36.27 43.52 12.22
C SER A 191 -35.47 43.17 13.47
N PRO A 192 -35.49 44.04 14.51
CA PRO A 192 -34.59 43.88 15.66
C PRO A 192 -34.82 42.58 16.40
N GLN A 193 -35.99 41.97 16.21
CA GLN A 193 -36.37 40.76 16.94
C GLN A 193 -35.79 39.49 16.34
N GLN A 194 -34.96 39.63 15.31
CA GLN A 194 -34.31 38.47 14.72
C GLN A 194 -32.81 38.67 14.67
N VAL A 195 -32.10 38.00 15.59
CA VAL A 195 -30.67 38.28 15.79
C VAL A 195 -29.80 37.13 15.31
N PHE A 196 -28.79 37.42 14.49
CA PHE A 196 -27.88 36.40 14.00
C PHE A 196 -26.56 36.57 14.71
N SER A 197 -26.00 35.48 15.23
CA SER A 197 -24.78 35.52 16.03
C SER A 197 -23.64 34.64 15.50
N THR A 198 -22.46 34.82 16.10
CA THR A 198 -21.34 33.88 16.00
C THR A 198 -20.53 34.03 17.25
N GLU A 199 -19.93 32.92 17.68
CA GLU A 199 -18.96 32.95 18.73
C GLU A 199 -17.55 32.97 18.21
N PHE A 200 -16.67 33.49 19.04
CA PHE A 200 -15.23 33.29 18.95
C PHE A 200 -14.62 33.30 20.36
N GLU A 201 -13.54 32.55 20.56
CA GLU A 201 -12.96 32.41 21.89
C GLU A 201 -11.76 33.33 22.01
N VAL A 202 -11.61 33.94 23.18
CA VAL A 202 -10.44 34.73 23.44
C VAL A 202 -9.71 34.01 24.54
N LYS A 203 -8.42 33.75 24.33
CA LYS A 203 -7.62 32.85 25.17
C LYS A 203 -6.18 33.19 25.00
N GLU A 204 -5.35 32.69 25.89
CA GLU A 204 -3.90 32.81 25.74
C GLU A 204 -3.39 31.47 25.29
N TYR A 205 -2.71 31.46 24.14
CA TYR A 205 -2.23 30.22 23.54
C TYR A 205 -1.07 30.51 22.63
N VAL A 206 -0.38 29.44 22.22
CA VAL A 206 0.50 29.50 21.05
C VAL A 206 0.08 28.37 20.13
N LEU A 207 0.35 28.48 18.84
CA LEU A 207 -0.05 27.43 17.90
C LEU A 207 0.75 26.15 18.14
N PRO A 208 0.06 25.00 18.21
CA PRO A 208 0.71 23.69 18.29
C PRO A 208 1.41 23.31 16.97
N SER A 209 2.38 22.42 17.05
CA SER A 209 3.11 21.97 15.87
C SER A 209 2.43 20.78 15.17
N PHE A 210 1.51 20.10 15.87
CA PHE A 210 0.84 18.94 15.32
C PHE A 210 -0.62 18.85 15.72
N GLU A 211 -1.33 17.82 15.25
CA GLU A 211 -2.76 17.72 15.45
C GLU A 211 -3.12 16.31 15.88
N VAL A 212 -4.23 16.19 16.61
CA VAL A 212 -4.61 14.90 17.18
C VAL A 212 -6.04 14.59 16.80
N ILE A 213 -6.23 13.39 16.26
CA ILE A 213 -7.56 12.90 15.86
C ILE A 213 -7.93 11.65 16.69
N VAL A 214 -9.07 11.67 17.37
CA VAL A 214 -9.42 10.57 18.22
C VAL A 214 -10.77 10.04 17.77
N GLU A 215 -10.76 8.84 17.20
CA GLU A 215 -11.93 8.28 16.53
C GLU A 215 -12.23 6.91 17.01
N PRO A 216 -13.48 6.65 17.42
CA PRO A 216 -13.89 5.29 17.71
C PRO A 216 -14.06 4.52 16.41
N THR A 217 -13.72 3.24 16.42
CA THR A 217 -13.78 2.41 15.20
C THR A 217 -15.19 2.24 14.69
N GLU A 218 -16.17 2.37 15.57
CA GLU A 218 -17.55 2.46 15.17
C GLU A 218 -18.15 3.74 15.73
N LYS A 219 -19.13 4.31 15.04
CA LYS A 219 -19.60 5.65 15.45
C LYS A 219 -20.60 5.57 16.60
N PHE A 220 -20.48 4.54 17.43
CA PHE A 220 -21.37 4.31 18.58
C PHE A 220 -20.82 3.22 19.49
N TYR A 221 -21.46 3.05 20.64
CA TYR A 221 -21.18 1.90 21.49
C TYR A 221 -22.39 1.03 21.79
N TYR A 222 -22.28 -0.23 21.38
CA TYR A 222 -23.28 -1.25 21.60
C TYR A 222 -23.02 -1.97 22.95
N ILE A 223 -24.01 -1.99 23.83
CA ILE A 223 -23.82 -2.46 25.21
C ILE A 223 -23.56 -3.94 25.33
N TYR A 224 -23.87 -4.67 24.27
CA TYR A 224 -23.63 -6.10 24.25
C TYR A 224 -22.36 -6.45 23.51
N ASN A 225 -21.59 -5.44 23.14
CA ASN A 225 -20.26 -5.65 22.59
C ASN A 225 -19.30 -5.98 23.72
N GLU A 226 -18.80 -7.20 23.69
CA GLU A 226 -17.90 -7.74 24.73
C GLU A 226 -16.56 -7.01 24.68
N LYS A 227 -16.13 -6.65 23.47
CA LYS A 227 -14.80 -6.09 23.22
C LYS A 227 -14.56 -4.69 23.80
N GLY A 228 -15.63 -4.06 24.27
CA GLY A 228 -15.60 -2.68 24.72
C GLY A 228 -15.59 -1.72 23.55
N LEU A 229 -14.95 -0.56 23.74
CA LEU A 229 -14.94 0.51 22.73
C LEU A 229 -13.53 0.79 22.21
N GLU A 230 -13.29 0.46 20.95
CA GLU A 230 -11.99 0.66 20.32
C GLU A 230 -11.83 2.10 19.82
N VAL A 231 -10.70 2.70 20.14
CA VAL A 231 -10.46 4.08 19.78
C VAL A 231 -9.08 4.13 19.17
N THR A 232 -8.95 4.88 18.09
CA THR A 232 -7.70 5.06 17.40
C THR A 232 -7.23 6.48 17.65
N ILE A 233 -5.96 6.63 18.01
CA ILE A 233 -5.35 7.95 18.13
C ILE A 233 -4.46 8.15 16.93
N THR A 234 -4.71 9.20 16.17
CA THR A 234 -3.84 9.60 15.06
C THR A 234 -3.26 10.97 15.39
N ALA A 235 -1.93 11.04 15.38
CA ALA A 235 -1.21 12.27 15.58
C ALA A 235 -0.38 12.57 14.34
N ARG A 236 -0.45 13.79 13.85
CA ARG A 236 0.20 14.16 12.59
C ARG A 236 0.69 15.62 12.59
N PHE A 237 1.90 15.85 12.10
CA PHE A 237 2.41 17.21 11.97
C PHE A 237 1.62 18.03 10.94
N LEU A 238 1.38 19.30 11.26
CA LEU A 238 0.64 20.19 10.37
C LEU A 238 1.26 20.41 8.99
N TYR A 239 2.54 20.04 8.82
CA TYR A 239 3.21 20.06 7.51
C TYR A 239 3.09 18.71 6.77
N GLY A 240 2.51 17.70 7.43
CA GLY A 240 2.14 16.47 6.75
C GLY A 240 2.80 15.20 7.22
N LYS A 241 3.97 15.33 7.86
CA LYS A 241 4.71 14.18 8.36
C LYS A 241 4.05 13.54 9.59
N LYS A 242 4.42 12.28 9.87
CA LYS A 242 3.83 11.52 10.99
C LYS A 242 4.55 11.79 12.30
N VAL A 243 3.92 11.43 13.41
CA VAL A 243 4.36 11.79 14.75
C VAL A 243 4.79 10.57 15.56
N GLU A 244 5.86 10.70 16.33
CA GLU A 244 6.24 9.68 17.33
C GLU A 244 6.12 10.27 18.73
N GLY A 245 5.47 9.55 19.64
CA GLY A 245 5.34 10.04 21.01
C GLY A 245 4.45 9.19 21.90
N THR A 246 3.98 9.77 22.99
CA THR A 246 3.22 9.03 24.00
C THR A 246 1.84 9.65 24.16
N ALA A 247 0.82 8.84 24.36
CA ALA A 247 -0.54 9.33 24.48
C ALA A 247 -1.24 8.82 25.73
N PHE A 248 -1.92 9.72 26.42
CA PHE A 248 -2.74 9.38 27.55
C PHE A 248 -4.18 9.53 27.13
N VAL A 249 -4.89 8.41 27.07
CA VAL A 249 -6.30 8.49 26.75
C VAL A 249 -7.12 8.12 27.98
N ILE A 250 -8.30 8.71 28.11
CA ILE A 250 -9.14 8.52 29.29
C ILE A 250 -10.61 8.74 28.93
N PHE A 251 -11.50 7.85 29.39
CA PHE A 251 -12.88 7.81 28.92
C PHE A 251 -13.81 8.39 29.95
N GLY A 252 -15.08 8.57 29.60
CA GLY A 252 -16.09 9.12 30.51
C GLY A 252 -17.51 8.97 29.99
N ILE A 253 -18.48 8.87 30.89
CA ILE A 253 -19.90 8.79 30.50
C ILE A 253 -20.53 10.14 30.63
N GLN A 254 -21.42 10.47 29.70
CA GLN A 254 -22.15 11.72 29.75
C GLN A 254 -23.65 11.48 29.76
N ASP A 255 -24.33 12.19 30.65
CA ASP A 255 -25.77 12.08 30.79
C ASP A 255 -26.30 13.48 31.01
N GLY A 256 -27.14 13.87 30.08
CA GLY A 256 -27.32 15.21 29.61
C GLY A 256 -26.03 15.98 29.60
N GLU A 257 -25.78 16.62 30.73
CA GLU A 257 -24.63 17.50 30.92
C GLU A 257 -23.76 17.03 32.08
N GLN A 258 -24.21 15.99 32.77
CA GLN A 258 -23.41 15.42 33.85
C GLN A 258 -22.29 14.60 33.21
N ARG A 259 -21.06 15.04 33.43
CA ARG A 259 -19.91 14.31 32.94
C ARG A 259 -19.27 13.58 34.09
N ILE A 260 -19.23 12.26 33.97
CA ILE A 260 -18.68 11.41 35.01
C ILE A 260 -17.47 10.69 34.44
N SER A 261 -16.28 11.13 34.85
CA SER A 261 -15.03 10.53 34.42
C SER A 261 -14.84 9.08 34.93
N LEU A 262 -14.11 8.27 34.17
CA LEU A 262 -13.81 6.90 34.57
C LEU A 262 -12.30 6.75 34.72
N PRO A 263 -11.77 7.00 35.93
CA PRO A 263 -10.32 7.05 36.15
C PRO A 263 -9.65 5.72 35.86
N GLU A 264 -10.35 4.62 36.13
CA GLU A 264 -9.81 3.28 35.91
C GLU A 264 -9.62 2.94 34.41
N SER A 265 -10.08 3.82 33.53
CA SER A 265 -9.97 3.63 32.08
C SER A 265 -8.67 4.17 31.48
N LEU A 266 -8.06 5.12 32.17
CA LEU A 266 -6.86 5.80 31.71
C LEU A 266 -5.75 4.85 31.28
N LYS A 267 -5.29 5.00 30.06
CA LYS A 267 -4.18 4.20 29.52
C LYS A 267 -3.03 5.12 29.12
N ARG A 268 -1.84 4.54 28.90
CA ARG A 268 -0.71 5.25 28.37
C ARG A 268 -0.11 4.42 27.26
N ILE A 269 -0.35 4.82 26.02
CA ILE A 269 0.07 4.04 24.85
C ILE A 269 1.15 4.73 24.05
N PRO A 270 1.95 3.95 23.31
CA PRO A 270 2.90 4.58 22.41
C PRO A 270 2.22 4.99 21.11
N ILE A 271 2.64 6.12 20.53
CA ILE A 271 2.20 6.52 19.21
C ILE A 271 3.35 6.25 18.30
N GLU A 272 3.20 5.23 17.46
CA GLU A 272 4.22 4.84 16.48
C GLU A 272 3.68 5.03 15.09
N ASP A 273 4.53 5.55 14.21
CA ASP A 273 4.13 5.80 12.82
C ASP A 273 2.85 6.66 12.80
N GLY A 274 2.78 7.61 13.73
CA GLY A 274 1.64 8.52 13.86
C GLY A 274 0.32 7.88 14.28
N SER A 275 0.37 6.72 14.92
CA SER A 275 -0.86 5.98 15.22
C SER A 275 -0.76 5.19 16.53
N GLY A 276 -1.91 4.87 17.10
CA GLY A 276 -2.01 4.09 18.33
C GLY A 276 -3.44 3.70 18.65
N GLU A 277 -3.63 2.51 19.22
CA GLU A 277 -4.97 2.04 19.57
C GLU A 277 -5.17 1.92 21.07
N VAL A 278 -6.43 1.89 21.48
CA VAL A 278 -6.79 1.82 22.89
C VAL A 278 -8.28 1.47 23.03
N VAL A 279 -8.59 0.65 24.02
CA VAL A 279 -9.93 0.11 24.25
C VAL A 279 -10.42 0.50 25.65
N LEU A 280 -11.66 0.94 25.72
CA LEU A 280 -12.36 1.05 27.00
C LEU A 280 -13.02 -0.29 27.25
N SER A 281 -12.54 -0.99 28.28
CA SER A 281 -13.06 -2.28 28.66
C SER A 281 -14.52 -2.16 29.11
N ARG A 282 -15.34 -3.13 28.74
CA ARG A 282 -16.74 -3.12 29.13
C ARG A 282 -16.88 -3.37 30.64
N LYS A 283 -15.89 -4.05 31.22
CA LYS A 283 -15.89 -4.31 32.66
C LYS A 283 -15.62 -3.02 33.40
N VAL A 284 -14.68 -2.23 32.88
CA VAL A 284 -14.27 -0.97 33.49
C VAL A 284 -15.42 0.04 33.46
N LEU A 285 -16.19 0.01 32.37
CA LEU A 285 -17.26 0.97 32.16
C LEU A 285 -18.41 0.65 33.09
N LEU A 286 -18.83 -0.62 33.11
CA LEU A 286 -19.92 -1.06 33.97
C LEU A 286 -19.57 -0.92 35.46
N ASP A 287 -18.29 -1.11 35.79
CA ASP A 287 -17.81 -0.97 37.16
C ASP A 287 -17.53 0.47 37.55
N GLY A 288 -17.64 1.39 36.60
CA GLY A 288 -17.39 2.81 36.86
C GLY A 288 -18.68 3.53 37.24
N VAL A 289 -19.79 2.81 37.09
CA VAL A 289 -21.12 3.33 37.39
C VAL A 289 -21.73 2.62 38.60
N GLN A 290 -22.68 3.31 39.23
CA GLN A 290 -23.34 2.82 40.44
C GLN A 290 -24.73 2.18 40.17
N ASN A 291 -25.30 2.47 39.00
CA ASN A 291 -26.55 1.86 38.54
C ASN A 291 -26.35 0.49 37.87
N LEU A 292 -25.14 0.29 37.34
CA LEU A 292 -24.59 -1.03 37.04
C LEU A 292 -25.41 -1.94 36.10
N ARG A 293 -26.72 -1.75 36.04
CA ARG A 293 -27.53 -2.47 35.07
C ARG A 293 -27.18 -1.99 33.66
N ALA A 294 -26.86 -2.94 32.77
CA ALA A 294 -26.31 -2.62 31.45
C ALA A 294 -27.26 -1.89 30.50
N GLU A 295 -28.56 -1.94 30.77
CA GLU A 295 -29.56 -1.31 29.91
C GLU A 295 -29.85 0.11 30.37
N ASP A 296 -29.44 0.44 31.59
CA ASP A 296 -29.60 1.78 32.14
C ASP A 296 -28.64 2.79 31.51
N LEU A 297 -27.71 2.26 30.71
CA LEU A 297 -26.71 3.08 30.01
C LEU A 297 -27.13 3.44 28.58
N VAL A 298 -28.25 2.89 28.13
CA VAL A 298 -28.76 3.16 26.78
C VAL A 298 -29.29 4.58 26.73
N GLY A 299 -28.75 5.38 25.82
CA GLY A 299 -29.16 6.77 25.70
C GLY A 299 -28.12 7.75 26.19
N LYS A 300 -27.28 7.32 27.11
CA LYS A 300 -26.15 8.11 27.55
C LYS A 300 -25.12 8.09 26.45
N SER A 301 -24.00 8.77 26.64
CA SER A 301 -22.94 8.79 25.62
C SER A 301 -21.57 8.63 26.25
N LEU A 302 -20.57 8.42 25.40
CA LEU A 302 -19.20 8.17 25.86
C LEU A 302 -18.33 9.20 25.21
N TYR A 303 -17.34 9.70 25.96
CA TYR A 303 -16.38 10.64 25.41
C TYR A 303 -14.96 10.21 25.73
N VAL A 304 -14.03 10.58 24.86
CA VAL A 304 -12.63 10.15 24.97
C VAL A 304 -11.74 11.37 24.90
N SER A 305 -10.65 11.35 25.64
CA SER A 305 -9.77 12.47 25.73
C SER A 305 -8.33 11.99 25.53
N ALA A 306 -7.61 12.59 24.62
CA ALA A 306 -6.27 12.12 24.35
C ALA A 306 -5.27 13.24 24.49
N THR A 307 -4.23 13.05 25.31
CA THR A 307 -3.13 13.99 25.33
C THR A 307 -1.93 13.30 24.71
N VAL A 308 -1.25 13.98 23.81
CA VAL A 308 -0.12 13.35 23.13
C VAL A 308 1.14 14.19 23.31
N ILE A 309 2.18 13.60 23.89
CA ILE A 309 3.43 14.32 24.09
C ILE A 309 4.45 13.71 23.15
N LEU A 310 5.21 14.57 22.45
CA LEU A 310 6.27 14.11 21.55
C LEU A 310 7.43 13.61 22.37
N HIS A 311 8.23 12.70 21.81
CA HIS A 311 9.41 12.19 22.51
C HIS A 311 10.43 13.29 22.83
N SER A 312 10.33 14.39 22.11
CA SER A 312 11.12 15.58 22.42
C SER A 312 10.64 16.26 23.69
N GLY A 313 9.36 16.09 24.01
CA GLY A 313 8.74 16.74 25.17
C GLY A 313 8.47 18.21 24.93
N SER A 314 8.95 18.70 23.79
CA SER A 314 8.96 20.12 23.45
C SER A 314 7.59 20.72 23.15
N ASP A 315 6.57 19.86 22.96
CA ASP A 315 5.21 20.30 22.62
C ASP A 315 4.22 19.17 22.87
N MET A 316 3.04 19.52 23.39
CA MET A 316 1.94 18.58 23.58
C MET A 316 0.60 19.19 23.14
N VAL A 317 -0.42 18.35 22.99
CA VAL A 317 -1.76 18.79 22.53
C VAL A 317 -2.87 17.85 22.99
N GLN A 318 -4.04 18.41 23.27
CA GLN A 318 -5.20 17.62 23.72
C GLN A 318 -6.32 17.62 22.68
N ALA A 319 -7.15 16.59 22.70
CA ALA A 319 -8.23 16.37 21.74
C ALA A 319 -9.30 15.52 22.35
N GLU A 320 -10.57 15.84 22.13
CA GLU A 320 -11.62 14.99 22.66
C GLU A 320 -12.75 14.71 21.68
N ARG A 321 -13.17 13.46 21.58
CA ARG A 321 -14.35 13.10 20.84
C ARG A 321 -15.49 12.94 21.82
N SER A 322 -16.64 13.51 21.49
CA SER A 322 -17.80 13.51 22.39
C SER A 322 -18.98 12.81 21.79
N GLY A 323 -19.99 12.57 22.61
CA GLY A 323 -21.27 12.08 22.16
C GLY A 323 -21.24 10.81 21.34
N ILE A 324 -20.45 9.83 21.77
CA ILE A 324 -20.52 8.49 21.22
C ILE A 324 -21.73 7.81 21.87
N PRO A 325 -22.84 7.64 21.14
CA PRO A 325 -24.06 7.18 21.77
C PRO A 325 -24.02 5.71 22.13
N ILE A 326 -24.54 5.37 23.31
CA ILE A 326 -24.69 3.99 23.75
C ILE A 326 -26.04 3.49 23.27
N VAL A 327 -26.03 2.46 22.43
CA VAL A 327 -27.22 2.04 21.70
C VAL A 327 -27.50 0.56 21.89
N THR A 328 -28.70 0.12 21.50
CA THR A 328 -28.96 -1.33 21.45
C THR A 328 -29.15 -1.79 20.01
N SER A 329 -28.73 -0.94 19.07
CA SER A 329 -29.03 -1.07 17.64
C SER A 329 -28.26 -0.02 16.86
N PRO A 330 -27.70 -0.40 15.72
CA PRO A 330 -26.89 0.54 14.97
C PRO A 330 -27.70 1.52 14.11
N TYR A 331 -29.01 1.59 14.34
CA TYR A 331 -29.89 2.35 13.47
C TYR A 331 -31.03 3.06 14.21
N GLN A 332 -31.47 4.19 13.65
CA GLN A 332 -32.71 4.82 14.07
C GLN A 332 -33.63 4.97 12.88
N ILE A 333 -34.93 4.96 13.15
CA ILE A 333 -35.95 5.13 12.12
C ILE A 333 -36.74 6.37 12.42
N HIS A 334 -36.97 7.18 11.38
CA HIS A 334 -37.71 8.43 11.53
C HIS A 334 -38.87 8.59 10.55
N PHE A 335 -39.97 9.14 11.03
CA PHE A 335 -41.12 9.45 10.19
C PHE A 335 -41.31 10.96 10.02
N THR A 336 -40.22 11.73 10.10
CA THR A 336 -40.30 13.18 9.90
C THR A 336 -40.54 13.56 8.43
N LYS A 337 -40.24 12.65 7.52
CA LYS A 337 -40.43 12.91 6.10
C LYS A 337 -41.69 12.25 5.53
N THR A 338 -42.48 11.61 6.41
CA THR A 338 -43.69 10.95 5.98
C THR A 338 -44.93 11.76 6.34
N PRO A 339 -45.79 12.04 5.36
CA PRO A 339 -47.04 12.70 5.69
C PRO A 339 -47.80 11.90 6.74
N LYS A 340 -48.50 12.61 7.62
CA LYS A 340 -49.25 11.99 8.70
C LYS A 340 -50.77 11.89 8.41
N TYR A 341 -51.14 11.88 7.14
CA TYR A 341 -52.52 11.72 6.72
C TYR A 341 -52.63 10.83 5.50
N PHE A 342 -53.58 9.91 5.52
CA PHE A 342 -53.80 9.01 4.40
C PHE A 342 -55.17 9.26 3.77
N LYS A 343 -55.38 8.66 2.61
CA LYS A 343 -56.65 8.79 1.91
C LYS A 343 -57.32 7.42 1.87
N PRO A 344 -58.35 7.21 2.73
CA PRO A 344 -58.94 5.86 2.89
C PRO A 344 -59.31 5.22 1.55
N GLY A 345 -58.88 3.97 1.34
CA GLY A 345 -59.12 3.28 0.07
C GLY A 345 -58.00 3.42 -0.96
N MET A 346 -57.13 4.41 -0.74
CA MET A 346 -55.96 4.65 -1.60
C MET A 346 -54.67 4.20 -0.93
N PRO A 347 -53.58 4.07 -1.71
CA PRO A 347 -52.28 3.75 -1.15
C PRO A 347 -51.77 4.84 -0.21
N PHE A 348 -50.89 4.46 0.70
CA PHE A 348 -50.25 5.41 1.57
C PHE A 348 -48.75 5.23 1.42
N ASP A 349 -48.08 6.26 0.93
CA ASP A 349 -46.63 6.22 0.76
C ASP A 349 -45.97 6.60 2.07
N LEU A 350 -44.79 6.02 2.32
CA LEU A 350 -44.01 6.26 3.51
C LEU A 350 -42.58 6.62 3.13
N MET A 351 -42.09 7.73 3.65
CA MET A 351 -40.70 8.10 3.44
C MET A 351 -39.96 7.87 4.75
N VAL A 352 -39.47 6.67 4.92
CA VAL A 352 -38.75 6.32 6.11
C VAL A 352 -37.32 6.82 6.04
N PHE A 353 -36.95 7.63 7.04
CA PHE A 353 -35.59 8.12 7.18
C PHE A 353 -34.89 7.23 8.18
N VAL A 354 -33.79 6.59 7.75
CA VAL A 354 -32.96 5.78 8.64
C VAL A 354 -31.61 6.47 8.89
N THR A 355 -31.28 6.69 10.16
CA THR A 355 -30.00 7.32 10.50
C THR A 355 -29.13 6.34 11.28
N ASN A 356 -27.82 6.57 11.23
CA ASN A 356 -26.90 6.05 12.22
C ASN A 356 -27.05 6.88 13.49
N PRO A 357 -26.69 6.31 14.66
CA PRO A 357 -26.93 6.96 15.97
C PRO A 357 -26.40 8.40 16.09
N ASP A 358 -25.39 8.78 15.30
CA ASP A 358 -24.92 10.16 15.29
C ASP A 358 -25.78 11.11 14.43
N GLY A 359 -26.74 10.58 13.69
CA GLY A 359 -27.67 11.40 12.90
C GLY A 359 -27.42 11.43 11.40
N SER A 360 -26.34 10.79 10.96
CA SER A 360 -26.03 10.70 9.53
C SER A 360 -26.86 9.64 8.82
N PRO A 361 -27.22 9.89 7.55
CA PRO A 361 -28.00 8.92 6.80
C PRO A 361 -27.29 7.58 6.63
N ALA A 362 -28.05 6.50 6.67
CA ALA A 362 -27.51 5.17 6.46
C ALA A 362 -27.86 4.69 5.06
N TYR A 363 -26.86 4.69 4.19
CA TYR A 363 -27.02 4.26 2.80
C TYR A 363 -27.32 2.74 2.71
N ARG A 364 -28.17 2.38 1.74
CA ARG A 364 -28.44 0.98 1.34
C ARG A 364 -28.85 0.01 2.48
N VAL A 365 -29.82 0.43 3.29
CA VAL A 365 -30.28 -0.34 4.43
C VAL A 365 -31.75 -0.73 4.25
N PRO A 366 -32.06 -2.04 4.32
CA PRO A 366 -33.44 -2.51 4.09
C PRO A 366 -34.42 -2.15 5.20
N VAL A 367 -35.65 -1.84 4.82
CA VAL A 367 -36.73 -1.60 5.76
C VAL A 367 -38.00 -2.23 5.21
N ALA A 368 -38.89 -2.59 6.12
CA ALA A 368 -40.16 -3.23 5.78
C ALA A 368 -41.20 -2.96 6.86
N VAL A 369 -42.47 -3.08 6.50
CA VAL A 369 -43.54 -2.92 7.49
C VAL A 369 -43.69 -4.20 8.32
N GLN A 370 -43.98 -4.04 9.61
CA GLN A 370 -44.21 -5.16 10.52
C GLN A 370 -45.47 -5.87 10.07
N GLY A 371 -45.30 -7.15 9.70
CA GLY A 371 -46.39 -7.92 9.12
C GLY A 371 -46.16 -8.20 7.65
N GLU A 372 -45.10 -7.60 7.09
CA GLU A 372 -44.81 -7.73 5.66
C GLU A 372 -43.36 -8.04 5.29
N ASP A 373 -43.04 -9.29 5.55
CA ASP A 373 -42.61 -10.28 4.56
C ASP A 373 -42.62 -9.79 3.10
N THR A 374 -41.56 -10.15 2.37
CA THR A 374 -41.34 -9.74 0.96
C THR A 374 -41.21 -8.21 0.80
N VAL A 375 -42.28 -7.50 1.19
CA VAL A 375 -42.43 -6.06 1.00
C VAL A 375 -41.30 -5.26 1.67
N GLN A 376 -40.23 -5.04 0.92
CA GLN A 376 -39.10 -4.24 1.39
C GLN A 376 -38.47 -3.41 0.29
N SER A 377 -37.83 -2.31 0.66
CA SER A 377 -37.04 -1.53 -0.28
C SER A 377 -35.79 -0.97 0.40
N LEU A 378 -34.71 -0.85 -0.37
CA LEU A 378 -33.45 -0.37 0.18
C LEU A 378 -33.46 1.15 0.25
N THR A 379 -32.78 1.67 1.27
CA THR A 379 -32.71 3.10 1.49
C THR A 379 -31.72 3.75 0.50
N GLN A 380 -31.98 4.99 0.13
CA GLN A 380 -31.14 5.74 -0.82
C GLN A 380 -29.94 6.38 -0.13
N GLY A 381 -29.09 7.05 -0.90
CA GLY A 381 -27.92 7.73 -0.34
C GLY A 381 -28.29 8.77 0.71
N ASP A 382 -29.48 9.35 0.58
CA ASP A 382 -29.94 10.34 1.55
C ASP A 382 -30.62 9.67 2.74
N GLY A 383 -30.59 8.33 2.75
CA GLY A 383 -31.06 7.56 3.88
C GLY A 383 -32.57 7.47 3.97
N VAL A 384 -33.24 7.77 2.86
CA VAL A 384 -34.70 7.61 2.79
C VAL A 384 -35.15 6.52 1.82
N ALA A 385 -35.93 5.57 2.33
CA ALA A 385 -36.57 4.56 1.49
C ALA A 385 -38.06 4.86 1.37
N LYS A 386 -38.64 4.51 0.22
CA LYS A 386 -40.07 4.62 0.02
C LYS A 386 -40.72 3.26 0.17
N LEU A 387 -41.80 3.22 0.94
CA LEU A 387 -42.67 2.05 1.03
C LEU A 387 -44.11 2.53 0.89
N SER A 388 -45.00 1.64 0.45
CA SER A 388 -46.42 1.98 0.36
C SER A 388 -47.35 0.85 0.74
N ILE A 389 -48.31 1.15 1.60
CA ILE A 389 -49.35 0.20 1.97
C ILE A 389 -50.70 0.60 1.35
N ASN A 390 -51.52 -0.40 1.03
CA ASN A 390 -52.93 -0.15 0.69
C ASN A 390 -53.73 0.00 1.96
N THR A 391 -54.56 1.05 2.02
CA THR A 391 -55.38 1.33 3.20
C THR A 391 -56.84 1.01 2.90
N HIS A 392 -57.52 0.47 3.91
CA HIS A 392 -58.92 0.05 3.77
C HIS A 392 -59.88 1.24 3.91
N PRO A 393 -60.95 1.27 3.08
CA PRO A 393 -61.82 2.43 2.90
C PRO A 393 -62.57 2.95 4.13
N SER A 394 -62.23 2.47 5.33
CA SER A 394 -62.85 2.98 6.56
C SER A 394 -62.06 4.16 7.11
N GLN A 395 -62.68 4.88 8.05
CA GLN A 395 -62.06 6.04 8.72
C GLN A 395 -61.18 5.65 9.90
N LYS A 396 -60.74 4.38 9.89
CA LYS A 396 -59.96 3.78 10.98
C LYS A 396 -58.49 4.20 10.88
N PRO A 397 -58.00 4.98 11.87
CA PRO A 397 -56.63 5.53 11.90
C PRO A 397 -55.57 4.46 11.67
N LEU A 398 -54.63 4.76 10.79
CA LEU A 398 -53.58 3.82 10.44
C LEU A 398 -52.44 3.87 11.43
N SER A 399 -52.06 2.70 11.94
CA SER A 399 -50.97 2.56 12.89
C SER A 399 -49.88 1.68 12.30
N ILE A 400 -48.84 2.33 11.77
CA ILE A 400 -47.77 1.65 11.03
C ILE A 400 -46.53 1.46 11.88
N THR A 401 -45.96 0.27 11.85
CA THR A 401 -44.68 0.00 12.50
C THR A 401 -43.69 -0.49 11.46
N VAL A 402 -42.54 0.16 11.39
CA VAL A 402 -41.52 -0.17 10.40
C VAL A 402 -40.25 -0.63 11.09
N ARG A 403 -39.71 -1.73 10.60
CA ARG A 403 -38.42 -2.24 11.04
C ARG A 403 -37.44 -2.25 9.90
N THR A 404 -36.19 -2.08 10.32
CA THR A 404 -35.00 -2.55 9.67
C THR A 404 -35.05 -4.07 9.58
N LYS A 405 -34.54 -4.61 8.49
CA LYS A 405 -34.44 -6.05 8.25
C LYS A 405 -33.07 -6.33 7.69
N LYS A 406 -32.05 -5.85 8.39
CA LYS A 406 -30.67 -5.89 7.91
C LYS A 406 -30.03 -7.21 8.31
N GLN A 407 -29.73 -8.04 7.31
CA GLN A 407 -28.96 -9.27 7.50
C GLN A 407 -27.56 -8.92 7.97
N GLU A 408 -26.99 -9.79 8.79
CA GLU A 408 -25.73 -9.56 9.52
C GLU A 408 -26.02 -9.24 10.98
N LEU A 409 -27.15 -8.57 11.22
CA LEU A 409 -27.57 -8.22 12.57
C LEU A 409 -28.55 -9.24 13.09
N SER A 410 -28.60 -9.39 14.41
CA SER A 410 -29.64 -10.17 15.06
C SER A 410 -30.99 -9.44 14.93
N GLU A 411 -31.97 -9.82 15.74
CA GLU A 411 -33.28 -9.18 15.66
C GLU A 411 -33.48 -8.17 16.76
N ALA A 412 -32.78 -8.37 17.88
CA ALA A 412 -32.80 -7.39 18.97
C ALA A 412 -31.99 -6.16 18.56
N GLU A 413 -31.12 -6.33 17.56
CA GLU A 413 -30.28 -5.27 17.03
C GLU A 413 -30.98 -4.47 15.91
N GLN A 414 -32.13 -4.95 15.44
CA GLN A 414 -32.89 -4.27 14.41
C GLN A 414 -33.60 -3.06 14.97
N ALA A 415 -33.73 -1.99 14.18
CA ALA A 415 -34.45 -0.79 14.64
C ALA A 415 -35.94 -0.91 14.37
N THR A 416 -36.73 -0.18 15.16
CA THR A 416 -38.18 -0.14 14.97
C THR A 416 -38.77 1.22 15.35
N ARG A 417 -39.75 1.68 14.58
CA ARG A 417 -40.51 2.86 14.96
C ARG A 417 -41.94 2.70 14.50
N THR A 418 -42.85 3.28 15.28
CA THR A 418 -44.26 3.20 14.98
C THR A 418 -44.76 4.61 14.74
N MET A 419 -45.71 4.78 13.81
CA MET A 419 -46.38 6.06 13.59
C MET A 419 -47.85 5.85 13.30
N GLN A 420 -48.62 6.90 13.55
CA GLN A 420 -50.06 6.87 13.36
C GLN A 420 -50.44 7.92 12.31
N ALA A 421 -51.48 7.63 11.54
CA ALA A 421 -51.97 8.60 10.54
C ALA A 421 -53.48 8.78 10.65
N LEU A 422 -53.93 9.99 10.34
CA LEU A 422 -55.36 10.29 10.35
C LEU A 422 -55.89 10.45 8.92
N PRO A 423 -57.19 10.15 8.71
CA PRO A 423 -57.73 10.18 7.37
C PRO A 423 -58.08 11.60 6.94
N TYR A 424 -57.78 11.93 5.69
CA TYR A 424 -58.16 13.22 5.10
C TYR A 424 -59.68 13.25 5.01
N SER A 425 -60.30 14.24 5.66
CA SER A 425 -61.76 14.29 5.67
C SER A 425 -62.28 14.99 4.43
N THR A 426 -63.24 14.37 3.74
CA THR A 426 -63.75 14.90 2.48
C THR A 426 -64.97 15.78 2.72
N VAL A 427 -65.41 16.52 1.71
CA VAL A 427 -66.57 17.41 1.84
C VAL A 427 -67.91 16.68 1.86
N GLY A 428 -68.58 16.70 3.00
CA GLY A 428 -69.86 16.01 3.18
C GLY A 428 -69.79 14.51 3.03
N ASN A 429 -68.68 13.91 3.46
CA ASN A 429 -68.45 12.46 3.32
C ASN A 429 -68.47 11.91 1.88
N SER A 430 -68.08 12.75 0.92
CA SER A 430 -68.20 12.45 -0.50
C SER A 430 -67.22 11.38 -0.99
N ASN A 431 -66.19 11.10 -0.21
CA ASN A 431 -65.15 10.15 -0.63
C ASN A 431 -64.48 10.56 -1.95
N ASN A 432 -64.20 11.85 -2.11
CA ASN A 432 -63.43 12.34 -3.23
C ASN A 432 -61.99 12.75 -2.84
N TYR A 433 -61.02 12.21 -3.57
CA TYR A 433 -59.64 12.28 -3.18
C TYR A 433 -58.72 12.68 -4.33
N LEU A 434 -57.46 12.96 -4.00
CA LEU A 434 -56.41 13.28 -4.95
C LEU A 434 -55.10 12.83 -4.36
N HIS A 435 -54.33 12.04 -5.10
CA HIS A 435 -53.04 11.58 -4.57
C HIS A 435 -51.87 11.87 -5.48
N LEU A 436 -50.90 12.64 -4.98
CA LEU A 436 -49.72 12.92 -5.74
C LEU A 436 -48.61 11.99 -5.29
N SER A 437 -47.84 11.49 -6.24
CA SER A 437 -46.66 10.71 -5.90
C SER A 437 -45.46 11.12 -6.72
N VAL A 438 -44.30 10.68 -6.28
CA VAL A 438 -43.04 11.01 -6.91
C VAL A 438 -42.09 9.82 -6.74
N LEU A 439 -41.17 9.65 -7.67
CA LEU A 439 -40.22 8.54 -7.57
C LEU A 439 -39.10 8.77 -6.57
N ARG A 440 -38.66 7.67 -5.97
CA ARG A 440 -37.65 7.70 -4.91
C ARG A 440 -36.22 7.71 -5.46
N THR A 441 -35.69 8.92 -5.66
CA THR A 441 -34.32 9.09 -6.14
C THR A 441 -33.78 10.45 -5.76
N GLU A 442 -32.49 10.51 -5.45
CA GLU A 442 -31.85 11.78 -5.12
C GLU A 442 -31.88 12.73 -6.31
N LEU A 443 -32.61 13.82 -6.15
CA LEU A 443 -32.94 14.70 -7.25
C LEU A 443 -31.93 15.85 -7.33
N ARG A 444 -31.41 16.11 -8.52
CA ARG A 444 -30.46 17.21 -8.72
C ARG A 444 -31.05 18.19 -9.72
N PRO A 445 -30.66 19.48 -9.66
CA PRO A 445 -31.16 20.33 -10.74
C PRO A 445 -30.62 19.85 -12.10
N GLY A 446 -31.34 20.16 -13.18
CA GLY A 446 -31.00 19.62 -14.50
C GLY A 446 -31.91 18.45 -14.88
N GLU A 447 -32.43 17.76 -13.87
CA GLU A 447 -33.28 16.59 -14.10
C GLU A 447 -34.76 16.91 -14.37
N THR A 448 -35.45 15.91 -14.90
CA THR A 448 -36.89 16.00 -15.13
C THR A 448 -37.55 15.07 -14.12
N LEU A 449 -38.61 15.56 -13.49
CA LEU A 449 -39.27 14.79 -12.46
C LEU A 449 -40.74 14.55 -12.80
N ASN A 450 -41.15 13.28 -12.80
CA ASN A 450 -42.54 13.00 -13.10
C ASN A 450 -43.42 12.96 -11.87
N VAL A 451 -44.35 13.90 -11.81
CA VAL A 451 -45.31 14.00 -10.71
C VAL A 451 -46.61 13.33 -11.12
N ASN A 452 -46.98 12.28 -10.38
CA ASN A 452 -48.19 11.54 -10.64
C ASN A 452 -49.41 12.11 -9.96
N PHE A 453 -50.40 12.54 -10.75
CA PHE A 453 -51.71 12.92 -10.21
C PHE A 453 -52.69 11.74 -10.29
N LEU A 454 -52.99 11.11 -9.17
CA LEU A 454 -53.99 10.02 -9.13
C LEU A 454 -55.34 10.49 -8.59
N LEU A 455 -56.39 10.27 -9.38
CA LEU A 455 -57.75 10.66 -9.01
C LEU A 455 -58.47 9.54 -8.25
N ARG A 456 -59.46 9.92 -7.46
CA ARG A 456 -60.35 8.96 -6.83
C ARG A 456 -61.69 9.61 -6.51
N MET A 457 -62.64 9.44 -7.42
CA MET A 457 -64.02 9.90 -7.20
C MET A 457 -65.02 9.09 -8.03
N ASP A 458 -66.28 9.12 -7.60
CA ASP A 458 -67.33 8.35 -8.28
C ASP A 458 -67.40 8.70 -9.76
N ARG A 459 -67.74 7.68 -10.57
CA ARG A 459 -67.76 7.80 -12.02
C ARG A 459 -68.81 8.80 -12.48
N ALA A 460 -69.77 9.09 -11.59
CA ALA A 460 -70.89 9.99 -11.87
C ALA A 460 -70.54 11.47 -12.03
N HIS A 461 -69.32 11.84 -11.62
CA HIS A 461 -68.90 13.26 -11.63
C HIS A 461 -67.49 13.48 -12.17
N GLU A 462 -66.73 12.38 -12.32
CA GLU A 462 -65.35 12.43 -12.78
C GLU A 462 -65.13 13.09 -14.15
N ALA A 463 -66.13 12.98 -15.02
CA ALA A 463 -66.06 13.55 -16.36
C ALA A 463 -65.93 15.07 -16.37
N LYS A 464 -66.26 15.70 -15.24
CA LYS A 464 -66.18 17.16 -15.10
C LYS A 464 -64.75 17.64 -14.78
N ILE A 465 -63.91 16.75 -14.26
CA ILE A 465 -62.53 17.10 -13.86
C ILE A 465 -61.61 17.25 -15.07
N ARG A 466 -61.56 18.47 -15.62
CA ARG A 466 -60.81 18.75 -16.85
C ARG A 466 -59.33 19.09 -16.63
N TYR A 467 -58.99 19.51 -15.41
CA TYR A 467 -57.64 19.97 -15.08
C TYR A 467 -57.40 19.94 -13.58
N TYR A 468 -56.12 19.79 -13.20
CA TYR A 468 -55.68 19.98 -11.83
C TYR A 468 -54.85 21.25 -11.76
N THR A 469 -55.06 22.04 -10.71
CA THR A 469 -54.24 23.23 -10.50
C THR A 469 -53.16 22.85 -9.51
N TYR A 470 -51.93 23.27 -9.79
CA TYR A 470 -50.81 22.92 -8.92
C TYR A 470 -49.88 24.09 -8.69
N LEU A 471 -49.25 24.10 -7.52
CA LEU A 471 -48.37 25.21 -7.12
C LEU A 471 -47.09 24.66 -6.55
N ILE A 472 -46.00 25.39 -6.75
CA ILE A 472 -44.71 24.98 -6.22
C ILE A 472 -44.17 26.04 -5.26
N MET A 473 -44.12 25.67 -3.98
CA MET A 473 -43.52 26.50 -2.95
C MET A 473 -42.06 26.12 -2.79
N ASN A 474 -41.18 27.12 -2.81
CA ASN A 474 -39.75 26.94 -2.49
C ASN A 474 -39.26 28.16 -1.75
N LYS A 475 -38.48 27.91 -0.70
CA LYS A 475 -37.98 28.97 0.19
C LYS A 475 -39.10 29.92 0.69
N GLY A 476 -40.25 29.35 1.02
CA GLY A 476 -41.40 30.10 1.53
C GLY A 476 -42.13 31.02 0.55
N ARG A 477 -41.61 31.20 -0.67
CA ARG A 477 -42.37 31.91 -1.70
C ARG A 477 -42.99 30.94 -2.73
N LEU A 478 -43.99 31.40 -3.50
CA LEU A 478 -44.46 30.66 -4.68
C LEU A 478 -43.44 30.77 -5.81
N LEU A 479 -43.03 29.63 -6.34
CA LEU A 479 -42.01 29.61 -7.38
C LEU A 479 -42.64 29.50 -8.74
N LYS A 480 -43.59 28.58 -8.84
CA LYS A 480 -44.23 28.22 -10.11
C LYS A 480 -45.64 27.71 -9.85
N ALA A 481 -46.59 28.12 -10.67
CA ALA A 481 -47.90 27.51 -10.69
C ALA A 481 -48.40 27.34 -12.14
N GLY A 482 -49.04 26.22 -12.41
CA GLY A 482 -49.59 25.97 -13.72
C GLY A 482 -50.80 25.08 -13.68
N ARG A 483 -51.21 24.59 -14.85
CA ARG A 483 -52.29 23.63 -14.90
C ARG A 483 -51.80 22.33 -15.48
N GLN A 484 -52.37 21.23 -14.99
CA GLN A 484 -52.14 19.91 -15.53
C GLN A 484 -53.46 19.40 -16.09
N VAL A 485 -53.53 19.29 -17.41
CA VAL A 485 -54.77 18.88 -18.10
C VAL A 485 -55.11 17.40 -17.89
N ARG A 486 -56.40 17.10 -17.95
CA ARG A 486 -56.90 15.76 -17.77
C ARG A 486 -58.17 15.56 -18.60
N GLU A 487 -58.26 14.43 -19.27
CA GLU A 487 -59.45 14.11 -20.04
C GLU A 487 -60.23 12.98 -19.36
N PRO A 488 -61.57 13.07 -19.39
CA PRO A 488 -62.46 12.13 -18.67
C PRO A 488 -62.06 10.68 -18.83
N GLY A 489 -62.10 9.92 -17.74
CA GLY A 489 -61.76 8.51 -17.75
C GLY A 489 -60.38 8.23 -17.19
N GLN A 490 -59.46 9.17 -17.38
CA GLN A 490 -58.10 9.06 -16.86
C GLN A 490 -58.07 9.12 -15.34
N ASP A 491 -57.43 8.13 -14.73
CA ASP A 491 -57.25 8.12 -13.28
C ASP A 491 -55.92 8.77 -12.93
N LEU A 492 -54.88 8.40 -13.67
CA LEU A 492 -53.54 8.90 -13.39
C LEU A 492 -52.99 9.71 -14.57
N VAL A 493 -52.29 10.79 -14.26
CA VAL A 493 -51.66 11.64 -15.25
C VAL A 493 -50.36 12.18 -14.68
N VAL A 494 -49.35 12.34 -15.52
CA VAL A 494 -48.03 12.79 -15.07
C VAL A 494 -47.63 14.17 -15.54
N LEU A 495 -47.32 15.04 -14.58
CA LEU A 495 -46.70 16.31 -14.90
C LEU A 495 -45.19 16.06 -14.98
N PRO A 496 -44.59 16.38 -16.15
CA PRO A 496 -43.16 16.30 -16.31
C PRO A 496 -42.54 17.64 -15.90
N LEU A 497 -42.06 17.69 -14.66
CA LEU A 497 -41.55 18.93 -14.09
C LEU A 497 -40.04 19.01 -14.19
N SER A 498 -39.55 20.12 -14.74
CA SER A 498 -38.09 20.29 -14.86
C SER A 498 -37.51 21.08 -13.68
N ILE A 499 -36.66 20.39 -12.94
CA ILE A 499 -35.96 20.91 -11.77
C ILE A 499 -34.77 21.77 -12.18
N THR A 500 -34.90 23.08 -11.95
CA THR A 500 -33.81 24.04 -12.11
C THR A 500 -33.12 24.23 -10.74
N THR A 501 -32.06 25.04 -10.68
CA THR A 501 -31.42 25.41 -9.41
C THR A 501 -32.33 26.17 -8.45
N ASP A 502 -33.41 26.77 -8.97
CA ASP A 502 -34.40 27.46 -8.13
C ASP A 502 -35.11 26.57 -7.09
N PHE A 503 -34.97 25.26 -7.24
CA PHE A 503 -35.68 24.29 -6.41
C PHE A 503 -34.89 23.89 -5.16
N ILE A 504 -33.60 24.22 -5.14
CA ILE A 504 -32.75 23.99 -3.95
C ILE A 504 -33.28 24.80 -2.76
N PRO A 505 -33.16 24.29 -1.54
CA PRO A 505 -32.73 22.98 -1.08
C PRO A 505 -33.86 21.92 -1.10
N SER A 506 -35.08 22.34 -1.41
CA SER A 506 -36.24 21.47 -1.50
C SER A 506 -37.46 22.31 -1.82
N PHE A 507 -38.61 21.66 -2.03
CA PHE A 507 -39.80 22.35 -2.49
C PHE A 507 -41.09 21.58 -2.21
N ARG A 508 -42.21 22.30 -2.31
CA ARG A 508 -43.52 21.68 -2.14
C ARG A 508 -44.38 21.80 -3.39
N LEU A 509 -45.05 20.71 -3.71
CA LEU A 509 -46.03 20.71 -4.78
C LEU A 509 -47.41 20.59 -4.12
N VAL A 510 -48.20 21.65 -4.16
CA VAL A 510 -49.58 21.53 -3.67
C VAL A 510 -50.44 21.49 -4.90
N ALA A 511 -51.46 20.66 -4.88
CA ALA A 511 -52.36 20.56 -6.06
C ALA A 511 -53.83 20.31 -5.70
N TYR A 512 -54.72 20.87 -6.51
CA TYR A 512 -56.14 20.80 -6.18
C TYR A 512 -57.09 20.81 -7.38
N TYR A 513 -58.25 20.19 -7.21
CA TYR A 513 -59.30 20.29 -8.20
C TYR A 513 -60.62 20.65 -7.57
N THR A 514 -61.53 21.23 -8.34
CA THR A 514 -62.79 21.69 -7.77
C THR A 514 -63.97 21.37 -8.67
N LEU A 515 -65.14 21.17 -8.06
CA LEU A 515 -66.33 20.85 -8.84
C LEU A 515 -67.62 21.23 -8.10
N ILE A 516 -68.74 21.02 -8.79
CA ILE A 516 -70.06 21.05 -8.16
C ILE A 516 -70.57 19.61 -8.13
N GLY A 517 -70.46 18.97 -6.98
CA GLY A 517 -70.90 17.57 -6.82
C GLY A 517 -72.09 17.42 -5.89
N ALA A 518 -72.63 16.20 -5.83
CA ALA A 518 -73.77 15.87 -4.97
C ALA A 518 -74.95 16.82 -5.16
N SER A 519 -74.99 17.88 -4.36
CA SER A 519 -76.07 18.86 -4.45
C SER A 519 -75.58 20.14 -5.13
N GLY A 520 -75.94 21.30 -4.59
CA GLY A 520 -75.34 22.57 -4.99
C GLY A 520 -74.00 22.72 -4.30
N GLN A 521 -73.50 21.59 -3.81
CA GLN A 521 -72.26 21.49 -3.06
C GLN A 521 -71.04 21.87 -3.87
N ARG A 522 -70.36 22.94 -3.44
CA ARG A 522 -69.07 23.30 -4.00
C ARG A 522 -67.98 22.52 -3.29
N GLU A 523 -67.14 21.84 -4.06
CA GLU A 523 -66.16 20.93 -3.50
C GLU A 523 -64.76 21.26 -3.96
N VAL A 524 -63.84 21.33 -3.00
CA VAL A 524 -62.41 21.43 -3.27
C VAL A 524 -61.69 20.18 -2.73
N VAL A 525 -60.77 19.66 -3.53
CA VAL A 525 -60.01 18.48 -3.13
C VAL A 525 -58.57 18.85 -3.39
N ALA A 526 -57.71 18.68 -2.39
CA ALA A 526 -56.30 19.00 -2.59
C ALA A 526 -55.37 17.94 -2.02
N ASP A 527 -54.13 17.92 -2.49
CA ASP A 527 -53.07 17.12 -1.89
C ASP A 527 -51.75 17.84 -2.17
N SER A 528 -50.72 17.54 -1.35
CA SER A 528 -49.43 18.16 -1.49
C SER A 528 -48.33 17.17 -1.22
N VAL A 529 -47.16 17.40 -1.79
CA VAL A 529 -46.05 16.53 -1.53
C VAL A 529 -44.76 17.34 -1.28
N TRP A 530 -43.94 16.88 -0.33
CA TRP A 530 -42.69 17.56 0.00
C TRP A 530 -41.60 16.81 -0.72
N VAL A 531 -40.81 17.53 -1.51
CA VAL A 531 -39.78 16.90 -2.32
C VAL A 531 -38.42 17.51 -2.03
N ASP A 532 -37.41 16.67 -1.94
CA ASP A 532 -36.10 17.10 -1.49
C ASP A 532 -35.00 17.09 -2.58
N VAL A 533 -34.75 18.25 -3.18
CA VAL A 533 -33.59 18.46 -4.04
C VAL A 533 -32.27 18.25 -3.28
N LYS A 534 -31.25 17.76 -3.98
CA LYS A 534 -29.90 17.60 -3.43
C LYS A 534 -29.30 18.96 -3.20
N ASP A 535 -28.71 19.18 -2.02
CA ASP A 535 -28.11 20.47 -1.68
C ASP A 535 -26.75 20.72 -2.33
N SER A 536 -26.58 21.96 -2.77
CA SER A 536 -25.32 22.45 -3.29
C SER A 536 -25.47 23.95 -3.46
N CYS A 537 -24.39 24.64 -3.80
CA CYS A 537 -24.51 26.03 -4.21
C CYS A 537 -25.45 26.15 -5.41
N VAL A 538 -25.99 27.35 -5.62
CA VAL A 538 -26.80 27.61 -6.80
C VAL A 538 -25.83 27.70 -7.95
N GLY A 539 -24.85 28.59 -7.84
CA GLY A 539 -23.76 28.66 -8.81
C GLY A 539 -22.66 27.72 -8.36
N SER A 540 -21.41 28.15 -8.49
CA SER A 540 -20.29 27.33 -8.05
C SER A 540 -19.08 28.20 -7.72
N LEU A 541 -18.15 27.61 -6.97
CA LEU A 541 -16.93 28.30 -6.56
C LEU A 541 -15.86 27.28 -6.17
N VAL A 542 -14.68 27.49 -6.74
CA VAL A 542 -13.59 26.57 -6.51
C VAL A 542 -12.28 27.35 -6.49
N VAL A 543 -11.50 27.13 -5.44
CA VAL A 543 -10.14 27.64 -5.44
C VAL A 543 -9.26 26.45 -5.64
N LYS A 544 -8.36 26.53 -6.61
CA LYS A 544 -7.36 25.49 -6.76
C LYS A 544 -6.01 26.04 -7.15
N SER A 545 -4.95 25.27 -6.92
CA SER A 545 -3.60 25.65 -7.29
C SER A 545 -3.54 25.92 -8.78
N GLY A 546 -3.77 27.19 -9.12
CA GLY A 546 -3.88 27.68 -10.50
C GLY A 546 -2.67 27.34 -11.34
N GLN A 547 -1.50 27.59 -10.76
CA GLN A 547 -0.26 27.04 -11.29
C GLN A 547 -0.47 25.54 -11.47
N SER A 548 -0.63 25.16 -12.73
CA SER A 548 -1.15 23.83 -13.10
C SER A 548 -0.56 22.67 -12.28
N GLU A 549 -1.32 22.28 -11.25
CA GLU A 549 -1.15 21.00 -10.56
C GLU A 549 -0.13 20.93 -9.39
N ASP A 550 0.94 20.17 -9.60
CA ASP A 550 1.66 19.54 -8.50
C ASP A 550 2.97 20.20 -8.06
N ARG A 551 3.46 19.74 -6.89
CA ARG A 551 4.65 20.22 -6.12
C ARG A 551 4.26 20.78 -4.74
N GLN A 552 5.24 20.86 -3.84
CA GLN A 552 5.00 21.41 -2.50
C GLN A 552 5.82 22.67 -2.26
N PRO A 553 5.13 23.82 -2.10
CA PRO A 553 5.85 25.11 -2.16
C PRO A 553 6.71 25.38 -0.94
N VAL A 554 7.71 26.21 -1.13
CA VAL A 554 8.66 26.59 -0.07
C VAL A 554 8.21 27.88 0.68
N PRO A 555 8.58 28.05 1.97
CA PRO A 555 8.22 29.28 2.68
C PRO A 555 8.52 30.54 1.88
N GLY A 556 7.57 31.46 1.83
CA GLY A 556 7.75 32.75 1.15
C GLY A 556 7.79 32.73 -0.37
N GLN A 557 7.56 31.56 -0.96
CA GLN A 557 7.58 31.39 -2.41
C GLN A 557 6.28 31.94 -2.97
N GLN A 558 6.37 32.45 -4.20
CA GLN A 558 5.21 32.88 -4.97
C GLN A 558 4.45 31.71 -5.61
N MET A 559 3.14 31.86 -5.72
CA MET A 559 2.29 30.86 -6.34
C MET A 559 0.97 31.46 -6.82
N THR A 560 0.29 30.78 -7.72
CA THR A 560 -0.93 31.33 -8.30
C THR A 560 -2.14 30.53 -7.86
N LEU A 561 -3.11 31.23 -7.26
CA LEU A 561 -4.40 30.66 -6.97
C LEU A 561 -5.29 30.86 -8.18
N LYS A 562 -6.16 29.89 -8.42
CA LYS A 562 -7.09 29.98 -9.52
C LYS A 562 -8.49 29.99 -8.95
N ILE A 563 -9.14 31.15 -8.94
CA ILE A 563 -10.52 31.20 -8.46
C ILE A 563 -11.41 31.05 -9.67
N GLU A 564 -12.45 30.22 -9.55
CA GLU A 564 -13.39 29.98 -10.64
C GLU A 564 -14.78 30.07 -10.10
N GLY A 565 -15.61 30.86 -10.74
CA GLY A 565 -16.98 31.01 -10.29
C GLY A 565 -17.82 31.80 -11.25
N ASP A 566 -19.01 32.19 -10.78
CA ASP A 566 -20.00 32.88 -11.59
C ASP A 566 -19.51 34.24 -12.00
N HIS A 567 -19.62 34.53 -13.30
CA HIS A 567 -19.29 35.82 -13.87
C HIS A 567 -19.92 36.93 -13.06
N GLY A 568 -19.16 37.96 -12.77
CA GLY A 568 -19.69 39.09 -12.01
C GLY A 568 -19.57 38.97 -10.50
N ALA A 569 -19.65 37.74 -9.96
CA ALA A 569 -19.66 37.53 -8.50
C ALA A 569 -18.47 38.12 -7.77
N ARG A 570 -18.72 38.59 -6.54
CA ARG A 570 -17.66 39.08 -5.65
C ARG A 570 -17.22 37.93 -4.77
N VAL A 571 -15.91 37.67 -4.77
CA VAL A 571 -15.32 36.55 -4.04
C VAL A 571 -14.52 37.07 -2.83
N VAL A 572 -14.82 36.57 -1.64
CA VAL A 572 -14.00 36.94 -0.44
C VAL A 572 -13.14 35.82 0.15
N LEU A 573 -11.88 36.14 0.40
CA LEU A 573 -10.90 35.14 0.77
C LEU A 573 -10.38 35.25 2.22
N VAL A 574 -9.95 34.11 2.75
CA VAL A 574 -9.20 34.02 4.00
C VAL A 574 -8.30 32.78 3.90
N ALA A 575 -7.07 32.89 4.42
CA ALA A 575 -6.18 31.75 4.57
C ALA A 575 -5.86 31.60 6.06
N VAL A 576 -6.17 30.44 6.65
CA VAL A 576 -5.96 30.18 8.09
C VAL A 576 -5.01 29.01 8.31
N ASP A 577 -4.01 29.21 9.16
CA ASP A 577 -3.07 28.15 9.52
C ASP A 577 -3.82 27.05 10.23
N LYS A 578 -3.64 25.79 9.78
CA LYS A 578 -4.43 24.69 10.32
C LYS A 578 -4.23 24.47 11.83
N GLY A 579 -3.16 25.04 12.38
CA GLY A 579 -2.91 25.01 13.82
C GLY A 579 -4.05 25.60 14.66
N VAL A 580 -4.61 26.71 14.20
CA VAL A 580 -5.75 27.31 14.85
C VAL A 580 -6.82 26.26 15.15
N PHE A 581 -7.14 25.43 14.16
CA PHE A 581 -8.25 24.47 14.33
C PHE A 581 -7.99 23.37 15.37
N VAL A 582 -6.72 23.15 15.70
CA VAL A 582 -6.33 22.22 16.77
C VAL A 582 -6.79 22.76 18.15
N LEU A 583 -6.74 24.07 18.32
CA LEU A 583 -7.18 24.75 19.53
C LEU A 583 -8.70 24.94 19.53
N ASN A 584 -9.26 25.38 18.41
CA ASN A 584 -10.69 25.62 18.33
C ASN A 584 -11.16 25.49 16.89
N LYS A 585 -12.27 24.79 16.69
CA LYS A 585 -12.79 24.55 15.33
C LYS A 585 -14.32 24.68 15.25
N LYS A 586 -14.89 25.42 16.20
CA LYS A 586 -16.31 25.65 16.21
C LYS A 586 -16.75 26.89 15.39
N ASN A 587 -18.04 26.93 15.08
CA ASN A 587 -18.70 27.98 14.30
C ASN A 587 -18.01 28.52 13.04
N LYS A 588 -17.49 27.63 12.20
CA LYS A 588 -16.98 28.02 10.86
C LYS A 588 -18.12 28.08 9.85
N LEU A 589 -18.05 29.03 8.92
CA LEU A 589 -19.14 29.21 7.97
C LEU A 589 -19.14 28.13 6.88
N THR A 590 -20.30 27.51 6.69
CA THR A 590 -20.46 26.32 5.88
C THR A 590 -21.75 26.33 5.06
N GLN A 591 -21.65 25.86 3.80
CA GLN A 591 -22.78 25.99 2.87
C GLN A 591 -23.93 25.18 3.35
N SER A 592 -23.65 24.04 3.95
CA SER A 592 -24.76 23.26 4.50
C SER A 592 -25.38 23.89 5.76
N LYS A 593 -24.62 24.70 6.49
CA LYS A 593 -25.21 25.57 7.51
C LYS A 593 -26.21 26.57 6.92
N ILE A 594 -25.84 27.17 5.80
CA ILE A 594 -26.73 28.14 5.18
C ILE A 594 -28.08 27.51 4.79
N TRP A 595 -28.04 26.37 4.10
CA TRP A 595 -29.31 25.71 3.73
C TRP A 595 -30.07 25.30 5.00
N ASP A 596 -29.33 24.94 6.03
CA ASP A 596 -29.98 24.43 7.19
C ASP A 596 -30.74 25.56 7.91
N VAL A 597 -30.19 26.76 7.83
CA VAL A 597 -30.90 27.96 8.26
C VAL A 597 -32.13 28.14 7.40
N VAL A 598 -31.95 28.15 6.07
CA VAL A 598 -33.06 28.31 5.11
C VAL A 598 -34.20 27.31 5.32
N GLU A 599 -33.86 26.04 5.49
CA GLU A 599 -34.93 25.09 5.71
C GLU A 599 -35.57 25.19 7.12
N LYS A 600 -34.85 25.76 8.08
CA LYS A 600 -35.44 26.01 9.38
C LYS A 600 -36.44 27.17 9.33
N ALA A 601 -36.31 28.05 8.35
CA ALA A 601 -37.19 29.20 8.22
C ALA A 601 -38.47 28.88 7.42
N ASP A 602 -38.76 27.60 7.23
CA ASP A 602 -39.79 27.24 6.29
C ASP A 602 -41.15 27.55 6.84
N ILE A 603 -42.01 28.16 6.01
CA ILE A 603 -43.39 28.44 6.40
C ILE A 603 -44.31 27.24 6.24
N GLY A 604 -43.77 26.13 5.73
CA GLY A 604 -44.46 24.86 5.71
C GLY A 604 -43.98 23.99 6.84
N CYS A 605 -44.90 23.27 7.47
CA CYS A 605 -44.63 22.56 8.70
C CYS A 605 -44.87 21.06 8.60
N THR A 606 -45.28 20.60 7.43
CA THR A 606 -45.76 19.22 7.26
C THR A 606 -45.15 18.65 6.02
N PRO A 607 -44.69 17.38 6.08
CA PRO A 607 -44.20 16.73 4.87
C PRO A 607 -45.27 16.36 3.84
N GLY A 608 -46.55 16.61 4.10
CA GLY A 608 -47.58 16.40 3.08
C GLY A 608 -48.99 16.12 3.58
N SER A 609 -49.96 16.25 2.67
CA SER A 609 -51.39 16.01 2.94
C SER A 609 -51.96 16.88 4.09
N GLY A 610 -53.10 16.50 4.65
CA GLY A 610 -53.73 17.28 5.73
C GLY A 610 -55.06 16.70 6.18
N LYS A 611 -55.67 17.29 7.21
CA LYS A 611 -56.98 16.83 7.69
C LYS A 611 -58.08 17.04 6.65
N ASP A 612 -57.99 18.15 5.93
CA ASP A 612 -58.95 18.50 4.88
C ASP A 612 -58.27 19.28 3.76
N TYR A 613 -59.03 19.96 2.91
CA TYR A 613 -58.39 20.75 1.85
C TYR A 613 -57.72 21.96 2.47
N ALA A 614 -58.41 22.59 3.42
CA ALA A 614 -57.94 23.81 4.03
C ALA A 614 -56.72 23.52 4.90
N GLY A 615 -56.63 22.30 5.40
CA GLY A 615 -55.43 21.85 6.06
C GLY A 615 -54.28 21.69 5.08
N VAL A 616 -54.57 21.07 3.93
CA VAL A 616 -53.53 20.78 2.94
C VAL A 616 -52.80 22.07 2.53
N PHE A 617 -53.60 23.08 2.19
CA PHE A 617 -53.04 24.33 1.75
C PHE A 617 -52.20 24.93 2.87
N SER A 618 -52.78 25.06 4.07
CA SER A 618 -52.08 25.78 5.15
C SER A 618 -50.83 25.10 5.69
N ASP A 619 -50.91 23.80 5.91
CA ASP A 619 -49.74 23.05 6.30
C ASP A 619 -48.62 23.31 5.33
N ALA A 620 -48.96 23.43 4.05
CA ALA A 620 -47.94 23.57 2.98
C ALA A 620 -47.41 25.00 2.92
N GLY A 621 -48.05 25.89 3.66
CA GLY A 621 -47.61 27.27 3.73
C GLY A 621 -48.43 28.19 2.85
N LEU A 622 -49.68 27.84 2.56
CA LEU A 622 -50.50 28.62 1.63
C LEU A 622 -51.88 28.96 2.16
N THR A 623 -52.40 30.09 1.67
CA THR A 623 -53.79 30.50 1.89
C THR A 623 -54.62 30.21 0.66
N PHE A 624 -55.80 29.66 0.88
CA PHE A 624 -56.79 29.49 -0.17
C PHE A 624 -58.04 30.27 0.23
N THR A 625 -58.60 31.04 -0.69
CA THR A 625 -59.83 31.81 -0.44
C THR A 625 -60.65 31.91 -1.72
N SER A 626 -61.96 31.72 -1.59
CA SER A 626 -62.87 31.73 -2.73
C SER A 626 -64.17 32.50 -2.48
N SER A 627 -64.81 32.91 -3.56
CA SER A 627 -66.08 33.63 -3.54
C SER A 627 -67.27 32.80 -3.04
N SER A 628 -67.12 31.48 -3.01
CA SER A 628 -68.15 30.60 -2.44
C SER A 628 -68.01 30.47 -0.92
N GLY A 629 -66.90 30.99 -0.39
CA GLY A 629 -66.61 30.89 1.04
C GLY A 629 -65.78 29.69 1.46
N GLN A 630 -65.05 29.10 0.53
CA GLN A 630 -64.06 28.09 0.86
C GLN A 630 -62.74 28.79 1.15
N GLN A 631 -62.19 28.56 2.34
CA GLN A 631 -60.96 29.21 2.74
C GLN A 631 -60.12 28.49 3.80
N THR A 632 -58.84 28.84 3.86
CA THR A 632 -57.93 28.33 4.86
C THR A 632 -58.22 29.09 6.13
N ALA A 633 -58.04 28.44 7.30
CA ALA A 633 -58.25 29.07 8.60
C ALA A 633 -57.15 30.10 8.88
N GLN A 634 -57.43 31.11 9.70
CA GLN A 634 -56.48 32.19 9.91
C GLN A 634 -55.20 31.71 10.57
N ARG A 635 -54.07 32.05 9.96
CA ARG A 635 -52.77 31.80 10.56
C ARG A 635 -52.29 33.09 11.22
N ALA A 636 -52.08 33.02 12.53
CA ALA A 636 -51.68 34.18 13.32
C ALA A 636 -50.27 34.04 13.88
N GLU A 637 -49.77 32.81 13.89
CA GLU A 637 -48.47 32.48 14.46
C GLU A 637 -47.37 32.55 13.40
N LEU A 638 -46.33 33.33 13.66
CA LEU A 638 -45.22 33.49 12.73
C LEU A 638 -44.29 32.29 12.62
N GLN A 639 -44.61 31.22 13.35
CA GLN A 639 -43.73 30.06 13.49
C GLN A 639 -44.54 28.77 13.44
N CYS A 640 -43.91 27.67 13.03
CA CYS A 640 -44.61 26.40 12.85
C CYS A 640 -44.95 25.79 14.21
N PRO A 641 -46.17 25.27 14.37
CA PRO A 641 -46.62 24.73 15.66
C PRO A 641 -45.67 23.71 16.27
N GLN A 642 -45.26 23.99 17.51
CA GLN A 642 -44.43 23.12 18.38
C GLN A 642 -43.80 23.92 19.52
N ASP B 4 34.03 28.69 10.51
CA ASP B 4 34.53 27.33 10.14
C ASP B 4 34.58 27.15 8.61
N GLU B 5 34.84 25.92 8.17
CA GLU B 5 34.94 25.58 6.75
C GLU B 5 33.67 24.87 6.29
N ASP B 6 33.25 25.13 5.05
CA ASP B 6 32.08 24.47 4.44
C ASP B 6 30.76 24.64 5.21
N ILE B 7 30.55 25.84 5.72
CA ILE B 7 29.29 26.20 6.35
C ILE B 7 28.95 27.66 6.04
N ILE B 8 27.67 27.94 5.85
CA ILE B 8 27.20 29.28 5.58
C ILE B 8 27.42 30.14 6.83
N ALA B 9 28.09 31.30 6.64
CA ALA B 9 28.30 32.29 7.69
C ALA B 9 26.97 32.81 8.32
N GLU B 10 26.99 33.01 9.63
CA GLU B 10 25.80 33.49 10.37
C GLU B 10 25.18 34.76 9.78
N GLU B 11 26.02 35.64 9.24
CA GLU B 11 25.54 36.92 8.73
C GLU B 11 24.71 36.79 7.44
N ASN B 12 25.02 35.77 6.63
CA ASN B 12 24.31 35.49 5.37
C ASN B 12 23.00 34.71 5.48
N ILE B 13 22.66 34.27 6.69
CA ILE B 13 21.42 33.54 6.95
C ILE B 13 20.30 34.51 7.28
N VAL B 14 19.21 34.47 6.51
CA VAL B 14 18.09 35.39 6.70
C VAL B 14 16.94 34.64 7.40
N SER B 15 16.50 35.14 8.55
CA SER B 15 15.60 34.36 9.39
C SER B 15 14.14 34.50 8.98
N ARG B 16 13.48 33.38 8.73
CA ARG B 16 12.05 33.40 8.53
C ARG B 16 11.41 34.11 9.72
N SER B 17 10.45 34.99 9.46
CA SER B 17 9.86 35.80 10.52
C SER B 17 8.35 36.02 10.47
N GLU B 18 7.74 35.96 9.27
CA GLU B 18 6.31 36.24 9.09
C GLU B 18 5.42 35.05 9.42
N PHE B 19 4.91 34.98 10.65
CA PHE B 19 4.15 33.82 11.09
C PHE B 19 2.70 34.09 11.50
N PRO B 20 1.89 34.68 10.62
CA PRO B 20 0.51 35.03 10.96
C PRO B 20 -0.32 33.80 11.24
N GLU B 21 -1.19 33.85 12.24
CA GLU B 21 -2.19 32.78 12.38
C GLU B 21 -3.18 32.81 11.21
N SER B 22 -3.26 33.92 10.52
CA SER B 22 -4.26 34.08 9.49
C SER B 22 -3.86 35.21 8.54
N TRP B 23 -4.29 35.10 7.29
CA TRP B 23 -3.92 36.07 6.28
C TRP B 23 -4.76 35.89 5.03
N LEU B 24 -4.38 36.65 3.99
CA LEU B 24 -5.09 36.65 2.72
C LEU B 24 -6.58 36.95 2.92
N TRP B 25 -6.84 37.84 3.88
CA TRP B 25 -8.16 38.42 4.15
C TRP B 25 -8.39 39.47 3.10
N ASN B 26 -9.06 39.07 2.03
CA ASN B 26 -8.75 39.65 0.74
C ASN B 26 -9.90 39.51 -0.29
N VAL B 27 -10.12 40.54 -1.11
CA VAL B 27 -11.32 40.60 -1.97
C VAL B 27 -11.05 40.65 -3.48
N GLU B 28 -11.80 39.86 -4.28
CA GLU B 28 -11.74 39.91 -5.74
C GLU B 28 -13.11 39.79 -6.41
N ASP B 29 -13.23 40.31 -7.63
CA ASP B 29 -14.44 40.12 -8.44
C ASP B 29 -14.08 39.44 -9.73
N LEU B 30 -14.78 38.36 -10.02
CA LEU B 30 -14.56 37.60 -11.23
C LEU B 30 -15.13 38.36 -12.43
N LYS B 31 -14.25 39.15 -13.05
CA LYS B 31 -14.63 40.17 -14.01
C LYS B 31 -14.33 39.68 -15.42
N GLU B 32 -13.19 39.02 -15.55
CA GLU B 32 -12.78 38.37 -16.79
C GLU B 32 -13.94 37.59 -17.41
N PRO B 33 -14.13 37.71 -18.75
CA PRO B 33 -15.37 37.27 -19.38
C PRO B 33 -15.54 35.76 -19.30
N PRO B 34 -16.79 35.27 -19.12
CA PRO B 34 -17.04 33.86 -18.83
C PRO B 34 -16.69 32.92 -19.96
N LYS B 35 -16.44 31.66 -19.61
CA LYS B 35 -16.18 30.59 -20.57
C LYS B 35 -16.89 29.38 -20.02
N ASN B 36 -18.05 29.08 -20.57
CA ASN B 36 -18.95 28.06 -20.01
C ASN B 36 -19.57 28.55 -18.70
N GLY B 37 -20.06 29.79 -18.69
CA GLY B 37 -20.70 30.36 -17.49
C GLY B 37 -19.78 30.71 -16.31
N ILE B 38 -18.55 30.19 -16.39
CA ILE B 38 -17.53 30.29 -15.36
C ILE B 38 -16.48 31.35 -15.71
N SER B 39 -16.25 32.27 -14.77
CA SER B 39 -15.13 33.22 -14.86
C SER B 39 -13.92 32.76 -14.07
N THR B 40 -12.74 33.10 -14.54
CA THR B 40 -11.50 32.62 -13.90
C THR B 40 -10.62 33.80 -13.57
N LYS B 41 -10.25 33.91 -12.29
CA LYS B 41 -9.26 34.88 -11.84
C LYS B 41 -7.97 34.13 -11.53
N LEU B 42 -6.84 34.75 -11.85
CA LEU B 42 -5.56 34.24 -11.38
C LEU B 42 -4.92 35.15 -10.31
N MET B 43 -4.89 34.72 -9.06
CA MET B 43 -4.32 35.52 -7.98
C MET B 43 -2.89 35.10 -7.70
N ASN B 44 -1.97 36.03 -7.83
CA ASN B 44 -0.63 35.81 -7.35
C ASN B 44 -0.47 36.22 -5.89
N ILE B 45 0.11 35.34 -5.10
CA ILE B 45 0.28 35.60 -3.69
C ILE B 45 1.69 35.31 -3.22
N PHE B 46 2.08 35.91 -2.10
CA PHE B 46 3.31 35.53 -1.44
C PHE B 46 2.93 34.73 -0.23
N LEU B 47 3.51 33.54 -0.14
CA LEU B 47 3.27 32.66 0.96
C LEU B 47 4.07 33.18 2.16
N LYS B 48 3.51 33.04 3.35
CA LYS B 48 4.17 33.48 4.58
C LYS B 48 5.33 32.53 4.95
N ASP B 49 5.89 32.67 6.14
CA ASP B 49 7.05 31.84 6.53
C ASP B 49 6.71 30.57 7.32
N SER B 50 5.53 30.53 7.93
CA SER B 50 5.15 29.33 8.65
C SER B 50 5.38 28.12 7.77
N ILE B 51 5.87 27.05 8.40
CA ILE B 51 5.91 25.72 7.81
C ILE B 51 4.72 24.98 8.39
N THR B 52 3.64 24.98 7.62
CA THR B 52 2.38 24.44 8.07
C THR B 52 1.47 24.08 6.89
N THR B 53 0.18 24.08 7.14
CA THR B 53 -0.78 23.85 6.11
C THR B 53 -1.85 24.92 6.27
N TRP B 54 -1.88 25.77 5.25
CA TRP B 54 -2.87 26.78 5.13
C TRP B 54 -4.14 26.14 4.63
N GLU B 55 -5.24 26.42 5.31
CA GLU B 55 -6.54 26.11 4.79
C GLU B 55 -7.18 27.36 4.23
N ILE B 56 -7.09 27.54 2.91
CA ILE B 56 -7.77 28.63 2.17
C ILE B 56 -9.26 28.40 1.96
N LEU B 57 -10.06 29.44 2.21
CA LEU B 57 -11.53 29.36 2.13
C LEU B 57 -12.05 30.57 1.38
N ALA B 58 -13.00 30.33 0.49
CA ALA B 58 -13.56 31.39 -0.33
C ALA B 58 -15.06 31.36 -0.25
N VAL B 59 -15.68 32.55 -0.15
CA VAL B 59 -17.12 32.67 -0.21
C VAL B 59 -17.35 33.63 -1.32
N SER B 60 -18.43 33.43 -2.06
CA SER B 60 -18.73 34.32 -3.17
C SER B 60 -20.18 34.79 -3.09
N MET B 61 -20.38 36.04 -3.47
CA MET B 61 -21.70 36.62 -3.45
C MET B 61 -21.98 37.11 -4.86
N SER B 62 -23.13 36.72 -5.39
CA SER B 62 -23.50 36.95 -6.81
C SER B 62 -24.91 37.46 -6.95
N ASP B 63 -25.11 38.45 -7.80
CA ASP B 63 -26.47 38.97 -8.01
C ASP B 63 -27.51 37.94 -8.46
N LYS B 64 -27.18 37.13 -9.47
CA LYS B 64 -28.09 36.13 -9.99
C LYS B 64 -28.10 34.86 -9.14
N LYS B 65 -26.92 34.44 -8.68
CA LYS B 65 -26.77 33.13 -8.05
C LYS B 65 -26.64 33.09 -6.51
N GLY B 66 -26.47 34.24 -5.87
CA GLY B 66 -26.53 34.29 -4.41
C GLY B 66 -25.23 33.99 -3.69
N ILE B 67 -25.35 33.41 -2.49
CA ILE B 67 -24.19 33.14 -1.66
C ILE B 67 -23.67 31.70 -1.80
N CYS B 68 -22.36 31.56 -1.96
CA CYS B 68 -21.79 30.25 -2.18
C CYS B 68 -20.48 30.09 -1.45
N VAL B 69 -20.41 29.09 -0.60
CA VAL B 69 -19.19 28.83 0.17
C VAL B 69 -18.38 27.71 -0.51
N ALA B 70 -17.20 28.03 -0.99
CA ALA B 70 -16.34 27.04 -1.60
C ALA B 70 -15.97 25.95 -0.60
N ASP B 71 -15.55 24.81 -1.14
CA ASP B 71 -14.87 23.78 -0.36
C ASP B 71 -13.47 24.27 -0.02
N PRO B 72 -12.96 23.88 1.16
CA PRO B 72 -11.66 24.30 1.61
C PRO B 72 -10.61 23.74 0.69
N PHE B 73 -9.63 24.55 0.34
CA PHE B 73 -8.48 24.10 -0.41
C PHE B 73 -7.15 24.34 0.35
N GLU B 74 -6.42 23.26 0.62
CA GLU B 74 -5.22 23.33 1.45
C GLU B 74 -3.94 23.47 0.68
N VAL B 75 -3.00 24.22 1.23
CA VAL B 75 -1.67 24.37 0.66
C VAL B 75 -0.68 24.03 1.77
N THR B 76 0.32 23.20 1.47
CA THR B 76 1.29 22.80 2.49
C THR B 76 2.58 23.51 2.22
N VAL B 77 3.12 24.19 3.22
CA VAL B 77 4.40 24.85 3.05
C VAL B 77 5.46 24.06 3.81
N MET B 78 6.58 23.81 3.14
CA MET B 78 7.46 22.72 3.54
C MET B 78 8.91 22.83 3.06
N GLN B 79 9.79 22.29 3.90
CA GLN B 79 11.23 22.27 3.67
C GLN B 79 11.81 20.97 4.24
N ASP B 80 12.97 20.56 3.73
CA ASP B 80 13.65 19.36 4.19
C ASP B 80 14.24 19.58 5.58
N PHE B 81 14.90 20.71 5.76
CA PHE B 81 15.53 21.07 7.03
C PHE B 81 15.00 22.41 7.55
N PHE B 82 14.65 22.47 8.83
CA PHE B 82 14.15 23.70 9.42
C PHE B 82 14.04 23.66 10.95
N ILE B 83 14.16 24.85 11.57
CA ILE B 83 13.96 25.04 13.02
C ILE B 83 12.50 25.31 13.40
N ASP B 84 12.07 24.81 14.55
CA ASP B 84 10.77 25.15 15.11
C ASP B 84 10.99 25.73 16.49
N LEU B 85 11.08 27.07 16.57
CA LEU B 85 11.33 27.75 17.84
C LEU B 85 10.06 27.75 18.69
N ARG B 86 10.07 26.98 19.77
CA ARG B 86 8.86 26.76 20.56
C ARG B 86 8.77 27.66 21.76
N LEU B 87 8.28 28.89 21.57
CA LEU B 87 8.20 29.84 22.67
C LEU B 87 6.84 29.73 23.33
N PRO B 88 6.74 30.09 24.63
CA PRO B 88 5.47 30.27 25.28
C PRO B 88 4.88 31.65 24.92
N TYR B 89 3.62 31.86 25.29
CA TYR B 89 2.88 33.08 24.99
C TYR B 89 3.39 34.28 25.77
N SER B 90 3.60 34.11 27.07
CA SER B 90 4.21 35.16 27.91
C SER B 90 5.26 34.60 28.84
N VAL B 91 6.15 35.47 29.29
CA VAL B 91 7.13 35.14 30.33
C VAL B 91 7.21 36.31 31.31
N VAL B 92 7.36 36.01 32.60
CA VAL B 92 7.51 37.05 33.63
C VAL B 92 8.92 37.61 33.60
N ARG B 93 9.05 38.91 33.86
CA ARG B 93 10.34 39.63 33.93
C ARG B 93 11.29 39.12 35.03
N ASN B 94 12.55 38.92 34.67
CA ASN B 94 13.59 38.37 35.57
C ASN B 94 13.38 36.95 36.09
N GLU B 95 12.36 36.24 35.58
CA GLU B 95 12.22 34.81 35.88
C GLU B 95 12.93 34.00 34.81
N GLN B 96 13.69 32.98 35.23
CA GLN B 96 14.42 32.15 34.27
C GLN B 96 13.47 31.15 33.63
N VAL B 97 13.61 30.98 32.31
CA VAL B 97 12.81 30.01 31.58
C VAL B 97 13.70 29.20 30.65
N GLU B 98 13.31 27.95 30.43
CA GLU B 98 13.88 27.21 29.33
C GLU B 98 12.98 27.36 28.11
N ILE B 99 13.59 27.39 26.94
CA ILE B 99 12.86 27.30 25.69
C ILE B 99 13.55 26.29 24.80
N ARG B 100 12.78 25.45 24.12
CA ARG B 100 13.38 24.49 23.22
C ARG B 100 13.41 25.08 21.82
N ALA B 101 14.47 24.79 21.09
CA ALA B 101 14.49 25.08 19.67
C ALA B 101 14.68 23.75 18.95
N VAL B 102 13.58 23.16 18.51
CA VAL B 102 13.62 21.87 17.81
C VAL B 102 14.14 22.00 16.38
N LEU B 103 14.99 21.06 15.99
CA LEU B 103 15.55 20.99 14.63
C LEU B 103 15.02 19.76 13.92
N TYR B 104 14.59 19.90 12.67
CA TYR B 104 14.00 18.76 11.95
C TYR B 104 14.80 18.36 10.73
N ASN B 105 14.82 17.05 10.45
CA ASN B 105 15.49 16.55 9.24
C ASN B 105 14.72 15.48 8.49
N TYR B 106 14.32 15.82 7.27
CA TYR B 106 13.48 14.94 6.47
C TYR B 106 14.12 14.46 5.17
N ARG B 107 15.40 14.74 4.97
CA ARG B 107 16.12 14.04 3.91
C ARG B 107 16.02 12.55 4.20
N GLN B 108 15.67 11.78 3.17
CA GLN B 108 15.24 10.38 3.33
C GLN B 108 16.37 9.40 3.68
N ASN B 109 17.60 9.75 3.32
CA ASN B 109 18.70 8.82 3.49
C ASN B 109 20.03 9.55 3.69
N GLN B 110 20.02 10.52 4.58
CA GLN B 110 21.18 11.38 4.82
C GLN B 110 21.05 12.04 6.19
N GLU B 111 22.03 11.82 7.05
CA GLU B 111 22.16 12.58 8.29
C GLU B 111 22.78 13.92 7.96
N LEU B 112 22.71 14.89 8.88
CA LEU B 112 23.35 16.18 8.64
C LEU B 112 24.09 16.72 9.85
N LYS B 113 25.34 17.11 9.66
CA LYS B 113 26.07 17.87 10.66
C LYS B 113 25.45 19.27 10.67
N VAL B 114 25.00 19.74 11.83
CA VAL B 114 24.41 21.08 11.92
C VAL B 114 25.03 21.95 13.00
N ARG B 115 25.27 23.21 12.69
CA ARG B 115 25.66 24.16 13.71
C ARG B 115 24.51 25.08 14.03
N VAL B 116 23.84 24.83 15.15
CA VAL B 116 22.75 25.69 15.62
C VAL B 116 23.33 26.88 16.42
N GLU B 117 22.54 27.91 16.69
CA GLU B 117 23.01 29.07 17.43
C GLU B 117 21.87 29.92 18.02
N LEU B 118 21.98 30.29 19.30
CA LEU B 118 21.12 31.35 19.86
C LEU B 118 21.78 32.71 19.61
N LEU B 119 21.01 33.64 19.08
CA LEU B 119 21.47 35.01 18.91
C LEU B 119 21.35 35.80 20.20
N HIS B 120 22.09 36.91 20.25
CA HIS B 120 22.17 37.75 21.42
C HIS B 120 21.14 38.88 21.33
N ASN B 121 20.55 39.23 22.46
CA ASN B 121 19.63 40.35 22.53
C ASN B 121 19.68 41.01 23.91
N PRO B 122 20.08 42.29 23.96
CA PRO B 122 20.03 43.25 25.05
C PRO B 122 18.84 43.11 26.00
N ALA B 123 17.76 42.50 25.51
CA ALA B 123 16.55 42.33 26.30
C ALA B 123 16.54 40.99 27.02
N PHE B 124 17.56 40.17 26.77
CA PHE B 124 17.61 38.83 27.34
C PHE B 124 18.98 38.57 27.88
N CYS B 125 19.01 37.90 29.04
CA CYS B 125 20.23 37.43 29.64
C CYS B 125 20.37 35.96 29.28
N SER B 126 21.47 35.63 28.62
CA SER B 126 21.82 34.25 28.26
C SER B 126 23.25 34.23 27.82
N LEU B 127 23.89 33.06 27.94
CA LEU B 127 25.31 32.85 27.60
C LEU B 127 25.77 33.55 26.33
N ALA B 128 24.84 33.89 25.45
CA ALA B 128 25.17 34.69 24.28
C ALA B 128 25.51 36.13 24.69
N THR B 129 26.71 36.58 24.33
CA THR B 129 27.09 37.98 24.52
C THR B 129 27.57 38.57 23.22
N THR B 130 27.66 39.90 23.19
CA THR B 130 27.96 40.66 21.98
C THR B 130 29.27 40.27 21.28
N LYS B 131 30.17 39.57 21.98
CA LYS B 131 31.46 39.18 21.41
C LYS B 131 31.83 37.70 21.52
N ARG B 132 30.88 36.87 21.95
CA ARG B 132 31.07 35.42 21.94
C ARG B 132 29.75 34.71 21.64
N ARG B 133 29.76 33.93 20.56
CA ARG B 133 28.56 33.24 20.09
C ARG B 133 28.19 32.06 21.00
N HIS B 134 26.93 31.61 20.88
CA HIS B 134 26.43 30.52 21.70
C HIS B 134 25.98 29.39 20.78
N GLN B 135 26.96 28.76 20.14
CA GLN B 135 26.68 27.71 19.16
C GLN B 135 27.00 26.28 19.63
N GLN B 136 26.09 25.34 19.34
CA GLN B 136 26.34 23.90 19.46
C GLN B 136 26.57 23.32 18.07
N THR B 137 27.02 22.06 18.03
CA THR B 137 27.19 21.38 16.77
C THR B 137 26.65 19.97 16.95
N VAL B 138 25.48 19.72 16.37
CA VAL B 138 24.76 18.49 16.60
C VAL B 138 24.66 17.60 15.35
N THR B 139 24.41 16.31 15.55
CA THR B 139 24.18 15.42 14.43
C THR B 139 22.74 14.93 14.46
N ILE B 140 22.01 15.25 13.40
CA ILE B 140 20.62 14.83 13.29
C ILE B 140 20.54 13.72 12.26
N PRO B 141 20.18 12.51 12.72
CA PRO B 141 19.93 11.35 11.86
C PRO B 141 18.77 11.64 10.90
N PRO B 142 18.65 10.86 9.82
CA PRO B 142 17.61 11.09 8.82
C PRO B 142 16.21 10.92 9.41
N LYS B 143 15.21 11.51 8.76
CA LYS B 143 13.82 11.34 9.16
C LYS B 143 13.65 11.47 10.69
N SER B 144 14.20 12.53 11.24
CA SER B 144 14.30 12.70 12.68
C SER B 144 14.41 14.18 13.11
N SER B 145 14.27 14.43 14.40
CA SER B 145 14.40 15.76 14.96
C SER B 145 15.26 15.74 16.20
N LEU B 146 15.71 16.93 16.62
CA LEU B 146 16.50 17.13 17.83
C LEU B 146 16.02 18.40 18.53
N SER B 147 15.81 18.35 19.85
CA SER B 147 15.58 19.57 20.61
C SER B 147 16.93 20.14 20.95
N VAL B 148 16.97 21.45 21.09
CA VAL B 148 18.15 22.14 21.60
C VAL B 148 17.59 23.10 22.63
N PRO B 149 17.92 22.90 23.92
CA PRO B 149 17.39 23.76 24.98
C PRO B 149 18.29 24.96 25.22
N TYR B 150 17.68 26.15 25.22
CA TYR B 150 18.37 27.38 25.55
C TYR B 150 17.73 27.99 26.76
N VAL B 151 18.53 28.31 27.77
CA VAL B 151 17.99 28.99 28.96
C VAL B 151 18.24 30.48 28.87
N ILE B 152 17.19 31.25 29.10
CA ILE B 152 17.27 32.69 29.04
C ILE B 152 16.60 33.30 30.25
N VAL B 153 16.90 34.58 30.49
CA VAL B 153 16.23 35.41 31.48
C VAL B 153 15.79 36.72 30.80
N PRO B 154 14.47 36.99 30.77
CA PRO B 154 13.88 38.20 30.17
C PRO B 154 14.07 39.45 31.03
N LEU B 155 14.71 40.49 30.46
CA LEU B 155 15.09 41.68 31.22
C LEU B 155 14.13 42.85 30.97
N LYS B 156 13.94 43.20 29.70
CA LYS B 156 13.04 44.28 29.30
C LYS B 156 11.60 43.78 29.35
N THR B 157 10.65 44.71 29.29
CA THR B 157 9.23 44.39 29.40
C THR B 157 8.59 44.60 28.03
N GLY B 158 7.46 43.92 27.81
CA GLY B 158 6.67 44.12 26.57
C GLY B 158 6.87 43.04 25.51
N LEU B 159 6.91 43.46 24.25
CA LEU B 159 7.05 42.52 23.15
C LEU B 159 8.51 42.41 22.75
N GLN B 160 9.11 41.28 23.13
CA GLN B 160 10.54 41.01 22.90
C GLN B 160 10.79 39.83 21.95
N GLU B 161 12.02 39.73 21.44
CA GLU B 161 12.33 38.84 20.34
C GLU B 161 13.41 37.78 20.63
N VAL B 162 13.04 36.50 20.59
CA VAL B 162 14.04 35.41 20.59
C VAL B 162 14.29 34.96 19.15
N GLU B 163 15.53 34.65 18.82
CA GLU B 163 15.92 34.27 17.45
C GLU B 163 17.03 33.22 17.45
N VAL B 164 16.86 32.14 16.68
CA VAL B 164 17.94 31.16 16.56
C VAL B 164 18.18 30.79 15.10
N LYS B 165 19.41 30.47 14.78
CA LYS B 165 19.79 30.06 13.45
C LYS B 165 20.50 28.69 13.43
N ALA B 166 20.59 28.11 12.24
CA ALA B 166 21.25 26.84 12.05
C ALA B 166 21.78 26.78 10.63
N ALA B 167 22.96 26.21 10.46
CA ALA B 167 23.51 25.92 9.13
C ALA B 167 24.03 24.50 9.10
N VAL B 168 23.82 23.80 7.98
CA VAL B 168 24.31 22.41 7.86
C VAL B 168 25.68 22.42 7.21
N TYR B 169 26.52 21.45 7.58
CA TYR B 169 27.85 21.34 6.99
C TYR B 169 27.81 20.60 5.66
N HIS B 170 28.57 21.10 4.68
CA HIS B 170 28.74 20.44 3.39
C HIS B 170 27.48 20.49 2.47
N HIS B 171 26.52 21.34 2.80
CA HIS B 171 25.38 21.56 1.92
C HIS B 171 24.97 23.01 1.97
N PHE B 172 24.43 23.52 0.86
CA PHE B 172 23.81 24.84 0.87
C PHE B 172 22.42 24.75 1.49
N ILE B 173 22.35 24.30 2.74
CA ILE B 173 21.09 24.25 3.49
C ILE B 173 21.24 25.01 4.83
N SER B 174 20.22 25.78 5.20
CA SER B 174 20.21 26.51 6.48
C SER B 174 18.86 27.14 6.78
N ASP B 175 18.63 27.48 8.04
CA ASP B 175 17.39 28.10 8.45
C ASP B 175 17.58 29.06 9.64
N GLY B 176 16.67 30.02 9.76
CA GLY B 176 16.60 30.92 10.91
C GLY B 176 15.15 31.10 11.30
N VAL B 177 14.89 31.46 12.56
CA VAL B 177 13.54 31.79 13.01
C VAL B 177 13.53 32.91 14.05
N ARG B 178 12.64 33.87 13.88
CA ARG B 178 12.51 35.02 14.76
C ARG B 178 11.08 35.09 15.25
N LYS B 179 10.84 34.67 16.49
CA LYS B 179 9.51 34.80 17.07
C LYS B 179 9.53 35.82 18.19
N SER B 180 8.38 36.47 18.39
CA SER B 180 8.10 37.32 19.54
C SER B 180 7.52 36.51 20.66
N LEU B 181 7.74 36.96 21.89
CA LEU B 181 6.90 36.53 23.01
C LEU B 181 6.60 37.73 23.86
N LYS B 182 5.70 37.56 24.82
CA LYS B 182 5.30 38.67 25.65
C LYS B 182 5.99 38.68 27.01
N VAL B 183 6.61 39.83 27.33
CA VAL B 183 7.22 40.00 28.64
C VAL B 183 6.29 40.80 29.56
N VAL B 184 6.04 40.22 30.73
CA VAL B 184 5.09 40.74 31.72
C VAL B 184 5.83 41.19 33.00
N PRO B 185 5.52 42.40 33.51
CA PRO B 185 6.05 42.89 34.79
C PRO B 185 5.74 41.96 35.98
N GLU B 186 6.32 42.24 37.15
CA GLU B 186 6.05 41.46 38.36
C GLU B 186 4.68 41.77 38.95
N THR C 37 5.48 30.88 41.72
CA THR C 37 5.18 29.86 42.73
C THR C 37 4.76 28.52 42.10
N CYS C 38 5.21 27.42 42.71
CA CYS C 38 4.90 26.07 42.25
C CYS C 38 3.62 25.55 42.92
N ASN C 39 2.54 26.26 42.66
CA ASN C 39 1.19 25.93 43.13
C ASN C 39 0.90 24.46 43.48
N LYS C 40 1.31 23.52 42.62
CA LYS C 40 0.87 22.12 42.73
C LYS C 40 1.98 21.09 42.88
N PHE C 41 3.23 21.53 42.78
CA PHE C 41 4.34 20.61 42.92
C PHE C 41 5.49 21.25 43.66
N ASP C 42 6.04 20.52 44.63
CA ASP C 42 7.36 20.78 45.16
C ASP C 42 8.33 20.08 44.26
N LEU C 43 9.35 20.80 43.79
CA LEU C 43 10.41 20.17 43.03
C LEU C 43 11.79 20.55 43.59
N LYS C 44 12.55 19.53 43.98
CA LYS C 44 13.90 19.70 44.50
C LYS C 44 14.89 18.89 43.67
N VAL C 45 15.84 19.57 43.02
CA VAL C 45 16.80 18.91 42.12
C VAL C 45 18.23 19.31 42.44
N THR C 46 19.08 18.32 42.67
CA THR C 46 20.49 18.57 42.99
C THR C 46 21.39 17.88 42.00
N ILE C 47 22.56 18.48 41.79
CA ILE C 47 23.64 17.87 41.03
C ILE C 47 24.91 17.82 41.88
N LYS C 48 25.46 16.62 42.03
CA LYS C 48 26.61 16.39 42.89
C LYS C 48 27.61 15.44 42.22
N PRO C 49 28.92 15.64 42.49
CA PRO C 49 29.98 14.87 41.81
C PRO C 49 30.02 13.38 42.17
N ALA C 50 30.57 12.57 41.26
CA ALA C 50 30.62 11.12 41.44
C ALA C 50 31.63 10.66 42.49
N PRO C 51 31.18 9.80 43.44
CA PRO C 51 32.06 9.28 44.49
C PRO C 51 33.18 8.39 43.94
N LYS C 61 34.55 11.82 30.93
CA LYS C 61 35.68 12.23 31.77
C LYS C 61 35.24 12.64 33.19
N ASN C 62 34.11 13.35 33.27
CA ASN C 62 33.69 14.00 34.49
C ASN C 62 32.24 13.68 34.80
N THR C 63 32.00 12.53 35.43
CA THR C 63 30.61 12.08 35.64
C THR C 63 30.01 12.59 36.95
N MET C 64 28.68 12.60 37.04
CA MET C 64 27.97 13.21 38.15
C MET C 64 26.66 12.51 38.55
N ILE C 65 26.12 12.89 39.70
CA ILE C 65 24.86 12.38 40.24
C ILE C 65 23.77 13.46 40.25
N LEU C 66 22.69 13.20 39.52
CA LEU C 66 21.54 14.10 39.46
C LEU C 66 20.38 13.50 40.26
N GLU C 67 19.91 14.22 41.27
CA GLU C 67 18.84 13.70 42.15
C GLU C 67 17.57 14.53 42.01
N ILE C 68 16.48 13.86 41.68
CA ILE C 68 15.18 14.52 41.44
C ILE C 68 14.19 14.13 42.52
N CYS C 69 13.72 15.13 43.25
CA CYS C 69 12.82 14.93 44.37
C CYS C 69 11.55 15.75 44.20
N THR C 70 10.44 15.04 44.02
CA THR C 70 9.17 15.66 43.71
C THR C 70 8.09 15.10 44.60
N ARG C 71 7.23 15.99 45.11
CA ARG C 71 5.87 15.57 45.50
C ARG C 71 4.82 16.68 45.49
N TYR C 72 3.57 16.23 45.59
CA TYR C 72 2.41 16.93 45.07
C TYR C 72 1.46 17.34 46.18
N ARG C 73 0.72 18.41 45.96
CA ARG C 73 -0.04 19.08 47.01
C ARG C 73 -1.55 18.81 46.95
N GLY C 74 -2.11 18.33 48.07
CA GLY C 74 -3.52 18.01 48.18
C GLY C 74 -3.65 16.52 48.37
N ASP C 75 -3.22 16.05 49.54
CA ASP C 75 -2.80 14.64 49.74
C ASP C 75 -3.68 13.45 49.37
N GLN C 76 -4.11 13.43 48.11
CA GLN C 76 -4.35 12.19 47.39
C GLN C 76 -3.43 12.27 46.17
N ASP C 77 -2.68 11.19 45.96
CA ASP C 77 -1.64 11.11 44.95
C ASP C 77 -2.10 11.59 43.57
N ALA C 78 -1.21 12.32 42.90
CA ALA C 78 -1.40 12.71 41.51
C ALA C 78 -1.32 11.46 40.63
N THR C 79 -2.01 11.48 39.49
CA THR C 79 -1.95 10.34 38.56
C THR C 79 -0.77 10.50 37.61
N MET C 80 -0.78 9.76 36.51
CA MET C 80 0.30 9.84 35.53
C MET C 80 0.88 11.24 35.49
N SER C 81 2.20 11.31 35.66
CA SER C 81 2.88 12.58 35.67
C SER C 81 4.09 12.47 34.78
N ILE C 82 4.72 13.61 34.53
CA ILE C 82 5.80 13.69 33.58
C ILE C 82 6.97 14.41 34.21
N LEU C 83 8.16 13.83 34.06
CA LEU C 83 9.41 14.49 34.38
C LEU C 83 10.18 14.72 33.10
N ASP C 84 10.20 15.96 32.63
CA ASP C 84 10.96 16.35 31.44
C ASP C 84 12.30 16.94 31.86
N ILE C 85 13.37 16.25 31.45
CA ILE C 85 14.74 16.60 31.82
C ILE C 85 15.56 16.99 30.59
N SER C 86 16.24 18.12 30.69
CA SER C 86 17.23 18.50 29.68
C SER C 86 18.60 18.45 30.35
N MET C 87 19.64 18.25 29.54
CA MET C 87 20.97 18.02 30.07
C MET C 87 21.76 19.30 30.09
N MET C 88 22.80 19.32 30.91
CA MET C 88 23.83 20.35 30.88
C MET C 88 24.58 20.20 29.56
N THR C 89 24.92 21.29 28.91
CA THR C 89 25.55 21.19 27.58
C THR C 89 26.75 20.26 27.68
N GLY C 90 26.74 19.22 26.86
CA GLY C 90 27.79 18.21 26.87
C GLY C 90 27.66 17.12 27.93
N PHE C 91 26.44 16.75 28.30
CA PHE C 91 26.22 15.64 29.23
C PHE C 91 25.16 14.65 28.72
N ALA C 92 25.30 13.40 29.11
CA ALA C 92 24.34 12.35 28.75
C ALA C 92 24.20 11.32 29.86
N PRO C 93 22.98 10.80 30.07
CA PRO C 93 22.72 9.83 31.14
C PRO C 93 23.35 8.45 30.92
N ASP C 94 23.37 7.64 31.97
CA ASP C 94 23.84 6.26 31.87
C ASP C 94 22.74 5.40 31.25
N THR C 95 23.01 4.81 30.09
CA THR C 95 22.09 3.85 29.46
C THR C 95 21.58 2.84 30.48
N ASP C 96 22.47 2.33 31.32
CA ASP C 96 22.11 1.38 32.40
C ASP C 96 21.18 1.97 33.47
N ASP C 97 21.64 2.97 34.21
CA ASP C 97 20.83 3.60 35.25
C ASP C 97 19.41 3.91 34.77
N LEU C 98 19.30 4.24 33.49
CA LEU C 98 18.01 4.50 32.86
C LEU C 98 17.19 3.23 32.76
N LYS C 99 17.77 2.20 32.15
CA LYS C 99 17.15 0.87 32.06
C LYS C 99 16.80 0.36 33.45
N GLN C 100 17.66 0.67 34.42
CA GLN C 100 17.45 0.36 35.82
C GLN C 100 16.21 1.08 36.35
N LEU C 101 16.14 2.39 36.12
CA LEU C 101 14.98 3.18 36.54
C LEU C 101 13.70 2.70 35.87
N ALA C 102 13.79 2.41 34.58
CA ALA C 102 12.62 2.06 33.77
C ALA C 102 12.00 0.72 34.12
N ASN C 103 12.85 -0.24 34.52
CA ASN C 103 12.42 -1.62 34.76
C ASN C 103 11.66 -1.82 36.05
N GLY C 104 12.01 -1.03 37.07
CA GLY C 104 11.22 -0.99 38.30
C GLY C 104 9.88 -0.36 37.99
N VAL C 105 8.81 -1.14 38.12
CA VAL C 105 7.44 -0.68 37.82
C VAL C 105 7.06 0.56 38.65
N ASP C 106 6.02 1.27 38.21
CA ASP C 106 5.66 2.62 38.70
C ASP C 106 6.26 3.72 37.82
N ARG C 107 7.28 3.36 37.05
CA ARG C 107 7.96 4.29 36.15
C ARG C 107 8.14 3.68 34.78
N TYR C 108 8.10 4.53 33.77
CA TYR C 108 8.27 4.11 32.38
C TYR C 108 9.21 5.03 31.64
N ILE C 109 10.17 4.43 30.94
CA ILE C 109 10.98 5.17 29.97
C ILE C 109 10.93 4.48 28.62
N SER C 110 10.57 5.26 27.60
CA SER C 110 10.22 4.73 26.29
C SER C 110 11.41 4.06 25.61
N LYS C 111 11.08 3.04 24.83
CA LYS C 111 12.01 2.37 23.94
C LYS C 111 12.73 3.39 23.05
N TYR C 112 11.96 4.30 22.43
CA TYR C 112 12.51 5.33 21.54
C TYR C 112 13.63 6.16 22.19
N GLU C 113 13.43 6.50 23.47
CA GLU C 113 14.44 7.17 24.29
C GLU C 113 15.63 6.24 24.61
N LEU C 114 15.33 4.95 24.76
CA LEU C 114 16.34 3.93 25.08
C LEU C 114 17.27 3.62 23.90
N ASP C 115 16.68 3.43 22.71
CA ASP C 115 17.44 3.11 21.49
C ASP C 115 18.25 4.31 20.99
N LYS C 116 18.14 5.45 21.67
CA LYS C 116 18.86 6.66 21.28
C LYS C 116 20.37 6.51 21.56
N ALA C 117 21.19 7.21 20.79
CA ALA C 117 22.64 7.12 20.93
C ALA C 117 23.20 8.13 21.96
N PHE C 118 24.30 7.74 22.60
CA PHE C 118 25.13 8.66 23.41
C PHE C 118 25.60 9.87 22.60
N SER C 119 25.54 9.71 21.28
CA SER C 119 25.89 10.75 20.33
C SER C 119 24.97 11.97 20.46
N ASP C 120 23.65 11.72 20.55
CA ASP C 120 22.65 12.81 20.66
C ASP C 120 21.39 12.50 21.50
N ARG C 121 21.54 12.66 22.81
CA ARG C 121 20.43 12.50 23.77
C ARG C 121 20.52 13.58 24.86
N ASN C 122 20.19 14.82 24.51
CA ASN C 122 20.22 15.92 25.47
C ASN C 122 18.89 16.24 26.17
N THR C 123 17.78 15.72 25.66
CA THR C 123 16.53 15.74 26.43
C THR C 123 16.12 14.30 26.79
N LEU C 124 15.13 14.18 27.68
CA LEU C 124 14.74 12.89 28.21
C LEU C 124 13.47 13.05 29.04
N ILE C 125 12.57 12.06 28.95
CA ILE C 125 11.32 12.09 29.69
C ILE C 125 11.11 10.82 30.53
N ILE C 126 11.01 10.97 31.84
CA ILE C 126 10.64 9.87 32.71
C ILE C 126 9.17 10.05 33.05
N TYR C 127 8.38 9.01 32.77
CA TYR C 127 6.97 9.01 33.08
C TYR C 127 6.80 8.35 34.43
N LEU C 128 5.97 8.95 35.26
CA LEU C 128 5.69 8.44 36.60
C LEU C 128 4.23 8.05 36.67
N ASP C 129 3.97 6.83 37.13
CA ASP C 129 2.61 6.32 37.29
C ASP C 129 1.85 7.15 38.32
N LYS C 130 2.58 7.74 39.27
CA LYS C 130 1.99 8.58 40.32
C LYS C 130 3.02 9.43 41.05
N VAL C 131 2.54 10.32 41.93
CA VAL C 131 3.38 11.13 42.84
C VAL C 131 2.46 11.88 43.83
N SER C 132 2.58 11.61 45.14
CA SER C 132 1.68 12.22 46.16
C SER C 132 2.31 13.41 46.89
N HIS C 133 2.32 13.38 48.23
CA HIS C 133 3.14 14.29 49.05
C HIS C 133 3.45 13.76 50.44
N SER C 134 2.83 12.63 50.78
CA SER C 134 3.14 11.93 52.02
C SER C 134 4.65 12.06 52.27
N GLU C 135 5.43 11.73 51.25
CA GLU C 135 6.89 11.90 51.29
C GLU C 135 7.34 12.73 50.08
N ASP C 136 8.57 12.49 49.64
CA ASP C 136 9.07 12.89 48.34
C ASP C 136 9.34 11.60 47.58
N ASP C 137 8.90 11.53 46.32
CA ASP C 137 9.34 10.48 45.43
C ASP C 137 10.61 10.97 44.77
N CYS C 138 11.71 10.28 45.06
CA CYS C 138 13.02 10.71 44.62
C CYS C 138 13.68 9.71 43.69
N LEU C 139 14.36 10.23 42.68
CA LEU C 139 15.16 9.39 41.81
C LEU C 139 16.48 10.07 41.50
N ALA C 140 17.41 9.29 40.97
CA ALA C 140 18.74 9.78 40.64
C ALA C 140 19.36 8.92 39.57
N PHE C 141 20.14 9.55 38.70
CA PHE C 141 20.92 8.81 37.72
C PHE C 141 22.26 9.47 37.41
N LYS C 142 23.15 8.69 36.82
CA LYS C 142 24.47 9.14 36.47
C LYS C 142 24.42 9.88 35.15
N VAL C 143 25.03 11.07 35.14
CA VAL C 143 25.18 11.85 33.92
C VAL C 143 26.67 11.96 33.59
N HIS C 144 27.02 11.47 32.40
CA HIS C 144 28.42 11.45 31.95
C HIS C 144 28.71 12.59 30.98
N GLN C 145 29.82 13.29 31.21
CA GLN C 145 30.28 14.30 30.26
C GLN C 145 31.01 13.64 29.10
N TYR C 146 30.68 14.04 27.87
CA TYR C 146 31.28 13.44 26.68
C TYR C 146 31.85 14.47 25.71
N PHE C 147 31.81 15.74 26.09
CA PHE C 147 32.15 16.84 25.18
C PHE C 147 32.58 18.02 26.04
N ASN C 148 33.88 18.16 26.24
CA ASN C 148 34.41 19.21 27.11
C ASN C 148 34.45 20.57 26.43
N VAL C 149 33.39 21.35 26.64
CA VAL C 149 33.30 22.73 26.17
C VAL C 149 33.23 23.69 27.38
N GLU C 150 33.66 24.93 27.19
CA GLU C 150 33.66 25.92 28.28
C GLU C 150 32.26 26.38 28.66
N LEU C 151 32.16 27.13 29.77
CA LEU C 151 30.89 27.73 30.24
C LEU C 151 29.89 26.70 30.79
N ILE C 152 29.32 25.91 29.88
CA ILE C 152 28.28 24.90 30.14
C ILE C 152 26.97 25.42 30.74
N GLN C 153 25.89 25.08 30.04
CA GLN C 153 24.58 25.62 30.31
C GLN C 153 23.77 24.76 31.30
N PRO C 154 23.15 25.41 32.31
CA PRO C 154 22.26 24.72 33.22
C PRO C 154 21.32 23.76 32.52
N GLY C 155 21.08 22.61 33.15
CA GLY C 155 20.01 21.72 32.75
C GLY C 155 18.73 22.23 33.39
N ALA C 156 17.64 21.49 33.19
CA ALA C 156 16.35 21.85 33.76
C ALA C 156 15.46 20.63 33.93
N VAL C 157 14.63 20.67 34.96
CA VAL C 157 13.65 19.62 35.22
C VAL C 157 12.26 20.25 35.32
N LYS C 158 11.26 19.61 34.71
CA LYS C 158 9.89 20.09 34.77
C LYS C 158 8.97 18.95 35.16
N VAL C 159 8.07 19.18 36.13
CA VAL C 159 7.03 18.20 36.47
C VAL C 159 5.66 18.74 36.18
N TYR C 160 4.73 17.82 35.95
CA TYR C 160 3.33 18.14 35.81
C TYR C 160 2.57 16.83 35.64
N ALA C 161 1.25 16.88 35.78
CA ALA C 161 0.38 15.76 35.43
C ALA C 161 0.00 15.86 33.95
N TYR C 162 -0.27 14.71 33.33
CA TYR C 162 -0.60 14.67 31.91
C TYR C 162 -1.76 15.63 31.53
N TYR C 163 -2.73 15.78 32.42
CA TYR C 163 -3.97 16.49 32.11
C TYR C 163 -3.96 17.98 32.42
N ASN C 164 -2.85 18.49 32.96
CA ASN C 164 -2.68 19.93 33.14
C ASN C 164 -1.21 20.33 33.09
N LEU C 165 -0.85 21.02 32.02
CA LEU C 165 0.52 21.43 31.75
C LEU C 165 0.85 22.73 32.44
N GLU C 166 -0.15 23.58 32.62
CA GLU C 166 0.06 24.89 33.24
C GLU C 166 0.56 24.73 34.67
N GLU C 167 -0.13 23.89 35.42
CA GLU C 167 0.21 23.61 36.79
C GLU C 167 1.46 22.72 36.82
N SER C 168 2.62 23.36 36.86
CA SER C 168 3.88 22.62 36.80
C SER C 168 4.96 23.24 37.68
N CYS C 169 6.06 22.51 37.85
CA CYS C 169 7.20 23.05 38.55
C CYS C 169 8.49 22.77 37.79
N THR C 170 9.32 23.80 37.68
CA THR C 170 10.59 23.72 36.96
C THR C 170 11.77 24.25 37.79
N ARG C 171 12.70 23.36 38.11
CA ARG C 171 13.96 23.74 38.74
C ARG C 171 15.14 23.47 37.80
N PHE C 172 16.07 24.43 37.75
CA PHE C 172 17.29 24.33 36.93
C PHE C 172 18.48 23.85 37.76
N TYR C 173 19.37 23.06 37.16
CA TYR C 173 20.53 22.57 37.89
C TYR C 173 21.87 22.89 37.23
N HIS C 174 22.89 23.08 38.06
CA HIS C 174 24.25 23.45 37.60
C HIS C 174 25.29 23.22 38.71
N PRO C 175 26.50 22.76 38.34
CA PRO C 175 27.56 22.53 39.35
C PRO C 175 28.12 23.79 40.04
N GLU C 176 28.42 24.82 39.26
CA GLU C 176 29.08 26.02 39.79
C GLU C 176 28.13 27.17 40.18
N LYS C 177 26.82 26.93 40.15
CA LYS C 177 25.86 28.02 40.37
C LYS C 177 24.79 27.65 41.38
N GLU C 178 24.34 26.40 41.31
CA GLU C 178 23.33 25.83 42.23
C GLU C 178 22.03 26.60 42.21
N ASP C 179 20.93 25.86 42.05
CA ASP C 179 19.63 26.44 41.75
C ASP C 179 19.63 26.93 40.30
N GLY C 180 20.81 26.86 39.67
CA GLY C 180 20.94 26.96 38.23
C GLY C 180 20.83 28.36 37.68
N LYS C 181 20.65 29.35 38.54
CA LYS C 181 20.39 30.71 38.09
C LYS C 181 21.56 31.34 37.36
N LEU C 182 21.28 31.98 36.23
CA LEU C 182 22.32 32.65 35.46
C LEU C 182 22.70 33.94 36.14
N ASN C 183 23.99 34.24 36.13
CA ASN C 183 24.53 35.42 36.80
C ASN C 183 23.88 36.73 36.36
N LYS C 184 22.86 37.17 37.09
CA LYS C 184 22.28 38.49 36.83
C LYS C 184 22.45 39.40 38.05
N LEU C 185 22.26 40.70 37.83
CA LEU C 185 22.59 41.69 38.85
C LEU C 185 21.43 42.67 39.03
N CYS C 186 20.49 42.35 39.93
CA CYS C 186 19.27 43.14 40.10
C CYS C 186 19.17 43.99 41.37
N ARG C 187 18.76 45.25 41.22
CA ARG C 187 18.31 46.08 42.36
C ARG C 187 16.93 46.69 42.11
N ASP C 188 16.08 46.63 43.14
CA ASP C 188 14.69 47.09 43.06
C ASP C 188 13.81 46.27 42.15
N GLU C 189 13.99 46.45 40.84
CA GLU C 189 13.06 45.91 39.88
C GLU C 189 13.73 45.31 38.65
N LEU C 190 14.95 45.75 38.35
CA LEU C 190 15.56 45.43 37.06
C LEU C 190 16.96 44.81 37.13
N CYS C 191 17.25 43.91 36.20
CA CYS C 191 18.50 43.13 36.17
C CYS C 191 19.42 43.48 35.02
N ARG C 192 20.66 43.01 35.13
CA ARG C 192 21.65 43.09 34.09
C ARG C 192 22.28 41.72 33.93
N CYS C 193 22.61 41.37 32.69
CA CYS C 193 23.32 40.13 32.44
C CYS C 193 24.79 40.22 32.88
N ALA C 194 25.08 39.53 33.99
CA ALA C 194 26.44 39.47 34.53
C ALA C 194 27.23 38.31 33.93
N GLU C 195 26.52 37.42 33.22
CA GLU C 195 27.18 36.36 32.47
C GLU C 195 27.95 37.01 31.32
N GLU C 196 29.24 37.17 31.53
CA GLU C 196 30.15 37.87 30.65
C GLU C 196 31.48 38.01 31.39
N ASN C 197 32.51 38.49 30.68
CA ASN C 197 33.83 38.71 31.25
C ASN C 197 33.80 39.68 32.43
N CYS C 198 34.67 39.41 33.41
CA CYS C 198 34.76 40.21 34.63
C CYS C 198 35.17 41.66 34.38
N PHE C 199 36.04 41.85 33.39
CA PHE C 199 36.63 43.16 33.03
C PHE C 199 37.63 42.92 31.89
N ILE C 200 37.89 43.94 31.06
CA ILE C 200 38.88 43.84 29.97
C ILE C 200 40.02 42.94 30.41
N GLN C 201 40.23 41.85 29.68
CA GLN C 201 41.06 40.76 30.17
C GLN C 201 42.57 40.81 29.85
N LYS C 202 43.37 40.61 30.89
CA LYS C 202 44.85 40.59 30.85
C LYS C 202 45.49 41.52 29.81
N ASP C 205 49.60 41.62 30.32
CA ASP C 205 50.82 40.82 30.26
C ASP C 205 51.99 41.64 29.71
N LYS C 206 51.73 42.35 28.60
CA LYS C 206 52.68 43.30 28.04
C LYS C 206 52.22 44.74 28.27
N VAL C 207 50.90 44.95 28.14
CA VAL C 207 50.24 46.26 28.24
C VAL C 207 51.10 47.47 27.83
N THR C 208 51.51 47.48 26.56
CA THR C 208 52.34 48.55 26.00
C THR C 208 51.57 49.87 25.94
N LEU C 209 52.30 50.98 25.76
CA LEU C 209 51.71 52.31 25.79
C LEU C 209 50.66 52.51 24.71
N GLU C 210 50.96 52.08 23.48
CA GLU C 210 49.96 52.04 22.41
C GLU C 210 48.72 51.34 22.93
N GLU C 211 48.88 50.07 23.31
CA GLU C 211 47.76 49.22 23.76
C GLU C 211 46.84 49.92 24.77
N ARG C 212 47.38 50.80 25.59
CA ARG C 212 46.58 51.59 26.52
C ARG C 212 46.01 52.83 25.86
N LEU C 213 46.89 53.62 25.21
CA LEU C 213 46.47 54.84 24.52
C LEU C 213 45.40 54.58 23.45
N ASP C 214 45.53 53.45 22.76
CA ASP C 214 44.58 53.07 21.72
C ASP C 214 43.23 52.66 22.30
N LYS C 215 43.24 51.69 23.22
CA LYS C 215 42.02 51.03 23.72
C LYS C 215 41.08 51.94 24.53
N ALA C 216 41.57 53.12 24.90
CA ALA C 216 40.76 54.09 25.66
C ALA C 216 40.20 55.23 24.78
N CYS C 217 40.10 54.98 23.48
CA CYS C 217 39.47 55.90 22.53
C CYS C 217 38.68 55.09 21.51
N GLU C 218 37.88 54.16 22.02
CA GLU C 218 37.11 53.27 21.18
C GLU C 218 35.68 53.83 21.00
N PRO C 219 34.62 52.98 21.14
CA PRO C 219 33.28 53.56 21.04
C PRO C 219 32.92 54.50 22.19
N GLY C 220 32.22 53.98 23.20
CA GLY C 220 31.69 54.79 24.29
C GLY C 220 32.54 54.85 25.54
N VAL C 221 33.86 54.96 25.38
CA VAL C 221 34.76 55.20 26.52
C VAL C 221 34.47 56.59 27.09
N ASP C 222 33.68 56.61 28.16
CA ASP C 222 33.06 57.82 28.70
C ASP C 222 33.84 58.42 29.87
N TYR C 223 34.67 57.61 30.53
CA TYR C 223 35.45 58.06 31.70
C TYR C 223 36.77 57.32 31.92
N VAL C 224 37.74 58.04 32.48
CA VAL C 224 39.04 57.48 32.85
C VAL C 224 39.50 58.11 34.17
N TYR C 225 39.48 57.31 35.24
CA TYR C 225 39.85 57.79 36.57
C TYR C 225 41.06 57.07 37.17
N LYS C 226 41.86 57.86 37.90
CA LYS C 226 42.76 57.34 38.94
C LYS C 226 41.97 57.34 40.24
N THR C 227 41.97 56.23 40.95
CA THR C 227 41.10 56.07 42.11
C THR C 227 41.79 55.42 43.30
N ARG C 228 41.60 55.97 44.49
CA ARG C 228 41.97 55.26 45.72
C ARG C 228 40.73 54.53 46.21
N LEU C 229 40.90 53.28 46.61
CA LEU C 229 39.77 52.46 47.07
C LEU C 229 39.54 52.66 48.57
N VAL C 230 38.35 53.19 48.90
CA VAL C 230 38.09 53.69 50.25
C VAL C 230 37.30 52.72 51.13
N LYS C 231 36.67 51.74 50.53
CA LYS C 231 35.98 50.70 51.30
C LYS C 231 35.41 49.63 50.39
N VAL C 232 35.51 48.39 50.85
CA VAL C 232 35.20 47.20 50.07
C VAL C 232 34.07 46.44 50.73
N GLN C 233 32.85 46.86 50.46
CA GLN C 233 31.68 46.23 51.07
C GLN C 233 31.26 44.94 50.37
N LEU C 234 31.90 43.85 50.75
CA LEU C 234 31.55 42.51 50.27
C LEU C 234 30.10 42.17 50.62
N SER C 235 29.58 41.15 49.97
CA SER C 235 28.26 40.59 50.26
C SER C 235 28.11 39.31 49.46
N ASN C 236 26.99 38.61 49.65
CA ASN C 236 26.68 37.42 48.87
C ASN C 236 26.35 37.74 47.41
N ASP C 237 25.20 38.37 47.16
CA ASP C 237 24.70 38.64 45.80
C ASP C 237 25.61 39.52 44.90
N PHE C 238 25.81 40.79 45.28
CA PHE C 238 26.73 41.67 44.53
C PHE C 238 27.72 42.49 45.39
N ASP C 239 28.97 42.58 44.91
CA ASP C 239 30.03 43.34 45.58
C ASP C 239 29.91 44.85 45.42
N GLU C 240 30.73 45.57 46.17
CA GLU C 240 30.65 47.01 46.25
C GLU C 240 32.05 47.51 46.50
N TYR C 241 32.50 48.44 45.67
CA TYR C 241 33.82 49.01 45.82
C TYR C 241 33.69 50.51 45.78
N ILE C 242 33.84 51.16 46.92
CA ILE C 242 33.78 52.61 46.93
C ILE C 242 35.15 53.12 46.51
N MET C 243 35.22 53.57 45.25
CA MET C 243 36.43 54.21 44.75
C MET C 243 36.27 55.72 44.87
N ALA C 244 37.27 56.38 45.46
CA ALA C 244 37.32 57.84 45.49
C ALA C 244 38.19 58.33 44.35
N ILE C 245 37.60 59.15 43.48
CA ILE C 245 38.26 59.63 42.28
C ILE C 245 39.39 60.63 42.60
N GLU C 246 40.62 60.16 42.41
CA GLU C 246 41.82 60.94 42.70
C GLU C 246 42.07 62.04 41.66
N GLN C 247 41.67 61.76 40.42
CA GLN C 247 41.60 62.77 39.36
C GLN C 247 40.78 62.25 38.19
N THR C 248 40.17 63.18 37.46
CA THR C 248 39.48 62.86 36.22
C THR C 248 40.45 63.06 35.06
N ILE C 249 40.86 61.95 34.45
CA ILE C 249 41.73 61.97 33.28
C ILE C 249 40.86 62.25 32.04
N LYS C 250 39.75 61.53 31.93
CA LYS C 250 38.71 61.88 30.98
C LYS C 250 37.36 61.93 31.68
N SER C 251 36.75 63.11 31.71
CA SER C 251 35.42 63.29 32.27
C SER C 251 34.40 62.82 31.24
N GLY C 252 33.14 63.22 31.39
CA GLY C 252 32.12 62.82 30.43
C GLY C 252 30.71 62.91 30.96
N SER C 253 29.91 61.87 30.69
CA SER C 253 28.47 61.86 30.98
C SER C 253 28.13 61.92 32.48
N ASP C 254 29.13 62.26 33.30
CA ASP C 254 28.95 62.32 34.74
C ASP C 254 29.92 63.33 35.35
N GLU C 255 29.40 64.48 35.77
CA GLU C 255 30.23 65.58 36.31
C GLU C 255 30.75 65.28 37.72
N VAL C 256 31.66 64.31 37.82
CA VAL C 256 32.24 63.95 39.12
C VAL C 256 33.44 64.83 39.44
N GLN C 257 33.44 65.41 40.64
CA GLN C 257 34.49 66.32 41.06
C GLN C 257 35.53 65.57 41.88
N VAL C 258 36.79 66.02 41.79
CA VAL C 258 37.92 65.37 42.47
C VAL C 258 37.75 65.41 43.99
N GLY C 259 37.99 64.28 44.64
CA GLY C 259 37.76 64.14 46.08
C GLY C 259 36.46 63.39 46.36
N GLN C 260 35.54 63.43 45.39
CA GLN C 260 34.27 62.74 45.50
C GLN C 260 34.41 61.22 45.34
N GLN C 261 33.49 60.47 45.94
CA GLN C 261 33.53 59.03 45.95
C GLN C 261 32.43 58.47 45.04
N ARG C 262 32.74 57.40 44.31
CA ARG C 262 31.76 56.69 43.49
C ARG C 262 31.79 55.18 43.71
N THR C 263 30.64 54.59 43.95
CA THR C 263 30.50 53.15 44.17
C THR C 263 30.66 52.34 42.86
N PHE C 264 31.41 51.25 42.91
CA PHE C 264 31.52 50.35 41.75
C PHE C 264 31.06 48.94 42.09
N ILE C 265 30.03 48.47 41.40
CA ILE C 265 29.50 47.10 41.58
C ILE C 265 30.18 46.10 40.66
N SER C 266 30.35 44.89 41.16
CA SER C 266 30.93 43.79 40.40
C SER C 266 30.36 42.50 40.95
N PRO C 267 30.11 41.50 40.07
CA PRO C 267 29.55 40.22 40.53
C PRO C 267 30.46 39.50 41.52
N ILE C 268 29.87 38.62 42.33
CA ILE C 268 30.61 37.86 43.35
C ILE C 268 31.65 36.94 42.72
N LYS C 269 31.33 36.38 41.56
CA LYS C 269 32.20 35.44 40.84
C LYS C 269 33.44 36.10 40.23
N CYS C 270 33.52 37.42 40.36
CA CYS C 270 34.66 38.21 39.89
C CYS C 270 35.63 38.58 41.02
N ARG C 271 35.16 38.50 42.26
CA ARG C 271 35.89 38.95 43.46
C ARG C 271 37.38 38.61 43.46
N GLU C 272 37.66 37.31 43.31
CA GLU C 272 39.01 36.79 43.40
C GLU C 272 39.86 37.16 42.18
N ALA C 273 39.18 37.33 41.04
CA ALA C 273 39.84 37.67 39.79
C ALA C 273 40.26 39.15 39.72
N LEU C 274 39.42 40.02 40.27
CA LEU C 274 39.76 41.44 40.43
C LEU C 274 40.81 41.62 41.52
N LYS C 275 40.59 40.93 42.65
CA LYS C 275 41.42 41.03 43.85
C LYS C 275 41.96 42.42 44.12
N LEU C 276 41.11 43.26 44.71
CA LEU C 276 41.46 44.63 45.06
C LEU C 276 41.69 44.74 46.56
N GLU C 277 42.31 45.84 47.00
CA GLU C 277 42.41 46.15 48.43
C GLU C 277 42.39 47.65 48.67
N GLU C 278 41.78 48.02 49.79
CA GLU C 278 41.65 49.42 50.24
C GLU C 278 42.99 50.14 50.25
N LYS C 279 42.94 51.46 50.38
CA LYS C 279 44.15 52.31 50.42
C LYS C 279 44.88 52.39 49.07
N LYS C 280 44.50 51.52 48.13
CA LYS C 280 45.26 51.37 46.88
C LYS C 280 44.65 52.08 45.66
N HIS C 281 45.54 52.54 44.76
CA HIS C 281 45.10 53.33 43.62
C HIS C 281 44.98 52.49 42.35
N TYR C 282 44.11 52.96 41.46
CA TYR C 282 43.69 52.22 40.27
C TYR C 282 43.52 53.09 39.02
N LEU C 283 43.35 52.37 37.89
CA LEU C 283 43.06 53.00 36.61
C LEU C 283 41.83 52.34 36.07
N MET C 284 40.87 53.14 35.61
CA MET C 284 39.55 52.60 35.22
C MET C 284 38.97 53.25 33.95
N TRP C 285 38.70 52.42 32.94
CA TRP C 285 38.00 52.84 31.71
C TRP C 285 36.50 52.91 32.00
N GLY C 286 35.73 52.09 31.30
CA GLY C 286 34.28 52.06 31.47
C GLY C 286 33.48 52.85 30.45
N LEU C 287 32.25 52.39 30.21
CA LEU C 287 31.30 52.98 29.25
C LEU C 287 30.22 53.84 29.92
N SER C 288 29.29 54.34 29.10
CA SER C 288 28.13 55.09 29.58
C SER C 288 26.99 54.14 29.93
N SER C 289 26.94 53.01 29.22
CA SER C 289 25.93 51.97 29.44
C SER C 289 26.19 51.15 30.71
N ASP C 290 27.16 51.61 31.51
CA ASP C 290 27.60 50.90 32.70
C ASP C 290 27.07 51.51 34.00
N PHE C 291 26.42 52.67 33.90
CA PHE C 291 25.86 53.35 35.06
C PHE C 291 24.66 52.62 35.63
N TRP C 292 24.22 53.05 36.81
CA TRP C 292 23.23 52.32 37.60
C TRP C 292 22.50 53.28 38.55
N GLY C 293 21.27 53.66 38.20
CA GLY C 293 20.48 54.63 38.97
C GLY C 293 20.61 56.05 38.45
N GLU C 294 19.66 56.92 38.83
CA GLU C 294 19.59 58.29 38.32
C GLU C 294 20.56 59.24 39.03
N LYS C 295 20.95 60.30 38.33
CA LYS C 295 21.69 61.43 38.92
C LYS C 295 20.96 61.98 40.17
N PRO C 296 21.72 62.49 41.17
CA PRO C 296 23.18 62.57 41.30
C PRO C 296 23.82 61.29 41.85
N ASN C 297 22.99 60.26 42.01
CA ASN C 297 23.39 59.04 42.68
C ASN C 297 23.67 57.93 41.68
N LEU C 298 24.64 58.18 40.79
CA LEU C 298 24.95 57.28 39.67
C LEU C 298 26.03 56.22 39.97
N SER C 299 25.60 55.02 40.35
CA SER C 299 26.52 53.89 40.59
C SER C 299 27.12 53.36 39.29
N TYR C 300 28.40 53.00 39.33
CA TYR C 300 29.08 52.42 38.17
C TYR C 300 29.08 50.90 38.24
N ILE C 301 29.07 50.24 37.08
CA ILE C 301 29.17 48.78 37.03
C ILE C 301 30.45 48.35 36.34
N ILE C 302 31.12 47.35 36.90
CA ILE C 302 32.26 46.74 36.23
C ILE C 302 31.76 45.55 35.43
N GLY C 303 32.01 45.59 34.12
CA GLY C 303 31.72 44.45 33.26
C GLY C 303 32.84 44.20 32.26
N LYS C 304 32.60 43.27 31.35
CA LYS C 304 33.53 42.91 30.27
C LYS C 304 34.23 44.08 29.57
N ASP C 305 33.62 45.25 29.59
CA ASP C 305 34.12 46.40 28.84
C ASP C 305 34.94 47.40 29.66
N THR C 306 35.08 47.15 30.96
CA THR C 306 35.82 48.04 31.88
C THR C 306 37.29 47.63 32.03
N TRP C 307 38.19 48.60 32.07
CA TRP C 307 39.59 48.30 32.37
C TRP C 307 39.89 48.65 33.81
N VAL C 308 40.25 47.63 34.59
CA VAL C 308 40.72 47.82 35.97
C VAL C 308 42.20 47.45 36.08
N GLU C 309 43.02 48.39 36.52
CA GLU C 309 44.44 48.12 36.63
C GLU C 309 45.03 48.61 37.94
N HIS C 310 45.74 47.69 38.62
CA HIS C 310 46.47 48.03 39.83
C HIS C 310 47.49 49.13 39.52
N TRP C 311 47.40 50.23 40.29
CA TRP C 311 48.38 51.32 40.18
C TRP C 311 49.30 51.31 41.43
N PRO C 312 50.61 51.02 41.22
CA PRO C 312 51.62 51.12 42.29
C PRO C 312 51.67 52.50 42.96
N GLU C 313 51.94 52.47 44.30
CA GLU C 313 51.91 53.68 45.11
C GLU C 313 53.07 54.60 44.71
N GLU C 314 53.12 55.80 45.28
CA GLU C 314 54.15 56.80 44.91
C GLU C 314 55.59 56.33 45.09
N ASP C 315 55.92 55.95 46.33
CA ASP C 315 57.28 55.53 46.69
C ASP C 315 57.65 54.16 46.13
N GLU C 316 56.63 53.30 45.94
CA GLU C 316 56.82 51.93 45.46
C GLU C 316 57.17 51.89 43.94
N CYS C 317 57.09 53.08 43.28
CA CYS C 317 57.47 53.19 41.88
C CYS C 317 58.95 52.85 41.65
N GLN C 318 59.81 53.29 42.56
CA GLN C 318 61.23 53.02 42.45
C GLN C 318 61.57 51.58 42.85
N ASP C 319 61.28 50.66 41.93
CA ASP C 319 61.61 49.25 42.12
C ASP C 319 61.84 48.61 40.76
N GLU C 320 62.83 47.73 40.67
CA GLU C 320 63.19 47.09 39.41
C GLU C 320 62.22 45.98 39.00
N GLU C 321 60.95 46.13 39.40
CA GLU C 321 59.88 45.21 39.05
C GLU C 321 58.61 45.96 38.71
N ASN C 322 58.57 47.23 39.14
CA ASN C 322 57.44 48.11 38.88
C ASN C 322 57.87 49.32 38.05
N GLN C 323 59.09 49.24 37.53
CA GLN C 323 59.74 50.33 36.81
C GLN C 323 58.95 50.81 35.58
N LYS C 324 58.61 49.86 34.72
CA LYS C 324 58.06 50.14 33.40
C LYS C 324 56.63 50.63 33.48
N GLN C 325 55.82 49.89 34.23
CA GLN C 325 54.40 50.18 34.43
C GLN C 325 54.14 51.58 35.00
N CYS C 326 54.94 51.95 36.02
CA CYS C 326 54.85 53.27 36.66
C CYS C 326 55.12 54.41 35.69
N GLN C 327 56.11 54.22 34.83
CA GLN C 327 56.52 55.20 33.83
C GLN C 327 55.44 55.33 32.76
N ASP C 328 54.95 54.19 32.28
CA ASP C 328 53.92 54.15 31.24
C ASP C 328 52.57 54.71 31.69
N LEU C 329 52.12 54.33 32.89
CA LEU C 329 50.88 54.88 33.46
C LEU C 329 50.99 56.39 33.68
N GLY C 330 52.21 56.85 33.95
CA GLY C 330 52.49 58.28 34.05
C GLY C 330 52.44 58.94 32.69
N ALA C 331 53.04 58.28 31.70
CA ALA C 331 53.02 58.76 30.32
C ALA C 331 51.61 58.80 29.74
N PHE C 332 50.81 57.79 30.08
CA PHE C 332 49.41 57.67 29.66
C PHE C 332 48.60 58.89 30.07
N THR C 333 48.85 59.38 31.29
CA THR C 333 48.06 60.47 31.86
C THR C 333 48.28 61.78 31.12
N GLU C 334 49.54 62.14 30.90
CA GLU C 334 49.92 63.41 30.28
C GLU C 334 49.43 63.53 28.85
N SER C 335 49.49 62.41 28.11
CA SER C 335 49.02 62.34 26.73
C SER C 335 47.52 62.59 26.65
N MET C 336 46.79 62.18 27.68
CA MET C 336 45.35 62.38 27.76
C MET C 336 44.99 63.80 28.18
N VAL C 337 45.81 64.37 29.07
CA VAL C 337 45.54 65.70 29.61
C VAL C 337 45.91 66.82 28.61
N VAL C 338 47.19 66.86 28.22
CA VAL C 338 47.71 67.90 27.33
C VAL C 338 47.10 67.83 25.93
N PHE C 339 47.13 66.64 25.33
CA PHE C 339 46.57 66.45 23.99
C PHE C 339 45.05 66.29 24.01
N GLY C 340 44.58 65.24 24.67
CA GLY C 340 43.18 64.83 24.58
C GLY C 340 43.01 64.08 23.27
N CYS C 341 42.52 62.85 23.36
CA CYS C 341 42.37 61.94 22.21
C CYS C 341 42.29 62.69 20.89
N PRO C 342 43.40 62.69 20.11
CA PRO C 342 43.49 63.44 18.84
C PRO C 342 42.57 62.89 17.74
N ASN C 343 41.44 62.30 18.14
CA ASN C 343 40.42 61.76 17.23
C ASN C 343 39.86 62.80 16.27
N GLY D 1 -31.29 6.76 -22.35
CA GLY D 1 -31.09 7.19 -20.94
C GLY D 1 -29.70 7.77 -20.72
N ARG D 2 -29.47 8.32 -19.53
CA ARG D 2 -28.19 8.93 -19.17
C ARG D 2 -27.23 7.86 -18.59
N PRO D 3 -25.92 8.16 -18.53
CA PRO D 3 -24.89 7.17 -18.13
C PRO D 3 -25.06 6.70 -16.71
N ILE D 4 -24.35 5.62 -16.36
CA ILE D 4 -24.56 4.89 -15.10
C ILE D 4 -23.24 4.50 -14.44
N LEU D 5 -23.09 4.86 -13.17
CA LEU D 5 -21.84 4.63 -12.45
C LEU D 5 -21.87 3.32 -11.69
N GLU D 6 -20.73 2.62 -11.71
CA GLU D 6 -20.57 1.39 -10.96
C GLU D 6 -19.49 1.52 -9.90
N VAL D 7 -19.91 1.40 -8.63
CA VAL D 7 -19.03 1.55 -7.47
C VAL D 7 -19.45 0.55 -6.39
N PRO D 8 -18.50 -0.25 -5.87
CA PRO D 8 -18.76 -1.24 -4.82
C PRO D 8 -19.34 -0.61 -3.56
N GLU D 9 -20.25 -1.32 -2.87
CA GLU D 9 -20.84 -0.85 -1.63
C GLU D 9 -19.76 -0.57 -0.56
N SER D 10 -18.70 -1.38 -0.59
CA SER D 10 -17.60 -1.25 0.35
C SER D 10 -16.30 -1.72 -0.31
N VAL D 11 -15.17 -1.24 0.20
CA VAL D 11 -13.85 -1.74 -0.21
C VAL D 11 -13.01 -1.86 1.06
N THR D 12 -12.07 -2.82 1.06
CA THR D 12 -11.24 -3.07 2.24
C THR D 12 -9.80 -3.07 1.82
N GLY D 13 -8.92 -2.52 2.65
CA GLY D 13 -7.49 -2.40 2.33
C GLY D 13 -6.54 -2.63 3.50
N PRO D 14 -5.35 -3.17 3.20
CA PRO D 14 -4.29 -3.45 4.18
C PRO D 14 -3.71 -2.18 4.78
N TRP D 15 -3.74 -2.08 6.10
CA TRP D 15 -3.03 -1.03 6.83
C TRP D 15 -1.57 -0.89 6.33
N LYS D 16 -1.09 0.35 6.29
CA LYS D 16 0.24 0.65 5.76
C LYS D 16 0.44 0.30 4.28
N GLY D 17 -0.57 -0.31 3.66
CA GLY D 17 -0.48 -0.75 2.25
C GLY D 17 -1.25 0.07 1.23
N ASP D 18 -1.48 -0.49 0.04
CA ASP D 18 -2.27 0.16 -1.04
C ASP D 18 -3.70 -0.35 -1.12
N VAL D 19 -4.57 0.43 -1.77
CA VAL D 19 -5.97 0.05 -1.97
C VAL D 19 -6.52 0.70 -3.24
N ASN D 20 -7.57 0.11 -3.82
CA ASN D 20 -8.21 0.70 -5.00
C ASN D 20 -9.72 0.79 -4.82
N LEU D 21 -10.27 1.97 -5.11
CA LEU D 21 -11.70 2.16 -5.02
C LEU D 21 -12.18 2.27 -6.44
N PRO D 22 -12.87 1.23 -6.93
CA PRO D 22 -13.25 1.20 -8.33
C PRO D 22 -14.40 2.16 -8.58
N CYS D 23 -14.31 2.90 -9.68
CA CYS D 23 -15.41 3.72 -10.14
C CYS D 23 -15.39 3.71 -11.66
N THR D 24 -16.32 2.97 -12.26
CA THR D 24 -16.33 2.77 -13.73
C THR D 24 -17.71 2.99 -14.35
N TYR D 25 -17.71 3.44 -15.59
CA TYR D 25 -18.94 3.60 -16.38
C TYR D 25 -18.74 3.20 -17.85
N ASP D 26 -19.79 2.68 -18.48
CA ASP D 26 -19.81 2.48 -19.93
C ASP D 26 -20.18 3.80 -20.63
N PRO D 27 -19.26 4.32 -21.46
CA PRO D 27 -19.46 5.55 -22.24
C PRO D 27 -20.73 5.52 -23.11
N LEU D 28 -21.24 6.70 -23.47
CA LEU D 28 -22.42 6.82 -24.32
C LEU D 28 -22.31 8.01 -25.27
N GLN D 29 -23.04 7.95 -26.39
CA GLN D 29 -23.10 9.07 -27.33
C GLN D 29 -23.76 10.27 -26.69
N GLY D 30 -23.23 11.45 -27.01
CA GLY D 30 -23.77 12.73 -26.53
C GLY D 30 -23.46 13.01 -25.07
N TYR D 31 -22.44 12.31 -24.56
CA TYR D 31 -22.06 12.43 -23.16
C TYR D 31 -20.55 12.55 -23.02
N THR D 32 -20.03 13.74 -23.29
CA THR D 32 -18.64 14.08 -23.01
C THR D 32 -18.40 14.23 -21.50
N GLN D 33 -17.33 13.60 -21.01
CA GLN D 33 -16.90 13.79 -19.63
C GLN D 33 -16.16 15.12 -19.58
N VAL D 34 -16.61 15.98 -18.67
CA VAL D 34 -15.96 17.27 -18.49
C VAL D 34 -15.41 17.50 -17.09
N LEU D 35 -15.78 16.65 -16.13
CA LEU D 35 -15.29 16.78 -14.76
C LEU D 35 -15.34 15.48 -13.94
N VAL D 36 -14.24 15.12 -13.30
CA VAL D 36 -14.25 14.04 -12.32
C VAL D 36 -14.00 14.61 -10.91
N LYS D 37 -14.67 14.06 -9.91
CA LYS D 37 -14.56 14.62 -8.57
C LYS D 37 -14.66 13.52 -7.54
N TRP D 38 -13.69 13.46 -6.64
CA TRP D 38 -13.73 12.54 -5.52
C TRP D 38 -13.85 13.36 -4.22
N LEU D 39 -14.78 12.93 -3.37
CA LEU D 39 -15.01 13.57 -2.11
C LEU D 39 -14.77 12.56 -1.00
N VAL D 40 -14.42 13.02 0.19
CA VAL D 40 -14.37 12.16 1.33
C VAL D 40 -15.29 12.73 2.39
N GLN D 41 -16.08 11.86 3.01
CA GLN D 41 -17.05 12.26 4.00
C GLN D 41 -16.33 12.45 5.30
N ARG D 42 -15.83 13.66 5.52
CA ARG D 42 -15.28 14.07 6.82
C ARG D 42 -16.40 14.11 7.88
N GLY D 43 -16.74 12.91 8.36
CA GLY D 43 -17.83 12.69 9.31
C GLY D 43 -19.15 13.31 8.90
N SER D 44 -19.24 14.64 9.11
CA SER D 44 -20.46 15.42 8.86
C SER D 44 -20.98 15.30 7.43
N ASP D 45 -20.25 15.94 6.52
CA ASP D 45 -20.61 15.93 5.11
C ASP D 45 -19.58 16.64 4.23
N PRO D 46 -19.64 16.38 2.92
CA PRO D 46 -18.55 15.86 2.13
C PRO D 46 -17.56 16.92 1.70
N VAL D 47 -16.35 16.49 1.37
CA VAL D 47 -15.26 17.41 1.07
C VAL D 47 -14.36 16.93 -0.07
N THR D 48 -14.24 17.80 -1.07
CA THR D 48 -13.64 17.48 -2.34
C THR D 48 -12.18 17.19 -2.12
N ILE D 49 -11.73 15.99 -2.47
CA ILE D 49 -10.30 15.68 -2.34
C ILE D 49 -9.57 15.62 -3.66
N PHE D 50 -10.23 15.16 -4.72
CA PHE D 50 -9.59 15.09 -6.03
C PHE D 50 -10.43 15.85 -7.04
N LEU D 51 -9.82 16.24 -8.16
CA LEU D 51 -10.49 17.08 -9.14
C LEU D 51 -9.82 16.98 -10.49
N ARG D 52 -10.54 16.49 -11.51
CA ARG D 52 -9.98 16.40 -12.87
C ARG D 52 -10.79 17.18 -13.87
N ASP D 53 -10.11 17.98 -14.68
CA ASP D 53 -10.78 18.81 -15.69
C ASP D 53 -9.85 19.16 -16.83
N SER D 54 -10.34 19.95 -17.79
CA SER D 54 -9.50 20.43 -18.89
C SER D 54 -8.08 20.79 -18.49
N SER D 55 -7.92 21.41 -17.32
CA SER D 55 -6.60 21.84 -16.85
C SER D 55 -5.71 20.70 -16.38
N GLY D 56 -6.27 19.72 -15.66
CA GLY D 56 -5.50 18.57 -15.23
C GLY D 56 -6.00 17.92 -13.96
N ASP D 57 -5.06 17.33 -13.22
CA ASP D 57 -5.38 16.70 -11.93
C ASP D 57 -5.14 17.64 -10.72
N HIS D 58 -5.96 17.50 -9.68
CA HIS D 58 -5.92 18.45 -8.53
C HIS D 58 -6.23 17.83 -7.19
N ILE D 59 -5.24 17.83 -6.29
CA ILE D 59 -5.50 17.35 -4.94
C ILE D 59 -5.84 18.51 -4.03
N GLN D 60 -7.03 18.48 -3.45
CA GLN D 60 -7.57 19.65 -2.77
C GLN D 60 -7.54 19.54 -1.24
N GLN D 61 -6.81 18.54 -0.73
CA GLN D 61 -6.64 18.32 0.69
C GLN D 61 -5.29 17.68 0.93
N ALA D 62 -4.44 18.35 1.73
CA ALA D 62 -3.03 18.03 1.81
C ALA D 62 -2.65 16.66 2.35
N LYS D 63 -3.54 16.00 3.09
CA LYS D 63 -3.20 14.68 3.64
C LYS D 63 -3.16 13.59 2.57
N TYR D 64 -3.52 13.96 1.34
CA TYR D 64 -3.52 13.05 0.20
C TYR D 64 -2.41 13.30 -0.79
N GLN D 65 -1.69 14.41 -0.65
CA GLN D 65 -0.62 14.73 -1.58
C GLN D 65 0.43 13.63 -1.60
N GLY D 66 0.65 13.02 -2.77
CA GLY D 66 1.62 11.92 -2.90
C GLY D 66 1.01 10.54 -2.77
N ARG D 67 -0.04 10.41 -1.99
CA ARG D 67 -0.67 9.13 -1.77
C ARG D 67 -1.85 8.86 -2.72
N LEU D 68 -2.16 9.78 -3.63
CA LEU D 68 -3.44 9.69 -4.34
C LEU D 68 -3.30 9.70 -5.85
N HIS D 69 -4.01 8.79 -6.51
CA HIS D 69 -3.96 8.61 -7.96
C HIS D 69 -5.29 8.14 -8.48
N VAL D 70 -5.73 8.73 -9.60
CA VAL D 70 -6.98 8.33 -10.25
C VAL D 70 -6.73 7.84 -11.66
N SER D 71 -7.06 6.58 -11.91
CA SER D 71 -6.96 5.94 -13.22
C SER D 71 -7.35 6.88 -14.37
N HIS D 72 -6.70 6.75 -15.53
CA HIS D 72 -6.95 7.67 -16.63
C HIS D 72 -6.67 7.09 -18.02
N LYS D 73 -6.66 5.76 -18.13
CA LYS D 73 -6.32 5.09 -19.39
C LYS D 73 -7.56 4.75 -20.24
N VAL D 74 -8.28 3.71 -19.83
CA VAL D 74 -9.56 3.32 -20.44
C VAL D 74 -10.63 4.39 -20.19
N PRO D 75 -11.18 4.97 -21.27
CA PRO D 75 -12.33 5.86 -21.06
C PRO D 75 -13.44 5.10 -20.35
N GLY D 76 -13.87 5.62 -19.21
CA GLY D 76 -14.88 4.96 -18.39
C GLY D 76 -14.33 4.62 -17.02
N ASP D 77 -13.01 4.66 -16.88
CA ASP D 77 -12.37 4.31 -15.63
C ASP D 77 -11.80 5.53 -14.90
N VAL D 78 -12.46 5.90 -13.81
CA VAL D 78 -12.02 7.00 -12.96
C VAL D 78 -11.83 6.50 -11.51
N SER D 79 -11.33 5.29 -11.37
CA SER D 79 -11.11 4.68 -10.05
C SER D 79 -10.01 5.40 -9.28
N LEU D 80 -10.04 5.24 -7.96
CA LEU D 80 -9.13 5.98 -7.08
C LEU D 80 -8.20 5.06 -6.31
N GLN D 81 -6.92 5.39 -6.29
CA GLN D 81 -5.92 4.58 -5.59
C GLN D 81 -5.21 5.35 -4.49
N LEU D 82 -5.42 4.93 -3.24
CA LEU D 82 -4.63 5.46 -2.13
C LEU D 82 -3.46 4.55 -1.80
N SER D 83 -2.32 5.16 -1.50
CA SER D 83 -1.14 4.41 -1.08
C SER D 83 -0.80 4.71 0.39
N THR D 84 -0.22 3.72 1.05
CA THR D 84 0.20 3.81 2.46
C THR D 84 -0.97 4.13 3.41
N LEU D 85 -1.95 3.25 3.49
CA LEU D 85 -3.15 3.55 4.23
C LEU D 85 -2.92 3.83 5.70
N GLU D 86 -3.51 4.92 6.18
CA GLU D 86 -3.49 5.26 7.58
C GLU D 86 -4.84 4.93 8.14
N MET D 87 -4.92 4.66 9.43
CA MET D 87 -6.21 4.33 10.05
C MET D 87 -7.19 5.46 9.82
N ASP D 88 -6.64 6.67 9.74
CA ASP D 88 -7.43 7.89 9.53
C ASP D 88 -8.12 7.95 8.16
N ASP D 89 -7.67 7.11 7.21
CA ASP D 89 -8.30 7.03 5.90
C ASP D 89 -9.65 6.34 5.92
N ARG D 90 -9.90 5.54 6.95
CA ARG D 90 -11.19 4.89 7.13
C ARG D 90 -12.27 5.95 7.00
N SER D 91 -13.14 5.80 5.99
CA SER D 91 -14.17 6.80 5.71
C SER D 91 -14.97 6.47 4.45
N HIS D 92 -16.06 7.21 4.24
CA HIS D 92 -16.86 7.13 2.99
C HIS D 92 -16.31 8.01 1.86
N TYR D 93 -16.06 7.40 0.71
CA TYR D 93 -15.56 8.13 -0.49
C TYR D 93 -16.61 8.18 -1.60
N THR D 94 -16.74 9.35 -2.21
CA THR D 94 -17.77 9.59 -3.20
C THR D 94 -17.11 9.85 -4.52
N CYS D 95 -17.53 9.11 -5.53
CA CYS D 95 -17.07 9.28 -6.89
C CYS D 95 -18.17 10.02 -7.59
N GLU D 96 -17.83 11.08 -8.30
CA GLU D 96 -18.82 11.94 -8.94
C GLU D 96 -18.36 12.42 -10.33
N VAL D 97 -19.06 11.98 -11.35
CA VAL D 97 -18.72 12.33 -12.73
C VAL D 97 -19.79 13.23 -13.33
N THR D 98 -19.35 14.11 -14.23
CA THR D 98 -20.17 15.18 -14.80
C THR D 98 -20.00 15.20 -16.30
N TRP D 99 -21.08 14.95 -17.03
CA TRP D 99 -21.03 14.93 -18.50
C TRP D 99 -21.70 16.14 -19.11
N GLN D 100 -21.22 16.49 -20.29
CA GLN D 100 -21.82 17.54 -21.09
C GLN D 100 -22.59 16.94 -22.27
N THR D 101 -23.79 17.47 -22.48
CA THR D 101 -24.64 17.06 -23.60
C THR D 101 -24.54 18.13 -24.69
N PRO D 102 -24.52 17.71 -25.97
CA PRO D 102 -24.21 18.58 -27.14
C PRO D 102 -24.87 19.97 -27.12
N ASP D 103 -26.02 20.10 -26.48
CA ASP D 103 -26.72 21.39 -26.41
C ASP D 103 -26.05 22.35 -25.45
N GLY D 104 -25.46 21.81 -24.39
CA GLY D 104 -24.71 22.63 -23.46
C GLY D 104 -24.81 22.19 -22.01
N ASN D 105 -25.97 21.66 -21.64
CA ASN D 105 -26.26 21.39 -20.26
C ASN D 105 -25.40 20.27 -19.70
N GLN D 106 -25.21 20.28 -18.38
CA GLN D 106 -24.40 19.26 -17.73
C GLN D 106 -25.30 18.31 -16.97
N VAL D 107 -24.85 17.07 -16.80
CA VAL D 107 -25.58 16.11 -15.95
C VAL D 107 -24.61 15.40 -15.02
N VAL D 108 -25.10 15.08 -13.83
CA VAL D 108 -24.23 14.60 -12.75
C VAL D 108 -24.68 13.23 -12.25
N ARG D 109 -23.73 12.33 -12.02
CA ARG D 109 -24.01 11.06 -11.34
C ARG D 109 -22.91 10.81 -10.33
N ASP D 110 -23.26 10.22 -9.19
CA ASP D 110 -22.32 10.00 -8.09
C ASP D 110 -22.62 8.70 -7.39
N LYS D 111 -21.64 8.15 -6.68
CA LYS D 111 -21.87 6.93 -5.88
C LYS D 111 -20.93 6.86 -4.69
N ILE D 112 -21.41 6.36 -3.55
CA ILE D 112 -20.60 6.34 -2.32
C ILE D 112 -20.07 4.95 -1.97
N THR D 113 -18.75 4.83 -1.79
CA THR D 113 -18.18 3.60 -1.23
C THR D 113 -17.67 3.81 0.20
N GLU D 114 -17.78 2.78 1.04
CA GLU D 114 -17.25 2.83 2.42
C GLU D 114 -15.88 2.13 2.47
N LEU D 115 -14.81 2.91 2.56
CA LEU D 115 -13.46 2.34 2.68
C LEU D 115 -13.16 1.84 4.10
N ARG D 116 -12.68 0.60 4.18
CA ARG D 116 -12.26 -0.01 5.42
C ARG D 116 -10.77 -0.32 5.38
N VAL D 117 -10.13 -0.28 6.55
CA VAL D 117 -8.71 -0.55 6.67
C VAL D 117 -8.45 -1.66 7.68
N GLN D 118 -7.94 -2.78 7.20
CA GLN D 118 -7.68 -3.96 8.03
C GLN D 118 -6.25 -3.99 8.52
N LYS D 119 -6.09 -4.16 9.84
CA LYS D 119 -4.76 -4.25 10.44
C LYS D 119 -4.10 -5.61 10.14
N SER E 1 68.86 -7.77 15.60
CA SER E 1 67.78 -7.38 14.63
C SER E 1 66.39 -7.78 15.15
N PRO E 2 65.67 -6.81 15.77
CA PRO E 2 64.27 -7.01 16.12
C PRO E 2 63.35 -6.68 14.95
N MET E 3 62.63 -7.68 14.43
CA MET E 3 61.80 -7.53 13.24
C MET E 3 60.38 -7.06 13.59
N TYR E 4 59.78 -6.32 12.67
CA TYR E 4 58.42 -5.80 12.85
C TYR E 4 57.59 -5.99 11.58
N SER E 5 56.80 -7.07 11.55
CA SER E 5 56.04 -7.45 10.36
C SER E 5 54.55 -7.13 10.46
N ILE E 6 53.94 -6.87 9.31
CA ILE E 6 52.50 -6.60 9.24
C ILE E 6 51.86 -7.43 8.12
N ILE E 7 50.64 -7.91 8.38
CA ILE E 7 49.93 -8.75 7.42
C ILE E 7 48.47 -8.30 7.21
N THR E 8 48.08 -8.23 5.94
CA THR E 8 46.69 -8.04 5.55
C THR E 8 46.40 -8.82 4.28
N PRO E 9 45.12 -8.90 3.87
CA PRO E 9 44.80 -9.35 2.52
C PRO E 9 45.37 -8.45 1.41
N ASN E 10 45.39 -8.97 0.19
CA ASN E 10 45.67 -8.17 -1.01
C ASN E 10 44.74 -6.98 -1.13
N ILE E 11 43.43 -7.23 -1.10
CA ILE E 11 42.41 -6.19 -1.26
C ILE E 11 41.61 -6.03 0.03
N LEU E 12 41.53 -4.80 0.54
CA LEU E 12 40.73 -4.50 1.72
C LEU E 12 39.41 -3.91 1.24
N ARG E 13 38.30 -4.54 1.62
CA ARG E 13 36.97 -4.17 1.17
C ARG E 13 36.46 -2.85 1.78
N LEU E 14 35.46 -2.26 1.14
CA LEU E 14 34.79 -1.06 1.64
C LEU E 14 33.63 -1.38 2.59
N GLU E 15 33.60 -0.68 3.73
CA GLU E 15 32.49 -0.72 4.70
C GLU E 15 32.40 -1.96 5.62
N SER E 16 33.23 -2.97 5.37
CA SER E 16 33.17 -4.21 6.15
C SER E 16 34.50 -4.59 6.81
N GLU E 17 34.41 -5.39 7.88
CA GLU E 17 35.55 -5.65 8.77
C GLU E 17 36.60 -6.61 8.21
N GLU E 18 37.85 -6.21 8.33
CA GLU E 18 39.00 -7.00 7.87
C GLU E 18 40.00 -7.16 9.01
N THR E 19 40.50 -8.37 9.21
CA THR E 19 41.43 -8.65 10.31
C THR E 19 42.86 -8.19 9.98
N MET E 20 43.57 -7.74 11.00
CA MET E 20 44.92 -7.19 10.87
C MET E 20 45.87 -7.83 11.89
N VAL E 21 46.93 -8.46 11.39
CA VAL E 21 47.83 -9.20 12.25
C VAL E 21 49.08 -8.39 12.63
N LEU E 22 49.38 -8.36 13.93
CA LEU E 22 50.49 -7.57 14.46
C LEU E 22 51.57 -8.50 15.02
N GLU E 23 52.80 -8.35 14.53
CA GLU E 23 53.91 -9.23 14.92
C GLU E 23 55.24 -8.48 15.14
N ALA E 24 56.03 -9.00 16.07
CA ALA E 24 57.36 -8.48 16.40
C ALA E 24 58.27 -9.58 16.97
N HIS E 25 59.28 -9.96 16.19
CA HIS E 25 60.15 -11.08 16.56
C HIS E 25 61.45 -10.61 17.21
N ASP E 26 61.83 -11.27 18.31
CA ASP E 26 63.06 -10.99 19.09
C ASP E 26 63.01 -9.73 19.97
N ALA E 27 61.88 -9.02 19.97
CA ALA E 27 61.73 -7.79 20.75
C ALA E 27 61.37 -8.06 22.21
N GLN E 28 61.71 -7.10 23.09
CA GLN E 28 61.55 -7.27 24.54
C GLN E 28 60.52 -6.31 25.14
N GLY E 29 59.82 -6.78 26.18
CA GLY E 29 58.90 -5.94 26.96
C GLY E 29 57.61 -5.57 26.25
N ASP E 30 56.99 -4.48 26.70
CA ASP E 30 55.75 -3.97 26.13
C ASP E 30 56.01 -2.94 25.02
N VAL E 31 55.12 -2.90 24.03
CA VAL E 31 55.23 -1.95 22.91
C VAL E 31 53.86 -1.59 22.32
N PRO E 32 53.38 -0.35 22.56
CA PRO E 32 52.13 0.15 21.99
C PRO E 32 52.22 0.41 20.48
N VAL E 33 51.08 0.42 19.79
CA VAL E 33 51.02 0.60 18.33
C VAL E 33 49.90 1.57 17.93
N THR E 34 50.19 2.43 16.96
CA THR E 34 49.18 3.28 16.34
C THR E 34 49.10 2.95 14.85
N VAL E 35 47.94 2.45 14.44
CA VAL E 35 47.71 2.02 13.05
C VAL E 35 46.93 3.09 12.27
N THR E 36 47.42 3.45 11.10
CA THR E 36 46.81 4.50 10.28
C THR E 36 46.29 3.95 8.95
N VAL E 37 45.12 4.45 8.53
CA VAL E 37 44.55 4.11 7.24
C VAL E 37 44.48 5.37 6.36
N HIS E 38 45.15 5.30 5.21
CA HIS E 38 45.23 6.43 4.28
C HIS E 38 45.24 5.99 2.82
N ASP E 39 44.85 6.90 1.92
CA ASP E 39 44.77 6.61 0.48
C ASP E 39 46.09 6.86 -0.26
N PHE E 40 46.07 6.63 -1.57
CA PHE E 40 47.28 6.67 -2.40
C PHE E 40 46.95 7.11 -3.83
N PRO E 41 47.77 8.01 -4.41
CA PRO E 41 48.88 8.73 -3.79
C PRO E 41 48.43 10.09 -3.21
N GLY E 42 48.48 10.21 -1.89
CA GLY E 42 48.07 11.44 -1.21
C GLY E 42 47.41 11.18 0.13
N LYS E 43 47.64 12.09 1.08
CA LYS E 43 47.14 11.94 2.45
C LYS E 43 45.95 12.87 2.69
N LYS E 44 44.77 12.28 2.90
CA LYS E 44 43.54 13.07 3.03
C LYS E 44 42.68 12.69 4.25
N LEU E 45 43.08 11.61 4.95
CA LEU E 45 42.45 11.17 6.20
C LEU E 45 41.05 10.55 6.01
N VAL E 46 41.01 9.22 5.92
CA VAL E 46 39.74 8.47 5.83
C VAL E 46 39.27 7.99 7.21
N LEU E 47 39.95 6.98 7.76
CA LEU E 47 39.74 6.55 9.14
C LEU E 47 41.07 6.30 9.83
N SER E 48 41.82 7.40 10.03
CA SER E 48 43.06 7.36 10.81
C SER E 48 42.69 7.14 12.27
N SER E 49 42.54 5.87 12.64
CA SER E 49 42.03 5.51 13.97
C SER E 49 42.68 4.23 14.50
N GLU E 50 42.25 3.81 15.70
CA GLU E 50 42.61 2.53 16.32
C GLU E 50 44.03 2.43 16.90
N LYS E 51 44.12 1.96 18.13
CA LYS E 51 45.39 1.84 18.86
C LYS E 51 45.36 0.66 19.85
N THR E 52 46.51 0.03 20.07
CA THR E 52 46.63 -1.11 20.98
C THR E 52 48.02 -1.22 21.61
N VAL E 53 48.18 -2.14 22.57
CA VAL E 53 49.47 -2.40 23.22
C VAL E 53 49.79 -3.91 23.24
N LEU E 54 50.96 -4.28 22.74
CA LEU E 54 51.43 -5.67 22.77
C LEU E 54 51.88 -6.09 24.16
N THR E 55 51.96 -7.41 24.39
CA THR E 55 52.33 -7.97 25.69
C THR E 55 53.07 -9.32 25.58
N PRO E 56 54.09 -9.55 26.44
CA PRO E 56 54.77 -10.85 26.50
C PRO E 56 53.90 -11.96 27.09
N ALA E 57 52.64 -11.63 27.41
CA ALA E 57 51.66 -12.63 27.84
C ALA E 57 51.31 -13.55 26.67
N THR E 58 50.39 -13.12 25.81
CA THR E 58 50.17 -13.77 24.53
C THR E 58 51.32 -13.38 23.60
N ASN E 59 52.44 -14.09 23.75
CA ASN E 59 53.74 -13.74 23.16
C ASN E 59 53.67 -13.12 21.77
N HIS E 60 53.47 -11.80 21.74
CA HIS E 60 53.35 -10.98 20.53
C HIS E 60 52.30 -11.50 19.52
N MET E 61 51.03 -11.37 19.88
CA MET E 61 49.90 -11.73 19.01
C MET E 61 48.67 -10.89 19.34
N GLY E 62 48.15 -10.16 18.34
CA GLY E 62 47.02 -9.26 18.56
C GLY E 62 46.14 -9.00 17.34
N ASN E 63 44.85 -8.80 17.61
CA ASN E 63 43.85 -8.50 16.57
C ASN E 63 43.92 -7.04 16.08
N VAL E 64 42.87 -6.28 16.41
CA VAL E 64 42.56 -4.91 15.91
C VAL E 64 42.17 -4.84 14.43
N THR E 65 41.04 -4.16 14.16
CA THR E 65 40.46 -4.05 12.82
C THR E 65 40.05 -2.61 12.51
N PHE E 66 39.35 -2.41 11.39
CA PHE E 66 38.95 -1.06 10.93
C PHE E 66 37.86 -1.08 9.84
N THR E 67 37.25 0.08 9.61
CA THR E 67 36.16 0.24 8.65
C THR E 67 36.36 1.50 7.78
N ILE E 68 35.98 1.41 6.50
CA ILE E 68 36.13 2.53 5.55
C ILE E 68 34.78 2.96 4.95
N PRO E 69 34.40 4.25 5.11
CA PRO E 69 33.19 4.79 4.49
C PRO E 69 33.45 5.40 3.11
N ALA E 70 32.69 6.43 2.75
CA ALA E 70 32.87 7.13 1.48
C ALA E 70 34.12 8.02 1.50
N ARG E 80 38.86 2.83 -12.96
CA ARG E 80 39.98 3.76 -12.78
C ARG E 80 41.03 3.22 -11.80
N ASN E 81 40.56 2.49 -10.79
CA ASN E 81 41.37 1.91 -9.70
C ASN E 81 41.76 2.91 -8.60
N LYS E 82 41.34 2.62 -7.38
CA LYS E 82 41.73 3.42 -6.23
C LYS E 82 42.72 2.59 -5.39
N PHE E 83 43.35 3.21 -4.40
CA PHE E 83 44.32 2.53 -3.53
C PHE E 83 44.30 3.05 -2.09
N VAL E 84 44.85 2.25 -1.17
CA VAL E 84 45.07 2.68 0.21
C VAL E 84 46.45 2.30 0.75
N THR E 85 47.25 3.30 1.07
CA THR E 85 48.53 3.07 1.75
C THR E 85 48.29 2.96 3.25
N VAL E 86 48.38 1.74 3.76
CA VAL E 86 48.29 1.50 5.18
C VAL E 86 49.68 1.60 5.80
N GLN E 87 49.85 2.59 6.67
CA GLN E 87 51.11 2.75 7.38
C GLN E 87 50.93 2.34 8.83
N ALA E 88 51.62 1.28 9.22
CA ALA E 88 51.59 0.78 10.59
C ALA E 88 52.83 1.21 11.34
N THR E 89 52.74 2.36 12.01
CA THR E 89 53.85 2.88 12.81
C THR E 89 53.72 2.41 14.26
N PHE E 90 54.59 1.46 14.64
CA PHE E 90 54.69 0.96 16.01
C PHE E 90 55.08 2.09 16.96
N GLY E 91 55.74 3.11 16.42
CA GLY E 91 56.23 4.27 17.18
C GLY E 91 57.69 4.52 16.89
N THR E 92 58.51 3.49 17.12
CA THR E 92 59.95 3.56 16.90
C THR E 92 60.35 3.28 15.45
N GLN E 93 59.50 2.56 14.73
CA GLN E 93 59.78 2.18 13.34
C GLN E 93 58.57 2.43 12.43
N VAL E 94 58.82 2.56 11.13
CA VAL E 94 57.76 2.83 10.15
C VAL E 94 57.69 1.71 9.09
N VAL E 95 56.49 1.14 8.92
CA VAL E 95 56.23 0.09 7.93
C VAL E 95 54.96 0.44 7.13
N GLU E 96 55.08 0.42 5.81
CA GLU E 96 53.98 0.83 4.91
C GLU E 96 53.63 -0.21 3.84
N LYS E 97 52.33 -0.39 3.58
CA LYS E 97 51.87 -1.22 2.46
C LYS E 97 50.81 -0.50 1.62
N VAL E 98 51.00 -0.50 0.31
CA VAL E 98 50.05 0.10 -0.63
C VAL E 98 49.03 -0.97 -1.01
N VAL E 99 47.81 -0.82 -0.49
CA VAL E 99 46.77 -1.84 -0.63
C VAL E 99 45.69 -1.41 -1.60
N LEU E 100 45.29 -2.32 -2.47
CA LEU E 100 44.21 -2.09 -3.43
C LEU E 100 42.84 -2.12 -2.72
N VAL E 101 41.89 -1.38 -3.28
CA VAL E 101 40.55 -1.30 -2.70
C VAL E 101 39.50 -1.68 -3.72
N SER E 102 38.48 -2.40 -3.27
CA SER E 102 37.33 -2.74 -4.09
C SER E 102 36.08 -2.07 -3.55
N LEU E 103 35.29 -1.50 -4.45
CA LEU E 103 33.99 -0.92 -4.11
C LEU E 103 33.07 -2.02 -3.53
N GLN E 104 32.91 -3.10 -4.30
CA GLN E 104 32.10 -4.29 -3.99
C GLN E 104 31.57 -4.42 -2.56
N SER E 105 30.32 -4.02 -2.34
CA SER E 105 29.72 -3.98 -0.99
C SER E 105 29.27 -5.34 -0.45
N GLY E 106 29.30 -6.35 -1.33
CA GLY E 106 28.83 -7.70 -0.97
C GLY E 106 28.23 -8.41 -2.18
N TYR E 107 27.07 -9.02 -1.97
CA TYR E 107 26.36 -9.70 -3.06
C TYR E 107 24.87 -9.35 -3.07
N LEU E 108 24.23 -9.63 -4.19
CA LEU E 108 22.79 -9.51 -4.32
C LEU E 108 22.22 -10.76 -4.97
N PHE E 109 21.08 -11.20 -4.48
CA PHE E 109 20.43 -12.37 -5.04
C PHE E 109 18.97 -12.07 -5.32
N ILE E 110 18.56 -12.35 -6.56
CA ILE E 110 17.21 -12.06 -7.01
C ILE E 110 16.41 -13.36 -7.12
N GLN E 111 15.20 -13.33 -6.58
CA GLN E 111 14.33 -14.49 -6.65
C GLN E 111 13.00 -14.11 -7.27
N THR E 112 12.67 -14.79 -8.37
CA THR E 112 11.36 -14.61 -9.02
C THR E 112 10.46 -15.80 -8.66
N ASP E 113 9.19 -15.53 -8.36
CA ASP E 113 8.27 -16.60 -8.01
C ASP E 113 8.08 -17.65 -9.10
N LYS E 114 8.15 -17.21 -10.37
CA LYS E 114 8.05 -18.13 -11.52
C LYS E 114 9.26 -18.02 -12.45
N THR E 115 9.39 -18.97 -13.38
CA THR E 115 10.47 -18.95 -14.36
C THR E 115 9.98 -18.42 -15.70
N ILE E 116 8.66 -18.31 -15.83
CA ILE E 116 8.03 -18.00 -17.09
C ILE E 116 6.69 -17.38 -16.78
N TYR E 117 6.36 -16.30 -17.48
CA TYR E 117 5.13 -15.57 -17.22
C TYR E 117 4.38 -15.29 -18.53
N THR E 118 3.11 -14.89 -18.42
CA THR E 118 2.33 -14.50 -19.59
C THR E 118 1.98 -13.01 -19.53
N PRO E 119 1.82 -12.37 -20.71
CA PRO E 119 1.42 -10.96 -20.69
C PRO E 119 0.18 -10.81 -19.83
N GLY E 120 0.17 -9.76 -19.00
CA GLY E 120 -0.98 -9.48 -18.14
C GLY E 120 -0.75 -9.92 -16.72
N SER E 121 0.13 -10.91 -16.54
CA SER E 121 0.45 -11.40 -15.20
C SER E 121 1.52 -10.54 -14.50
N THR E 122 1.51 -10.56 -13.16
CA THR E 122 2.55 -9.88 -12.37
C THR E 122 3.77 -10.76 -12.11
N VAL E 123 4.96 -10.15 -12.20
CA VAL E 123 6.19 -10.74 -11.66
C VAL E 123 6.39 -10.36 -10.18
N LEU E 124 6.55 -11.37 -9.33
CA LEU E 124 6.93 -11.16 -7.94
C LEU E 124 8.40 -11.53 -7.78
N TYR E 125 9.15 -10.63 -7.19
CA TYR E 125 10.55 -10.90 -6.94
C TYR E 125 11.03 -10.32 -5.61
N ARG E 126 12.11 -10.90 -5.11
CA ARG E 126 12.74 -10.45 -3.90
C ARG E 126 14.21 -10.22 -4.19
N ILE E 127 14.78 -9.23 -3.53
CA ILE E 127 16.23 -9.07 -3.59
C ILE E 127 16.85 -9.26 -2.21
N PHE E 128 17.85 -10.13 -2.17
CA PHE E 128 18.53 -10.44 -0.93
C PHE E 128 19.85 -9.68 -0.91
N THR E 129 19.96 -8.79 0.06
CA THR E 129 21.13 -7.90 0.18
C THR E 129 22.10 -8.32 1.27
N VAL E 130 23.18 -9.00 0.87
CA VAL E 130 24.15 -9.46 1.85
C VAL E 130 25.54 -8.86 1.61
N ASN E 131 26.38 -8.88 2.64
CA ASN E 131 27.78 -8.52 2.50
C ASN E 131 28.60 -9.75 2.10
N HIS E 132 29.92 -9.67 2.22
CA HIS E 132 30.78 -10.75 1.71
C HIS E 132 30.99 -11.87 2.73
N LYS E 133 30.18 -11.86 3.78
CA LYS E 133 30.09 -12.97 4.74
C LYS E 133 28.68 -13.56 4.68
N LEU E 134 27.93 -13.16 3.67
CA LEU E 134 26.53 -13.52 3.48
C LEU E 134 25.59 -13.11 4.61
N LEU E 135 26.01 -12.17 5.46
CA LEU E 135 25.09 -11.62 6.49
C LEU E 135 24.27 -10.45 5.94
N PRO E 136 23.07 -10.23 6.50
CA PRO E 136 22.18 -9.20 6.01
C PRO E 136 22.76 -7.82 6.25
N VAL E 137 22.46 -6.90 5.32
CA VAL E 137 22.98 -5.54 5.37
C VAL E 137 21.92 -4.59 4.83
N GLY E 138 21.86 -3.38 5.39
CA GLY E 138 20.88 -2.37 4.95
C GLY E 138 21.52 -1.28 4.09
N ARG E 139 21.40 -1.40 2.76
CA ARG E 139 22.03 -0.48 1.81
C ARG E 139 21.03 -0.01 0.75
N THR E 140 21.45 0.95 -0.08
CA THR E 140 20.61 1.41 -1.20
C THR E 140 20.88 0.59 -2.47
N VAL E 141 19.80 0.09 -3.07
CA VAL E 141 19.88 -0.78 -4.24
C VAL E 141 19.19 -0.14 -5.45
N MET E 142 19.80 -0.30 -6.62
CA MET E 142 19.17 0.09 -7.90
C MET E 142 18.65 -1.14 -8.65
N VAL E 143 17.37 -1.12 -9.03
CA VAL E 143 16.73 -2.29 -9.65
C VAL E 143 16.09 -1.95 -11.00
N ASN E 144 16.39 -2.75 -12.01
CA ASN E 144 15.90 -2.52 -13.38
C ASN E 144 15.20 -3.73 -14.01
N ILE E 145 13.98 -3.52 -14.49
CA ILE E 145 13.36 -4.48 -15.43
C ILE E 145 13.85 -4.16 -16.87
N GLU E 146 14.31 -5.18 -17.59
CA GLU E 146 14.94 -4.98 -18.89
C GLU E 146 14.33 -5.90 -19.93
N ASN E 147 13.88 -5.32 -21.04
CA ASN E 147 13.17 -6.08 -22.07
C ASN E 147 14.12 -6.87 -22.97
N PRO E 148 13.60 -7.81 -23.78
CA PRO E 148 14.47 -8.75 -24.53
C PRO E 148 15.52 -8.12 -25.44
N GLU E 149 15.35 -6.84 -25.82
CA GLU E 149 16.34 -6.17 -26.68
C GLU E 149 17.31 -5.26 -25.91
N GLY E 150 17.17 -5.24 -24.58
CA GLY E 150 18.17 -4.64 -23.70
C GLY E 150 17.79 -3.32 -23.09
N ILE E 151 16.51 -2.99 -23.09
CA ILE E 151 16.07 -1.66 -22.69
C ILE E 151 15.43 -1.65 -21.30
N PRO E 152 15.93 -0.78 -20.40
CA PRO E 152 15.20 -0.50 -19.15
C PRO E 152 13.77 -0.07 -19.45
N VAL E 153 12.81 -0.56 -18.68
CA VAL E 153 11.39 -0.19 -18.86
C VAL E 153 10.77 0.10 -17.50
N LYS E 154 11.47 -0.32 -16.45
CA LYS E 154 11.14 0.09 -15.10
C LYS E 154 12.44 0.28 -14.35
N GLN E 155 12.46 1.33 -13.53
CA GLN E 155 13.55 1.55 -12.61
C GLN E 155 13.02 1.64 -11.19
N ASP E 156 13.93 1.49 -10.24
CA ASP E 156 13.59 1.51 -8.83
C ASP E 156 14.85 1.78 -8.03
N SER E 157 14.62 2.34 -6.85
CA SER E 157 15.67 2.56 -5.88
C SER E 157 15.11 2.31 -4.49
N LEU E 158 15.66 1.32 -3.80
CA LEU E 158 15.17 0.94 -2.47
C LEU E 158 16.30 0.90 -1.45
N SER E 159 15.91 0.92 -0.17
CA SER E 159 16.83 0.58 0.90
C SER E 159 16.37 -0.64 1.66
N SER E 160 17.24 -1.65 1.69
CA SER E 160 17.01 -2.85 2.47
C SER E 160 17.28 -2.61 3.97
N GLN E 161 17.20 -1.35 4.38
CA GLN E 161 17.43 -0.95 5.77
C GLN E 161 16.24 -1.39 6.61
N ASN E 162 16.52 -1.91 7.80
CA ASN E 162 15.47 -2.45 8.70
C ASN E 162 14.55 -3.48 8.02
N GLN E 163 15.16 -4.29 7.15
CA GLN E 163 14.44 -5.08 6.17
C GLN E 163 14.97 -6.51 6.13
N LEU E 164 15.86 -6.81 7.07
CA LEU E 164 16.49 -8.11 7.15
C LEU E 164 17.01 -8.55 5.79
N GLY E 165 17.65 -7.62 5.09
CA GLY E 165 18.24 -7.91 3.79
C GLY E 165 17.30 -8.51 2.75
N VAL E 166 16.00 -8.33 2.95
CA VAL E 166 14.99 -8.80 1.99
C VAL E 166 14.22 -7.63 1.38
N LEU E 167 14.16 -7.56 0.05
CA LEU E 167 13.38 -6.51 -0.63
C LEU E 167 12.28 -7.09 -1.52
N PRO E 168 11.03 -7.10 -1.03
CA PRO E 168 9.94 -7.61 -1.87
C PRO E 168 9.48 -6.57 -2.88
N LEU E 169 9.43 -6.97 -4.14
CA LEU E 169 9.11 -6.05 -5.22
C LEU E 169 8.33 -6.78 -6.29
N SER E 170 7.44 -6.06 -6.95
CA SER E 170 6.68 -6.63 -8.04
C SER E 170 6.68 -5.74 -9.28
N TRP E 171 6.33 -6.34 -10.40
CA TRP E 171 6.14 -5.59 -11.62
C TRP E 171 5.03 -6.22 -12.45
N ASP E 172 4.05 -5.39 -12.82
CA ASP E 172 3.00 -5.80 -13.74
C ASP E 172 3.49 -5.82 -15.19
N ILE E 173 3.44 -7.00 -15.82
CA ILE E 173 3.70 -7.13 -17.24
C ILE E 173 2.46 -6.65 -17.98
N PRO E 174 2.62 -5.67 -18.88
CA PRO E 174 1.48 -5.18 -19.68
C PRO E 174 1.00 -6.21 -20.71
N GLU E 175 -0.23 -6.03 -21.20
CA GLU E 175 -0.87 -6.94 -22.16
C GLU E 175 -0.20 -6.99 -23.53
N LEU E 176 0.13 -5.82 -24.06
CA LEU E 176 0.91 -5.75 -25.29
C LEU E 176 2.37 -5.67 -24.86
N VAL E 177 3.16 -6.69 -25.24
CA VAL E 177 4.48 -6.86 -24.67
C VAL E 177 5.39 -7.75 -25.53
N ASN E 178 6.69 -7.43 -25.52
CA ASN E 178 7.66 -8.23 -26.27
C ASN E 178 7.97 -9.59 -25.67
N MET E 179 7.45 -10.66 -26.30
CA MET E 179 7.80 -12.05 -25.93
C MET E 179 9.30 -12.30 -25.96
N GLY E 180 9.78 -13.19 -25.09
CA GLY E 180 11.20 -13.54 -25.02
C GLY E 180 11.85 -13.46 -23.65
N GLN E 181 13.18 -13.39 -23.64
CA GLN E 181 13.95 -13.40 -22.39
C GLN E 181 14.10 -12.03 -21.75
N TRP E 182 13.22 -11.71 -20.83
CA TRP E 182 13.36 -10.49 -20.05
C TRP E 182 14.44 -10.63 -18.99
N LYS E 183 14.82 -9.52 -18.35
CA LYS E 183 15.90 -9.49 -17.37
C LYS E 183 15.72 -8.54 -16.19
N ILE E 184 16.08 -9.01 -14.99
CA ILE E 184 16.06 -8.17 -13.79
C ILE E 184 17.49 -7.87 -13.39
N ARG E 185 17.78 -6.59 -13.17
CA ARG E 185 19.15 -6.16 -12.95
C ARG E 185 19.33 -5.24 -11.76
N ALA E 186 20.02 -5.77 -10.75
CA ALA E 186 20.23 -5.07 -9.49
C ALA E 186 21.71 -4.90 -9.16
N TYR E 187 22.04 -3.75 -8.59
CA TYR E 187 23.40 -3.45 -8.12
C TYR E 187 23.33 -2.48 -6.95
N TYR E 188 24.37 -2.48 -6.10
CA TYR E 188 24.41 -1.57 -4.95
C TYR E 188 24.74 -0.16 -5.43
N GLU E 189 24.10 0.84 -4.81
CA GLU E 189 24.28 2.25 -5.22
C GLU E 189 25.75 2.61 -5.32
N ASN E 190 26.51 2.27 -4.27
CA ASN E 190 27.93 2.57 -4.18
C ASN E 190 28.80 1.84 -5.20
N SER E 191 28.33 0.71 -5.73
CA SER E 191 29.15 -0.12 -6.61
C SER E 191 28.51 -0.42 -7.98
N PRO E 192 28.25 0.63 -8.79
CA PRO E 192 27.47 0.46 -10.03
C PRO E 192 28.10 -0.49 -11.04
N GLN E 193 29.40 -0.75 -10.89
CA GLN E 193 30.13 -1.58 -11.85
C GLN E 193 29.99 -3.08 -11.56
N GLN E 194 29.19 -3.43 -10.56
CA GLN E 194 28.91 -4.83 -10.25
C GLN E 194 27.40 -5.10 -10.24
N VAL E 195 26.94 -5.76 -11.29
CA VAL E 195 25.52 -5.93 -11.56
C VAL E 195 25.14 -7.39 -11.41
N PHE E 196 24.06 -7.61 -10.67
CA PHE E 196 23.51 -8.94 -10.45
C PHE E 196 22.19 -9.05 -11.20
N SER E 197 22.04 -10.14 -11.95
CA SER E 197 20.89 -10.31 -12.85
C SER E 197 20.13 -11.62 -12.65
N THR E 198 18.93 -11.67 -13.21
CA THR E 198 18.20 -12.92 -13.39
C THR E 198 17.33 -12.78 -14.61
N GLU E 199 17.06 -13.90 -15.24
CA GLU E 199 16.19 -13.93 -16.39
C GLU E 199 14.86 -14.53 -16.02
N PHE E 200 13.85 -14.13 -16.78
CA PHE E 200 12.55 -14.79 -16.79
C PHE E 200 11.96 -14.65 -18.17
N GLU E 201 11.24 -15.68 -18.61
CA GLU E 201 10.67 -15.69 -19.96
C GLU E 201 9.25 -15.15 -19.94
N VAL E 202 8.92 -14.36 -20.97
CA VAL E 202 7.54 -13.93 -21.19
C VAL E 202 7.07 -14.62 -22.45
N LYS E 203 5.96 -15.34 -22.32
CA LYS E 203 5.48 -16.21 -23.37
C LYS E 203 3.97 -16.34 -23.27
N GLU E 204 3.37 -16.92 -24.31
CA GLU E 204 1.97 -17.30 -24.29
C GLU E 204 1.93 -18.82 -24.18
N TYR E 205 1.31 -19.28 -23.10
CA TYR E 205 1.25 -20.70 -22.77
C TYR E 205 0.06 -21.01 -21.89
N VAL E 206 -0.24 -22.29 -21.79
CA VAL E 206 -1.08 -22.81 -20.74
C VAL E 206 -0.28 -23.91 -20.03
N LEU E 207 -0.60 -24.20 -18.77
CA LEU E 207 0.11 -25.25 -18.03
C LEU E 207 -0.22 -26.63 -18.58
N PRO E 208 0.82 -27.45 -18.84
CA PRO E 208 0.65 -28.84 -19.28
C PRO E 208 0.07 -29.69 -18.16
N SER E 209 -0.51 -30.84 -18.50
CA SER E 209 -1.05 -31.75 -17.51
C SER E 209 -0.02 -32.79 -17.05
N PHE E 210 1.05 -32.95 -17.81
CA PHE E 210 2.09 -33.90 -17.44
C PHE E 210 3.50 -33.41 -17.74
N GLU E 211 4.50 -34.25 -17.46
CA GLU E 211 5.90 -33.87 -17.60
C GLU E 211 6.70 -34.96 -18.31
N VAL E 212 7.75 -34.55 -19.01
CA VAL E 212 8.55 -35.46 -19.79
C VAL E 212 10.02 -35.37 -19.41
N ILE E 213 10.62 -36.53 -19.14
CA ILE E 213 12.01 -36.63 -18.73
C ILE E 213 12.74 -37.51 -19.75
N VAL E 214 13.78 -36.96 -20.37
CA VAL E 214 14.51 -37.68 -21.42
C VAL E 214 15.97 -37.87 -21.02
N GLU E 215 16.34 -39.10 -20.74
CA GLU E 215 17.62 -39.38 -20.09
C GLU E 215 18.36 -40.45 -20.84
N PRO E 216 19.63 -40.16 -21.20
CA PRO E 216 20.49 -41.22 -21.73
C PRO E 216 20.89 -42.17 -20.61
N THR E 217 20.96 -43.46 -20.91
CA THR E 217 21.29 -44.47 -19.90
C THR E 217 22.71 -44.30 -19.35
N GLU E 218 23.58 -43.68 -20.14
CA GLU E 218 24.88 -43.23 -19.64
C GLU E 218 25.00 -41.74 -19.89
N LYS E 219 25.72 -41.04 -19.01
CA LYS E 219 25.75 -39.58 -19.07
C LYS E 219 26.71 -39.02 -20.13
N PHE E 220 26.96 -39.84 -21.16
CA PHE E 220 27.86 -39.50 -22.28
C PHE E 220 27.67 -40.47 -23.45
N TYR E 221 28.30 -40.16 -24.58
CA TYR E 221 28.41 -41.13 -25.66
C TYR E 221 29.84 -41.48 -26.02
N TYR E 222 30.13 -42.78 -25.92
CA TYR E 222 31.41 -43.35 -26.31
C TYR E 222 31.37 -43.77 -27.79
N ILE E 223 32.27 -43.21 -28.60
CA ILE E 223 32.30 -43.45 -30.06
C ILE E 223 32.52 -44.90 -30.50
N TYR E 224 33.09 -45.71 -29.61
CA TYR E 224 33.33 -47.11 -29.93
C TYR E 224 32.26 -48.03 -29.36
N ASN E 225 31.21 -47.42 -28.80
CA ASN E 225 30.02 -48.15 -28.41
C ASN E 225 29.20 -48.50 -29.65
N GLU E 226 29.13 -49.81 -29.92
CA GLU E 226 28.43 -50.35 -31.10
C GLU E 226 26.93 -50.09 -30.98
N LYS E 227 26.41 -50.23 -29.77
CA LYS E 227 24.97 -50.18 -29.48
C LYS E 227 24.33 -48.81 -29.74
N GLY E 228 25.14 -47.79 -29.98
CA GLY E 228 24.66 -46.43 -30.16
C GLY E 228 24.35 -45.80 -28.82
N LEU E 229 23.36 -44.90 -28.82
CA LEU E 229 22.98 -44.16 -27.61
C LEU E 229 21.57 -44.47 -27.12
N GLU E 230 21.49 -45.13 -25.97
CA GLU E 230 20.21 -45.50 -25.37
C GLU E 230 19.59 -44.34 -24.60
N VAL E 231 18.32 -44.07 -24.90
CA VAL E 231 17.60 -42.97 -24.28
C VAL E 231 16.26 -43.47 -23.75
N THR E 232 15.96 -43.09 -22.51
CA THR E 232 14.71 -43.45 -21.86
C THR E 232 13.79 -42.24 -21.87
N ILE E 233 12.55 -42.47 -22.29
CA ILE E 233 11.52 -41.46 -22.14
C ILE E 233 10.63 -41.88 -20.97
N THR E 234 10.49 -40.97 -20.01
CA THR E 234 9.56 -41.12 -18.92
C THR E 234 8.58 -39.97 -19.01
N ALA E 235 7.28 -40.31 -19.10
CA ALA E 235 6.21 -39.31 -18.99
C ALA E 235 5.33 -39.61 -17.78
N ARG E 236 4.96 -38.57 -17.04
CA ARG E 236 4.26 -38.74 -15.78
C ARG E 236 3.37 -37.53 -15.49
N PHE E 237 2.15 -37.79 -15.04
CA PHE E 237 1.22 -36.73 -14.67
C PHE E 237 1.67 -35.98 -13.42
N LEU E 238 1.48 -34.66 -13.43
CA LEU E 238 1.91 -33.82 -12.32
C LEU E 238 1.29 -34.20 -10.96
N TYR E 239 0.18 -34.94 -10.97
CA TYR E 239 -0.46 -35.43 -9.74
C TYR E 239 0.09 -36.79 -9.32
N GLY E 240 1.02 -37.33 -10.10
CA GLY E 240 1.75 -38.52 -9.66
C GLY E 240 1.53 -39.80 -10.44
N LYS E 241 0.41 -39.90 -11.16
CA LYS E 241 0.08 -41.10 -11.95
C LYS E 241 0.88 -41.20 -13.26
N LYS E 242 0.96 -42.42 -13.79
CA LYS E 242 1.72 -42.69 -15.02
C LYS E 242 0.93 -42.34 -16.29
N VAL E 243 1.66 -42.24 -17.40
CA VAL E 243 1.13 -41.77 -18.67
C VAL E 243 1.11 -42.86 -19.75
N GLU E 244 0.03 -42.90 -20.53
CA GLU E 244 -0.02 -43.73 -21.74
C GLU E 244 -0.11 -42.82 -22.96
N GLY E 245 0.75 -43.08 -23.96
CA GLY E 245 0.75 -42.25 -25.16
C GLY E 245 1.81 -42.59 -26.19
N THR E 246 2.05 -41.65 -27.09
CA THR E 246 3.01 -41.83 -28.18
C THR E 246 4.12 -40.78 -28.11
N ALA E 247 5.35 -41.20 -28.36
CA ALA E 247 6.51 -40.30 -28.34
C ALA E 247 7.30 -40.26 -29.66
N PHE E 248 7.62 -39.04 -30.08
CA PHE E 248 8.51 -38.79 -31.21
C PHE E 248 9.84 -38.29 -30.66
N VAL E 249 10.86 -39.11 -30.71
CA VAL E 249 12.18 -38.65 -30.34
C VAL E 249 13.07 -38.47 -31.58
N ILE E 250 13.96 -37.48 -31.51
CA ILE E 250 14.82 -37.12 -32.62
C ILE E 250 16.14 -36.53 -32.12
N PHE E 251 17.24 -37.03 -32.67
CA PHE E 251 18.59 -36.70 -32.17
C PHE E 251 19.25 -35.58 -32.99
N GLY E 252 20.39 -35.09 -32.50
CA GLY E 252 21.18 -34.07 -33.20
C GLY E 252 22.56 -33.86 -32.62
N ILE E 253 23.53 -33.51 -33.47
CA ILE E 253 24.89 -33.19 -33.02
C ILE E 253 25.06 -31.69 -32.82
N GLN E 254 25.80 -31.31 -31.78
CA GLN E 254 26.10 -29.91 -31.51
C GLN E 254 27.60 -29.64 -31.47
N ASP E 255 27.98 -28.49 -32.03
CA ASP E 255 29.38 -28.07 -32.09
C ASP E 255 29.48 -26.58 -32.37
N GLY E 256 30.00 -25.74 -31.48
CA GLY E 256 29.63 -25.62 -30.09
C GLY E 256 28.25 -24.98 -30.07
N GLU E 257 27.92 -24.15 -31.07
CA GLU E 257 26.55 -23.59 -31.22
C GLU E 257 25.86 -24.03 -32.52
N GLN E 258 26.62 -24.67 -33.41
CA GLN E 258 26.03 -25.20 -34.63
C GLN E 258 25.25 -26.46 -34.27
N ARG E 259 23.93 -26.39 -34.45
CA ARG E 259 23.06 -27.53 -34.23
C ARG E 259 22.71 -28.17 -35.56
N ILE E 260 23.10 -29.43 -35.71
CA ILE E 260 22.85 -30.17 -36.94
C ILE E 260 21.93 -31.35 -36.63
N SER E 261 20.66 -31.19 -37.01
CA SER E 261 19.66 -32.24 -36.83
C SER E 261 19.98 -33.50 -37.65
N LEU E 262 19.56 -34.65 -37.13
CA LEU E 262 19.71 -35.93 -37.82
C LEU E 262 18.33 -36.52 -38.08
N PRO E 263 17.73 -36.21 -39.25
CA PRO E 263 16.35 -36.60 -39.55
C PRO E 263 16.15 -38.11 -39.65
N GLU E 264 17.20 -38.84 -40.02
CA GLU E 264 17.10 -40.29 -40.14
C GLU E 264 17.05 -41.00 -38.77
N SER E 265 17.25 -40.23 -37.71
CA SER E 265 17.21 -40.77 -36.33
C SER E 265 15.81 -40.82 -35.73
N LEU E 266 14.93 -39.93 -36.20
CA LEU E 266 13.54 -39.82 -35.73
C LEU E 266 12.81 -41.17 -35.58
N LYS E 267 12.32 -41.46 -34.38
CA LYS E 267 11.55 -42.67 -34.13
C LYS E 267 10.16 -42.30 -33.64
N ARG E 268 9.26 -43.28 -33.63
CA ARG E 268 7.94 -43.12 -33.05
C ARG E 268 7.63 -44.34 -32.17
N ILE E 269 7.72 -44.12 -30.86
CA ILE E 269 7.62 -45.22 -29.90
C ILE E 269 6.37 -45.10 -29.03
N PRO E 270 5.86 -46.25 -28.53
CA PRO E 270 4.75 -46.19 -27.59
C PRO E 270 5.27 -45.89 -26.18
N ILE E 271 4.53 -45.08 -25.44
CA ILE E 271 4.81 -44.88 -24.01
C ILE E 271 3.83 -45.74 -23.23
N GLU E 272 4.31 -46.84 -22.70
CA GLU E 272 3.50 -47.74 -21.87
C GLU E 272 3.98 -47.71 -20.44
N ASP E 273 3.03 -47.66 -19.50
CA ASP E 273 3.32 -47.64 -18.07
C ASP E 273 4.22 -46.44 -17.77
N GLY E 274 3.97 -45.34 -18.48
CA GLY E 274 4.73 -44.09 -18.34
C GLY E 274 6.19 -44.14 -18.80
N SER E 275 6.54 -45.10 -19.64
CA SER E 275 7.93 -45.31 -20.02
C SER E 275 8.09 -45.77 -21.47
N GLY E 276 9.28 -45.55 -22.02
CA GLY E 276 9.61 -45.98 -23.38
C GLY E 276 11.09 -45.80 -23.70
N GLU E 277 11.65 -46.73 -24.47
CA GLU E 277 13.07 -46.68 -24.82
C GLU E 277 13.29 -46.40 -26.30
N VAL E 278 14.49 -45.91 -26.61
CA VAL E 278 14.85 -45.51 -27.99
C VAL E 278 16.36 -45.35 -28.12
N VAL E 279 16.89 -45.81 -29.25
CA VAL E 279 18.31 -45.80 -29.51
C VAL E 279 18.62 -44.91 -30.72
N LEU E 280 19.67 -44.09 -30.61
CA LEU E 280 20.30 -43.51 -31.79
C LEU E 280 21.35 -44.49 -32.28
N SER E 281 21.12 -45.06 -33.47
CA SER E 281 22.05 -46.00 -34.10
C SER E 281 23.37 -45.32 -34.42
N ARG E 282 24.47 -46.05 -34.20
CA ARG E 282 25.80 -45.52 -34.49
C ARG E 282 26.01 -45.34 -35.99
N LYS E 283 25.32 -46.18 -36.78
CA LYS E 283 25.37 -46.06 -38.24
C LYS E 283 24.67 -44.79 -38.72
N VAL E 284 23.52 -44.51 -38.11
CA VAL E 284 22.72 -43.32 -38.44
C VAL E 284 23.48 -42.03 -38.12
N LEU E 285 24.20 -42.03 -37.00
CA LEU E 285 24.93 -40.85 -36.53
C LEU E 285 26.13 -40.56 -37.42
N LEU E 286 26.92 -41.59 -37.69
CA LEU E 286 28.09 -41.45 -38.54
C LEU E 286 27.70 -41.10 -39.97
N ASP E 287 26.55 -41.61 -40.42
CA ASP E 287 26.04 -41.34 -41.76
C ASP E 287 25.28 -40.00 -41.86
N GLY E 288 25.09 -39.35 -40.71
CA GLY E 288 24.43 -38.05 -40.68
C GLY E 288 25.41 -36.90 -40.81
N VAL E 289 26.70 -37.24 -40.79
CA VAL E 289 27.78 -36.26 -40.87
C VAL E 289 28.61 -36.42 -42.15
N ARG E 293 34.78 -39.48 -40.33
CA ARG E 293 35.73 -40.10 -39.41
C ARG E 293 35.22 -40.08 -37.97
N ALA E 294 35.27 -41.24 -37.32
CA ALA E 294 34.67 -41.44 -35.99
C ALA E 294 35.33 -40.66 -34.86
N GLU E 295 36.59 -40.26 -35.05
CA GLU E 295 37.34 -39.52 -34.03
C GLU E 295 37.15 -38.01 -34.16
N ASP E 296 36.63 -37.56 -35.29
CA ASP E 296 36.35 -36.14 -35.52
C ASP E 296 35.11 -35.68 -34.74
N LEU E 297 34.39 -36.63 -34.15
CA LEU E 297 33.20 -36.33 -33.36
C LEU E 297 33.49 -36.18 -31.87
N VAL E 298 34.73 -36.47 -31.48
CA VAL E 298 35.17 -36.33 -30.08
C VAL E 298 35.19 -34.86 -29.68
N GLY E 299 34.45 -34.50 -28.63
CA GLY E 299 34.38 -33.12 -28.17
C GLY E 299 33.07 -32.43 -28.50
N LYS E 300 32.40 -32.92 -29.55
CA LYS E 300 31.06 -32.47 -29.88
C LYS E 300 30.08 -33.10 -28.90
N SER E 301 28.81 -32.70 -28.98
CA SER E 301 27.79 -33.25 -28.08
C SER E 301 26.56 -33.74 -28.81
N LEU E 302 25.73 -34.50 -28.11
CA LEU E 302 24.49 -35.02 -28.67
C LEU E 302 23.31 -34.47 -27.89
N TYR E 303 22.24 -34.13 -28.59
CA TYR E 303 21.00 -33.73 -27.92
C TYR E 303 19.81 -34.53 -28.43
N VAL E 304 18.82 -34.72 -27.56
CA VAL E 304 17.65 -35.53 -27.86
C VAL E 304 16.43 -34.66 -27.66
N SER E 305 15.40 -34.87 -28.47
CA SER E 305 14.17 -34.10 -28.35
C SER E 305 12.98 -35.05 -28.36
N ALA E 306 12.12 -34.95 -27.33
CA ALA E 306 10.99 -35.86 -27.24
C ALA E 306 9.66 -35.11 -27.18
N THR E 307 8.75 -35.45 -28.08
CA THR E 307 7.38 -34.95 -28.00
C THR E 307 6.47 -36.11 -27.65
N VAL E 308 5.64 -35.91 -26.63
CA VAL E 308 4.75 -36.97 -26.16
C VAL E 308 3.30 -36.52 -26.25
N ILE E 309 2.50 -37.28 -26.99
CA ILE E 309 1.08 -37.02 -27.12
C ILE E 309 0.32 -38.15 -26.42
N LEU E 310 -0.66 -37.76 -25.61
CA LEU E 310 -1.51 -38.72 -24.91
C LEU E 310 -2.46 -39.37 -25.91
N HIS E 311 -2.88 -40.60 -25.63
CA HIS E 311 -3.85 -41.27 -26.49
C HIS E 311 -5.17 -40.50 -26.62
N SER E 312 -5.45 -39.62 -25.65
CA SER E 312 -6.58 -38.70 -25.74
C SER E 312 -6.35 -37.61 -26.81
N GLY E 313 -5.08 -37.29 -27.07
CA GLY E 313 -4.69 -36.22 -28.00
C GLY E 313 -4.97 -34.84 -27.46
N SER E 314 -5.58 -34.80 -26.27
CA SER E 314 -6.05 -33.56 -25.66
C SER E 314 -4.93 -32.63 -25.16
N ASP E 315 -3.70 -33.15 -25.10
CA ASP E 315 -2.54 -32.41 -24.59
C ASP E 315 -1.23 -33.05 -25.04
N MET E 316 -0.26 -32.20 -25.38
CA MET E 316 1.10 -32.67 -25.65
C MET E 316 2.17 -31.77 -25.03
N VAL E 317 3.41 -32.26 -24.99
CA VAL E 317 4.55 -31.54 -24.37
C VAL E 317 5.90 -31.96 -24.96
N GLN E 318 6.83 -31.01 -25.02
CA GLN E 318 8.17 -31.27 -25.55
C GLN E 318 9.24 -31.16 -24.46
N ALA E 319 10.35 -31.87 -24.67
CA ALA E 319 11.45 -31.93 -23.72
C ALA E 319 12.74 -32.23 -24.45
N GLU E 320 13.83 -31.58 -24.05
CA GLU E 320 15.13 -31.89 -24.65
C GLU E 320 16.30 -31.96 -23.68
N ARG E 321 17.05 -33.04 -23.78
CA ARG E 321 18.30 -33.16 -23.06
C ARG E 321 19.44 -32.72 -23.98
N SER E 322 20.30 -31.85 -23.46
CA SER E 322 21.40 -31.30 -24.24
C SER E 322 22.77 -31.74 -23.74
N GLY E 323 23.79 -31.45 -24.55
CA GLY E 323 25.19 -31.59 -24.13
C GLY E 323 25.58 -32.95 -23.59
N ILE E 324 25.18 -34.00 -24.29
CA ILE E 324 25.68 -35.34 -24.04
C ILE E 324 27.03 -35.44 -24.74
N PRO E 325 28.13 -35.39 -23.98
CA PRO E 325 29.45 -35.28 -24.60
C PRO E 325 29.88 -36.58 -25.26
N ILE E 326 30.47 -36.44 -26.44
CA ILE E 326 31.06 -37.57 -27.16
C ILE E 326 32.51 -37.72 -26.71
N VAL E 327 32.83 -38.87 -26.13
CA VAL E 327 34.10 -39.07 -25.44
C VAL E 327 34.82 -40.31 -25.96
N THR E 328 36.09 -40.45 -25.56
CA THR E 328 36.85 -41.68 -25.80
C THR E 328 37.20 -42.33 -24.45
N SER E 329 36.56 -41.82 -23.40
CA SER E 329 36.86 -42.18 -22.02
C SER E 329 35.77 -41.66 -21.08
N PRO E 330 35.35 -42.48 -20.10
CA PRO E 330 34.27 -42.04 -19.20
C PRO E 330 34.72 -41.06 -18.12
N TYR E 331 35.95 -40.54 -18.24
CA TYR E 331 36.55 -39.74 -17.18
C TYR E 331 37.40 -38.57 -17.68
N GLN E 332 37.48 -37.53 -16.85
CA GLN E 332 38.43 -36.44 -17.04
C GLN E 332 39.27 -36.27 -15.78
N ILE E 333 40.48 -35.78 -15.97
CA ILE E 333 41.40 -35.55 -14.86
C ILE E 333 41.72 -34.06 -14.83
N HIS E 334 41.74 -33.48 -13.63
CA HIS E 334 42.02 -32.07 -13.47
C HIS E 334 43.06 -31.79 -12.39
N PHE E 335 43.89 -30.78 -12.66
CA PHE E 335 44.90 -30.34 -11.70
C PHE E 335 44.59 -28.92 -11.20
N THR E 336 43.32 -28.57 -11.17
CA THR E 336 42.92 -27.25 -10.67
C THR E 336 43.01 -27.15 -9.14
N LYS E 337 43.06 -28.29 -8.47
CA LYS E 337 43.16 -28.34 -7.01
C LYS E 337 44.57 -28.66 -6.51
N THR E 338 45.49 -28.84 -7.44
CA THR E 338 46.87 -29.14 -7.09
C THR E 338 47.74 -27.88 -7.19
N PRO E 339 48.50 -27.57 -6.12
CA PRO E 339 49.48 -26.49 -6.21
C PRO E 339 50.46 -26.74 -7.34
N LYS E 340 50.91 -25.67 -7.99
CA LYS E 340 51.79 -25.79 -9.15
C LYS E 340 53.25 -25.46 -8.80
N TYR E 341 53.59 -25.61 -7.53
CA TYR E 341 54.96 -25.43 -7.05
C TYR E 341 55.34 -26.49 -6.03
N PHE E 342 56.54 -27.03 -6.20
CA PHE E 342 57.05 -28.05 -5.30
C PHE E 342 58.26 -27.53 -4.53
N LYS E 343 58.66 -28.26 -3.50
CA LYS E 343 59.83 -27.91 -2.71
C LYS E 343 60.90 -28.97 -2.93
N PRO E 344 61.93 -28.67 -3.75
CA PRO E 344 62.93 -29.67 -4.15
C PRO E 344 63.53 -30.43 -2.97
N GLY E 345 63.53 -31.76 -3.05
CA GLY E 345 64.00 -32.61 -1.96
C GLY E 345 62.89 -33.07 -1.02
N MET E 346 61.75 -32.38 -1.08
CA MET E 346 60.57 -32.71 -0.26
C MET E 346 59.49 -33.40 -1.09
N PRO E 347 58.53 -34.07 -0.41
CA PRO E 347 57.38 -34.64 -1.10
C PRO E 347 56.54 -33.59 -1.81
N PHE E 348 55.85 -33.99 -2.87
CA PHE E 348 54.91 -33.14 -3.56
C PHE E 348 53.53 -33.80 -3.57
N ASP E 349 52.58 -33.20 -2.87
CA ASP E 349 51.21 -33.69 -2.82
C ASP E 349 50.43 -33.26 -4.05
N LEU E 350 49.55 -34.14 -4.51
CA LEU E 350 48.70 -33.90 -5.67
C LEU E 350 47.25 -34.11 -5.30
N MET E 351 46.42 -33.12 -5.61
CA MET E 351 44.98 -33.27 -5.42
C MET E 351 44.32 -33.40 -6.79
N VAL E 352 44.28 -34.64 -7.28
CA VAL E 352 43.71 -34.91 -8.58
C VAL E 352 42.20 -34.94 -8.52
N PHE E 353 41.58 -34.08 -9.31
CA PHE E 353 40.13 -34.02 -9.44
C PHE E 353 39.70 -34.81 -10.66
N VAL E 354 38.92 -35.86 -10.43
CA VAL E 354 38.38 -36.68 -11.53
C VAL E 354 36.89 -36.40 -11.70
N THR E 355 36.51 -36.01 -12.92
CA THR E 355 35.10 -35.78 -13.22
C THR E 355 34.56 -36.76 -14.25
N ASN E 356 33.24 -36.95 -14.22
CA ASN E 356 32.51 -37.53 -15.34
C ASN E 356 32.37 -36.46 -16.41
N PRO E 357 32.23 -36.86 -17.70
CA PRO E 357 32.24 -35.89 -18.81
C PRO E 357 31.28 -34.70 -18.66
N ASP E 358 30.23 -34.85 -17.83
CA ASP E 358 29.31 -33.74 -17.58
C ASP E 358 29.82 -32.76 -16.49
N GLY E 359 30.91 -33.12 -15.83
CA GLY E 359 31.52 -32.25 -14.81
C GLY E 359 31.26 -32.62 -13.34
N SER E 360 30.46 -33.66 -13.12
CA SER E 360 30.21 -34.16 -11.77
C SER E 360 31.37 -35.04 -11.29
N PRO E 361 31.66 -35.00 -9.96
CA PRO E 361 32.72 -35.82 -9.38
C PRO E 361 32.48 -37.32 -9.58
N ALA E 362 33.56 -38.08 -9.77
CA ALA E 362 33.47 -39.52 -9.90
C ALA E 362 33.96 -40.19 -8.63
N TYR E 363 33.02 -40.67 -7.82
CA TYR E 363 33.31 -41.35 -6.55
C TYR E 363 34.08 -42.67 -6.75
N ARG E 364 35.02 -42.94 -5.84
CA ARG E 364 35.73 -44.24 -5.73
C ARG E 364 36.41 -44.73 -7.03
N VAL E 365 37.19 -43.85 -7.65
CA VAL E 365 37.87 -44.15 -8.91
C VAL E 365 39.39 -44.08 -8.69
N PRO E 366 40.10 -45.18 -9.02
CA PRO E 366 41.56 -45.21 -8.82
C PRO E 366 42.35 -44.31 -9.76
N VAL E 367 43.40 -43.69 -9.23
CA VAL E 367 44.37 -42.92 -10.02
C VAL E 367 45.79 -43.25 -9.56
N ALA E 368 46.75 -43.09 -10.48
CA ALA E 368 48.17 -43.36 -10.19
C ALA E 368 49.05 -42.53 -11.12
N VAL E 369 50.29 -42.32 -10.71
CA VAL E 369 51.24 -41.60 -11.55
C VAL E 369 51.81 -42.53 -12.64
N GLN E 370 51.97 -42.00 -13.85
CA GLN E 370 52.57 -42.74 -14.95
C GLN E 370 53.99 -43.13 -14.55
N GLY E 371 54.23 -44.44 -14.47
CA GLY E 371 55.52 -44.97 -14.01
C GLY E 371 55.46 -45.66 -12.66
N GLU E 372 54.29 -45.63 -12.02
CA GLU E 372 54.07 -46.23 -10.69
C GLU E 372 52.63 -46.81 -10.67
N ASP E 373 52.39 -48.10 -10.95
CA ASP E 373 52.92 -49.31 -10.31
C ASP E 373 52.73 -49.20 -8.79
N THR E 374 51.82 -50.03 -8.26
CA THR E 374 51.46 -50.06 -6.82
C THR E 374 50.86 -48.74 -6.33
N VAL E 375 51.61 -47.65 -6.50
CA VAL E 375 51.27 -46.31 -6.00
C VAL E 375 49.94 -45.77 -6.54
N GLN E 376 48.87 -46.08 -5.82
CA GLN E 376 47.53 -45.61 -6.20
C GLN E 376 46.66 -45.31 -4.98
N SER E 377 45.69 -44.42 -5.16
CA SER E 377 44.70 -44.18 -4.12
C SER E 377 43.34 -43.93 -4.76
N LEU E 378 42.28 -44.32 -4.06
CA LEU E 378 40.93 -44.14 -4.55
C LEU E 378 40.44 -42.72 -4.30
N THR E 379 39.63 -42.22 -5.23
CA THR E 379 39.09 -40.88 -5.13
C THR E 379 37.95 -40.83 -4.10
N GLN E 380 37.79 -39.67 -3.46
CA GLN E 380 36.75 -39.48 -2.43
C GLN E 380 35.40 -39.12 -3.05
N GLY E 381 34.38 -38.95 -2.21
CA GLY E 381 33.04 -38.55 -2.64
C GLY E 381 33.01 -37.25 -3.43
N ASP E 382 33.93 -36.34 -3.11
CA ASP E 382 34.07 -35.07 -3.81
C ASP E 382 34.91 -35.21 -5.09
N GLY E 383 35.30 -36.45 -5.40
CA GLY E 383 36.02 -36.74 -6.63
C GLY E 383 37.48 -36.32 -6.62
N VAL E 384 38.04 -36.12 -5.42
CA VAL E 384 39.47 -35.79 -5.31
C VAL E 384 40.26 -36.86 -4.56
N ALA E 385 41.30 -37.37 -5.21
CA ALA E 385 42.24 -38.29 -4.58
C ALA E 385 43.54 -37.57 -4.27
N LYS E 386 44.23 -38.00 -3.21
CA LYS E 386 45.55 -37.46 -2.88
C LYS E 386 46.62 -38.46 -3.25
N LEU E 387 47.63 -37.98 -3.96
CA LEU E 387 48.83 -38.75 -4.26
C LEU E 387 50.05 -37.87 -3.94
N SER E 388 51.18 -38.51 -3.63
CA SER E 388 52.41 -37.77 -3.36
C SER E 388 53.66 -38.43 -3.90
N ILE E 389 54.47 -37.64 -4.60
CA ILE E 389 55.75 -38.10 -5.11
C ILE E 389 56.89 -37.44 -4.35
N ASN E 390 58.00 -38.17 -4.22
CA ASN E 390 59.25 -37.59 -3.73
C ASN E 390 59.97 -36.90 -4.89
N THR E 391 60.39 -35.65 -4.65
CA THR E 391 61.08 -34.87 -5.68
C THR E 391 62.57 -34.78 -5.36
N HIS E 392 63.39 -34.84 -6.41
CA HIS E 392 64.84 -34.81 -6.27
C HIS E 392 65.34 -33.38 -6.08
N PRO E 393 66.35 -33.20 -5.21
CA PRO E 393 66.80 -31.88 -4.71
C PRO E 393 67.30 -30.85 -5.75
N SER E 394 67.19 -31.17 -7.04
CA SER E 394 67.57 -30.22 -8.09
C SER E 394 66.43 -29.24 -8.42
N GLN E 395 66.76 -28.18 -9.16
CA GLN E 395 65.79 -27.15 -9.58
C GLN E 395 65.08 -27.55 -10.88
N LYS E 396 65.11 -28.85 -11.19
CA LYS E 396 64.56 -29.40 -12.43
C LYS E 396 63.03 -29.50 -12.35
N PRO E 397 62.31 -28.72 -13.18
CA PRO E 397 60.85 -28.65 -13.16
C PRO E 397 60.17 -30.02 -13.24
N LEU E 398 59.19 -30.25 -12.36
CA LEU E 398 58.48 -31.52 -12.31
C LEU E 398 57.39 -31.62 -13.36
N SER E 399 57.43 -32.71 -14.12
CA SER E 399 56.45 -32.98 -15.17
C SER E 399 55.70 -34.27 -14.85
N ILE E 400 54.51 -34.12 -14.25
CA ILE E 400 53.72 -35.25 -13.76
C ILE E 400 52.56 -35.60 -14.69
N THR E 401 52.45 -36.90 -15.00
CA THR E 401 51.33 -37.42 -15.77
C THR E 401 50.55 -38.43 -14.92
N VAL E 402 49.24 -38.22 -14.79
CA VAL E 402 48.38 -39.07 -13.99
C VAL E 402 47.30 -39.74 -14.86
N ARG E 403 47.12 -41.05 -14.66
CA ARG E 403 46.03 -41.87 -15.22
C ARG E 403 45.25 -42.26 -13.95
N THR E 404 43.92 -42.37 -13.90
CA THR E 404 43.06 -43.52 -14.28
C THR E 404 43.63 -44.92 -14.51
N LYS E 405 43.34 -45.79 -13.55
CA LYS E 405 43.68 -47.21 -13.60
C LYS E 405 42.44 -48.01 -13.17
N LYS E 406 41.31 -47.73 -13.83
CA LYS E 406 40.04 -48.34 -13.48
C LYS E 406 39.86 -49.68 -14.19
N GLN E 407 39.88 -50.77 -13.42
CA GLN E 407 39.53 -52.10 -13.91
C GLN E 407 38.09 -52.10 -14.40
N GLU E 408 37.82 -52.92 -15.42
CA GLU E 408 36.54 -52.94 -16.16
C GLU E 408 36.68 -52.19 -17.50
N LEU E 409 37.53 -51.18 -17.51
CA LEU E 409 37.84 -50.43 -18.72
C LEU E 409 39.08 -50.98 -19.39
N SER E 410 39.19 -50.77 -20.69
CA SER E 410 40.44 -51.03 -21.42
C SER E 410 41.47 -49.96 -21.04
N GLU E 411 42.51 -49.81 -21.86
CA GLU E 411 43.54 -48.81 -21.58
C GLU E 411 43.40 -47.53 -22.41
N ALA E 412 42.83 -47.67 -23.61
CA ALA E 412 42.47 -46.53 -24.44
C ALA E 412 41.30 -45.77 -23.82
N GLU E 413 40.56 -46.45 -22.96
CA GLU E 413 39.41 -45.87 -22.26
C GLU E 413 39.79 -45.16 -20.95
N GLN E 414 41.04 -45.33 -20.51
CA GLN E 414 41.55 -44.68 -19.31
C GLN E 414 41.82 -43.19 -19.58
N ALA E 415 41.63 -42.37 -18.55
CA ALA E 415 41.90 -40.92 -18.68
C ALA E 415 43.34 -40.61 -18.33
N THR E 416 43.87 -39.54 -18.92
CA THR E 416 45.22 -39.08 -18.63
C THR E 416 45.32 -37.56 -18.68
N ARG E 417 46.06 -36.99 -17.73
CA ARG E 417 46.41 -35.58 -17.79
C ARG E 417 47.83 -35.35 -17.27
N THR E 418 48.50 -34.38 -17.88
CA THR E 418 49.86 -34.04 -17.51
C THR E 418 49.89 -32.62 -16.94
N MET E 419 50.73 -32.42 -15.93
CA MET E 419 50.95 -31.09 -15.37
C MET E 419 52.42 -30.85 -15.05
N GLN E 420 52.79 -29.58 -15.01
CA GLN E 420 54.16 -29.17 -14.76
C GLN E 420 54.20 -28.31 -13.49
N ALA E 421 55.27 -28.44 -12.72
CA ALA E 421 55.45 -27.64 -11.51
C ALA E 421 56.82 -26.98 -11.46
N LEU E 422 56.86 -25.78 -10.89
CA LEU E 422 58.11 -25.03 -10.74
C LEU E 422 58.56 -25.03 -9.27
N PRO E 423 59.89 -24.96 -9.05
CA PRO E 423 60.41 -25.01 -7.68
C PRO E 423 60.26 -23.68 -6.94
N TYR E 424 59.86 -23.77 -5.67
CA TYR E 424 59.78 -22.61 -4.77
C TYR E 424 61.22 -22.12 -4.57
N SER E 425 61.48 -20.87 -4.94
CA SER E 425 62.84 -20.36 -4.85
C SER E 425 63.09 -19.82 -3.44
N THR E 426 64.22 -20.23 -2.87
CA THR E 426 64.57 -19.88 -1.49
C THR E 426 65.44 -18.62 -1.47
N VAL E 427 65.62 -18.03 -0.28
CA VAL E 427 66.40 -16.80 -0.13
C VAL E 427 67.92 -17.04 -0.22
N GLY E 428 68.52 -16.59 -1.33
CA GLY E 428 69.95 -16.77 -1.56
C GLY E 428 70.38 -18.22 -1.71
N ASN E 429 69.52 -19.03 -2.33
CA ASN E 429 69.79 -20.47 -2.53
C ASN E 429 70.02 -21.27 -1.24
N SER E 430 69.37 -20.85 -0.16
CA SER E 430 69.60 -21.40 1.18
C SER E 430 69.04 -22.81 1.38
N ASN E 431 68.17 -23.25 0.48
CA ASN E 431 67.48 -24.54 0.61
C ASN E 431 66.70 -24.69 1.94
N ASN E 432 65.99 -23.63 2.33
CA ASN E 432 65.13 -23.64 3.51
C ASN E 432 63.65 -23.62 3.15
N TYR E 433 62.91 -24.60 3.65
CA TYR E 433 61.56 -24.89 3.19
C TYR E 433 60.57 -25.05 4.33
N LEU E 434 59.29 -25.12 3.95
CA LEU E 434 58.20 -25.40 4.88
C LEU E 434 57.06 -26.06 4.13
N HIS E 435 56.61 -27.21 4.61
CA HIS E 435 55.55 -27.93 3.93
C HIS E 435 54.38 -28.25 4.83
N LEU E 436 53.22 -27.73 4.45
CA LEU E 436 51.96 -28.01 5.15
C LEU E 436 51.23 -29.14 4.44
N SER E 437 50.68 -30.06 5.20
CA SER E 437 49.84 -31.12 4.64
C SER E 437 48.56 -31.29 5.45
N VAL E 438 47.60 -31.97 4.84
CA VAL E 438 46.30 -32.21 5.45
C VAL E 438 45.79 -33.55 4.94
N LEU E 439 44.99 -34.22 5.75
CA LEU E 439 44.47 -35.54 5.37
C LEU E 439 43.33 -35.47 4.37
N ARG E 440 43.27 -36.49 3.51
CA ARG E 440 42.32 -36.54 2.41
C ARG E 440 40.95 -37.12 2.84
N THR E 441 40.06 -36.23 3.27
CA THR E 441 38.70 -36.61 3.70
C THR E 441 37.75 -35.44 3.58
N GLU E 442 36.51 -35.71 3.17
CA GLU E 442 35.50 -34.66 3.08
C GLU E 442 35.27 -34.06 4.46
N LEU E 443 35.57 -32.78 4.57
CA LEU E 443 35.59 -32.09 5.84
C LEU E 443 34.26 -31.38 6.09
N ARG E 444 33.68 -31.56 7.27
CA ARG E 444 32.44 -30.88 7.66
C ARG E 444 32.69 -30.06 8.90
N PRO E 445 31.91 -29.00 9.13
CA PRO E 445 32.07 -28.29 10.40
C PRO E 445 31.72 -29.20 11.59
N GLY E 446 32.32 -28.92 12.75
CA GLY E 446 32.21 -29.80 13.90
C GLY E 446 33.43 -30.68 14.07
N GLU E 447 34.15 -30.92 12.97
CA GLU E 447 35.32 -31.79 12.98
C GLU E 447 36.63 -31.12 13.41
N THR E 448 37.59 -31.94 13.83
CA THR E 448 38.94 -31.48 14.13
C THR E 448 39.84 -31.88 12.97
N LEU E 449 40.67 -30.94 12.53
CA LEU E 449 41.57 -31.19 11.40
C LEU E 449 43.04 -31.01 11.80
N ASN E 450 43.84 -32.03 11.56
CA ASN E 450 45.25 -31.94 11.88
C ASN E 450 46.08 -31.41 10.71
N VAL E 451 46.62 -30.21 10.90
CA VAL E 451 47.51 -29.57 9.93
C VAL E 451 48.97 -29.90 10.27
N ASN E 452 49.67 -30.55 9.34
CA ASN E 452 51.06 -30.92 9.53
C ASN E 452 52.02 -29.81 9.07
N PHE E 453 52.86 -29.33 10.00
CA PHE E 453 53.95 -28.42 9.66
C PHE E 453 55.24 -29.21 9.56
N LEU E 454 55.72 -29.43 8.34
CA LEU E 454 56.99 -30.12 8.13
C LEU E 454 58.10 -29.11 7.80
N LEU E 455 59.17 -29.17 8.58
CA LEU E 455 60.35 -28.30 8.37
C LEU E 455 61.40 -28.94 7.48
N ARG E 456 62.19 -28.09 6.84
CA ARG E 456 63.35 -28.53 6.06
C ARG E 456 64.39 -27.42 6.01
N MET E 457 65.39 -27.52 6.87
CA MET E 457 66.52 -26.59 6.86
C MET E 457 67.72 -27.17 7.58
N ASP E 458 68.91 -26.68 7.24
CA ASP E 458 70.16 -27.21 7.81
C ASP E 458 70.13 -27.21 9.34
N ARG E 459 70.78 -28.21 9.92
CA ARG E 459 70.81 -28.41 11.37
C ARG E 459 71.47 -27.24 12.11
N ALA E 460 72.30 -26.49 11.38
CA ALA E 460 73.05 -25.35 11.91
C ALA E 460 72.21 -24.14 12.35
N HIS E 461 70.94 -24.09 11.94
CA HIS E 461 70.08 -22.94 12.23
C HIS E 461 68.70 -23.32 12.72
N GLU E 462 68.37 -24.61 12.62
CA GLU E 462 67.03 -25.12 12.96
C GLU E 462 66.61 -24.88 14.42
N ALA E 463 67.59 -24.83 15.33
CA ALA E 463 67.32 -24.63 16.76
C ALA E 463 66.71 -23.27 17.08
N LYS E 464 66.79 -22.33 16.14
CA LYS E 464 66.23 -20.98 16.31
C LYS E 464 64.74 -20.92 16.01
N ILE E 465 64.24 -21.89 15.24
CA ILE E 465 62.82 -21.93 14.83
C ILE E 465 61.93 -22.35 16.01
N ARG E 466 61.46 -21.37 16.78
CA ARG E 466 60.68 -21.62 17.99
C ARG E 466 59.18 -21.74 17.73
N TYR E 467 58.72 -21.19 16.61
CA TYR E 467 57.29 -21.12 16.30
C TYR E 467 57.04 -20.89 14.81
N TYR E 468 55.88 -21.36 14.35
CA TYR E 468 55.39 -21.03 13.02
C TYR E 468 54.20 -20.10 13.19
N THR E 469 54.14 -19.07 12.35
CA THR E 469 52.98 -18.21 12.31
C THR E 469 52.08 -18.67 11.18
N TYR E 470 50.78 -18.73 11.44
CA TYR E 470 49.82 -19.23 10.47
C TYR E 470 48.56 -18.37 10.45
N LEU E 471 47.93 -18.32 9.27
CA LEU E 471 46.73 -17.51 9.10
C LEU E 471 45.69 -18.27 8.30
N ILE E 472 44.43 -17.93 8.53
CA ILE E 472 43.31 -18.61 7.89
C ILE E 472 42.44 -17.63 7.13
N MET E 473 42.55 -17.73 5.81
CA MET E 473 41.71 -16.94 4.91
C MET E 473 40.43 -17.69 4.55
N ASN E 474 39.29 -17.07 4.79
CA ASN E 474 38.00 -17.59 4.35
C ASN E 474 37.12 -16.45 3.85
N LYS E 475 36.52 -16.68 2.69
CA LYS E 475 35.68 -15.69 1.99
C LYS E 475 36.40 -14.35 1.83
N GLY E 476 37.68 -14.43 1.44
CA GLY E 476 38.50 -13.24 1.21
C GLY E 476 38.92 -12.39 2.41
N ARG E 477 38.36 -12.65 3.59
CA ARG E 477 38.81 -11.99 4.82
C ARG E 477 39.69 -12.91 5.69
N LEU E 478 40.46 -12.33 6.60
CA LEU E 478 41.20 -13.12 7.57
C LEU E 478 40.23 -13.59 8.65
N LEU E 479 40.21 -14.90 8.88
CA LEU E 479 39.29 -15.47 9.85
C LEU E 479 39.97 -15.71 11.19
N LYS E 480 41.16 -16.30 11.14
CA LYS E 480 41.86 -16.71 12.35
C LYS E 480 43.34 -16.71 12.08
N ALA E 481 44.10 -16.21 13.06
CA ALA E 481 45.55 -16.31 13.04
C ALA E 481 46.08 -16.61 14.43
N GLY E 482 47.05 -17.49 14.52
CA GLY E 482 47.65 -17.83 15.80
C GLY E 482 49.08 -18.27 15.63
N ARG E 483 49.61 -18.92 16.65
CA ARG E 483 50.96 -19.46 16.59
C ARG E 483 50.97 -20.96 16.86
N GLN E 484 51.87 -21.65 16.19
CA GLN E 484 52.07 -23.06 16.40
C GLN E 484 53.50 -23.23 16.90
N VAL E 485 53.62 -23.59 18.19
CA VAL E 485 54.94 -23.71 18.82
C VAL E 485 55.72 -24.92 18.34
N ARG E 486 57.04 -24.81 18.40
CA ARG E 486 57.97 -25.85 17.98
C ARG E 486 59.23 -25.78 18.83
N GLU E 487 59.70 -26.95 19.25
CA GLU E 487 60.93 -27.02 20.02
C GLU E 487 62.02 -27.67 19.16
N PRO E 488 63.27 -27.18 19.27
CA PRO E 488 64.40 -27.61 18.44
C PRO E 488 64.48 -29.13 18.28
N GLY E 489 64.77 -29.56 17.05
CA GLY E 489 64.91 -30.99 16.75
C GLY E 489 63.71 -31.57 16.03
N GLN E 490 62.54 -31.00 16.32
CA GLN E 490 61.28 -31.44 15.70
C GLN E 490 61.22 -31.03 14.24
N ASP E 491 60.95 -32.01 13.38
CA ASP E 491 60.76 -31.76 11.96
C ASP E 491 59.28 -31.51 11.66
N LEU E 492 58.43 -32.36 12.20
CA LEU E 492 57.00 -32.28 11.96
C LEU E 492 56.22 -31.97 13.25
N VAL E 493 55.22 -31.11 13.13
CA VAL E 493 54.34 -30.74 14.26
C VAL E 493 52.91 -30.50 13.75
N VAL E 494 51.92 -30.90 14.54
CA VAL E 494 50.52 -30.81 14.11
C VAL E 494 49.70 -29.75 14.83
N LEU E 495 49.10 -28.85 14.06
CA LEU E 495 48.10 -27.95 14.59
C LEU E 495 46.75 -28.66 14.54
N PRO E 496 46.11 -28.85 15.71
CA PRO E 496 44.79 -29.42 15.75
C PRO E 496 43.78 -28.29 15.59
N LEU E 497 43.30 -28.11 14.36
CA LEU E 497 42.40 -27.02 14.03
C LEU E 497 40.94 -27.46 14.07
N SER E 498 40.12 -26.71 14.80
CA SER E 498 38.70 -27.04 14.88
C SER E 498 37.85 -26.27 13.86
N ILE E 499 37.23 -27.03 12.96
CA ILE E 499 36.42 -26.48 11.88
C ILE E 499 35.01 -26.11 12.35
N THR E 500 34.74 -24.80 12.37
CA THR E 500 33.42 -24.27 12.66
C THR E 500 32.66 -24.00 11.34
N THR E 501 31.41 -23.54 11.43
CA THR E 501 30.65 -23.18 10.24
C THR E 501 31.24 -21.97 9.49
N ASP E 502 32.12 -21.23 10.16
CA ASP E 502 32.81 -20.07 9.55
C ASP E 502 33.77 -20.45 8.41
N PHE E 503 34.07 -21.73 8.30
CA PHE E 503 35.06 -22.19 7.34
C PHE E 503 34.44 -22.50 5.98
N ILE E 504 33.11 -22.61 5.94
CA ILE E 504 32.36 -22.82 4.70
C ILE E 504 32.60 -21.63 3.74
N PRO E 505 32.67 -21.88 2.42
CA PRO E 505 32.65 -23.13 1.67
C PRO E 505 34.03 -23.74 1.52
N SER E 506 35.05 -23.01 1.96
CA SER E 506 36.44 -23.48 1.95
C SER E 506 37.32 -22.38 2.54
N PHE E 507 38.60 -22.69 2.71
CA PHE E 507 39.50 -21.77 3.39
C PHE E 507 40.94 -21.98 3.01
N ARG E 508 41.77 -20.98 3.32
CA ARG E 508 43.22 -21.10 3.12
C ARG E 508 44.00 -21.00 4.43
N LEU E 509 45.03 -21.84 4.53
CA LEU E 509 45.96 -21.81 5.64
C LEU E 509 47.31 -21.35 5.09
N VAL E 510 47.68 -20.12 5.39
CA VAL E 510 49.02 -19.67 5.03
C VAL E 510 49.86 -19.75 6.29
N ALA E 511 51.12 -20.17 6.15
CA ALA E 511 51.99 -20.25 7.32
C ALA E 511 53.44 -19.93 7.01
N TYR E 512 54.12 -19.25 7.94
CA TYR E 512 55.50 -18.83 7.71
C TYR E 512 56.37 -18.77 8.97
N TYR E 513 57.68 -18.94 8.76
CA TYR E 513 58.65 -18.74 9.83
C TYR E 513 59.80 -17.88 9.36
N THR E 514 60.43 -17.17 10.29
CA THR E 514 61.47 -16.21 9.93
C THR E 514 62.72 -16.36 10.81
N LEU E 515 63.88 -16.04 10.25
CA LEU E 515 65.13 -16.13 11.01
C LEU E 515 66.22 -15.21 10.47
N ILE E 516 67.36 -15.22 11.16
CA ILE E 516 68.60 -14.62 10.64
C ILE E 516 69.57 -15.77 10.35
N GLY E 517 69.66 -16.12 9.07
CA GLY E 517 70.52 -17.23 8.63
C GLY E 517 71.69 -16.78 7.78
N ALA E 518 72.59 -17.71 7.47
CA ALA E 518 73.78 -17.47 6.66
C ALA E 518 74.61 -16.27 7.13
N SER E 519 74.30 -15.08 6.60
CA SER E 519 74.98 -13.85 6.97
C SER E 519 74.09 -12.98 7.86
N GLY E 520 74.06 -11.68 7.61
CA GLY E 520 73.09 -10.78 8.22
C GLY E 520 71.77 -10.91 7.48
N GLN E 521 71.65 -12.02 6.74
CA GLN E 521 70.51 -12.33 5.89
C GLN E 521 69.22 -12.56 6.68
N ARG E 522 68.23 -11.69 6.47
CA ARG E 522 66.90 -11.90 7.01
C ARG E 522 66.12 -12.83 6.08
N GLU E 523 65.57 -13.90 6.64
CA GLU E 523 64.92 -14.93 5.83
C GLU E 523 63.49 -15.22 6.25
N VAL E 524 62.59 -15.18 5.27
CA VAL E 524 61.20 -15.61 5.43
C VAL E 524 60.96 -16.86 4.60
N VAL E 525 60.30 -17.83 5.21
CA VAL E 525 59.91 -19.07 4.52
C VAL E 525 58.42 -19.26 4.75
N ALA E 526 57.66 -19.47 3.67
CA ALA E 526 56.22 -19.64 3.81
C ALA E 526 55.69 -20.78 2.94
N ASP E 527 54.50 -21.26 3.30
CA ASP E 527 53.75 -22.23 2.50
C ASP E 527 52.28 -22.06 2.83
N SER E 528 51.43 -22.47 1.90
CA SER E 528 49.98 -22.35 2.09
C SER E 528 49.26 -23.58 1.55
N VAL E 529 48.07 -23.83 2.05
CA VAL E 529 47.27 -24.94 1.57
C VAL E 529 45.81 -24.53 1.41
N TRP E 530 45.21 -24.96 0.31
CA TRP E 530 43.79 -24.72 0.07
C TRP E 530 43.02 -25.93 0.54
N VAL E 531 42.07 -25.70 1.43
CA VAL E 531 41.28 -26.77 2.03
C VAL E 531 39.79 -26.55 1.80
N ASP E 532 39.10 -27.64 1.45
CA ASP E 532 37.72 -27.59 1.00
C ASP E 532 36.72 -28.20 1.97
N VAL E 533 36.08 -27.33 2.76
CA VAL E 533 34.94 -27.68 3.58
C VAL E 533 33.79 -28.14 2.69
N LYS E 534 32.99 -29.09 3.20
CA LYS E 534 31.74 -29.51 2.56
C LYS E 534 30.73 -28.38 2.60
N ASP E 535 30.07 -28.14 1.47
CA ASP E 535 29.07 -27.06 1.38
C ASP E 535 27.74 -27.44 1.98
N SER E 536 27.15 -26.45 2.65
CA SER E 536 25.81 -26.53 3.20
C SER E 536 25.49 -25.15 3.72
N CYS E 537 24.25 -24.94 4.15
CA CYS E 537 23.90 -23.71 4.83
C CYS E 537 24.79 -23.54 6.05
N VAL E 538 24.91 -22.31 6.52
CA VAL E 538 25.54 -22.03 7.80
C VAL E 538 24.62 -22.53 8.93
N GLY E 539 23.39 -22.00 8.95
CA GLY E 539 22.35 -22.50 9.83
C GLY E 539 21.63 -23.64 9.14
N SER E 540 20.31 -23.68 9.26
CA SER E 540 19.52 -24.68 8.55
C SER E 540 18.13 -24.17 8.29
N LEU E 541 17.45 -24.82 7.36
CA LEU E 541 16.06 -24.51 7.06
C LEU E 541 15.37 -25.71 6.46
N VAL E 542 14.23 -26.09 7.04
CA VAL E 542 13.44 -27.18 6.50
C VAL E 542 11.97 -26.86 6.52
N VAL E 543 11.29 -27.09 5.40
CA VAL E 543 9.85 -27.12 5.40
C VAL E 543 9.44 -28.57 5.33
N LYS E 544 8.54 -28.98 6.21
CA LYS E 544 7.91 -30.29 6.07
C LYS E 544 6.45 -30.28 6.48
N SER E 545 5.73 -31.32 6.06
CA SER E 545 4.32 -31.48 6.38
C SER E 545 4.20 -31.56 7.89
N GLY E 546 3.99 -30.39 8.49
CA GLY E 546 3.92 -30.19 9.94
C GLY E 546 2.89 -31.09 10.58
N GLN E 547 1.68 -31.09 10.01
CA GLN E 547 0.69 -32.13 10.31
C GLN E 547 1.40 -33.48 10.18
N SER E 548 1.69 -34.07 11.34
CA SER E 548 2.61 -35.20 11.44
C SER E 548 2.43 -36.28 10.35
N GLU E 549 3.26 -36.16 9.31
CA GLU E 549 3.52 -37.25 8.35
C GLU E 549 2.58 -37.37 7.13
N ASP E 550 1.83 -38.46 7.09
CA ASP E 550 1.33 -39.02 5.82
C ASP E 550 -0.10 -38.68 5.43
N ARG E 551 -0.43 -39.03 4.18
CA ARG E 551 -1.72 -38.81 3.46
C ARG E 551 -1.54 -37.87 2.27
N GLN E 552 -2.52 -37.87 1.37
CA GLN E 552 -2.46 -37.00 0.21
C GLN E 552 -3.66 -36.06 0.20
N PRO E 553 -3.40 -34.75 0.37
CA PRO E 553 -4.50 -33.80 0.59
C PRO E 553 -5.43 -33.61 -0.62
N VAL E 554 -6.62 -33.14 -0.33
CA VAL E 554 -7.67 -32.88 -1.32
C VAL E 554 -7.67 -31.40 -1.72
N PRO E 555 -8.13 -31.07 -2.95
CA PRO E 555 -8.17 -29.65 -3.35
C PRO E 555 -8.88 -28.77 -2.32
N GLY E 556 -8.28 -27.65 -1.95
CA GLY E 556 -8.92 -26.68 -1.08
C GLY E 556 -8.92 -27.06 0.40
N GLN E 557 -8.29 -28.19 0.71
CA GLN E 557 -8.17 -28.69 2.08
C GLN E 557 -7.11 -27.96 2.88
N GLN E 558 -7.39 -27.77 4.16
CA GLN E 558 -6.42 -27.17 5.10
C GLN E 558 -5.29 -28.13 5.48
N MET E 559 -4.12 -27.57 5.77
CA MET E 559 -2.97 -28.36 6.20
C MET E 559 -1.94 -27.47 6.89
N THR E 560 -1.03 -28.11 7.62
CA THR E 560 -0.06 -27.37 8.40
C THR E 560 1.34 -27.58 7.87
N LEU E 561 2.00 -26.49 7.51
CA LEU E 561 3.41 -26.50 7.18
C LEU E 561 4.21 -26.31 8.45
N LYS E 562 5.32 -27.02 8.55
CA LYS E 562 6.21 -26.87 9.67
C LYS E 562 7.54 -26.32 9.20
N ILE E 563 7.78 -25.03 9.43
CA ILE E 563 9.08 -24.44 9.11
C ILE E 563 9.95 -24.57 10.34
N GLU E 564 11.20 -24.96 10.14
CA GLU E 564 12.14 -25.10 11.24
C GLU E 564 13.45 -24.47 10.84
N GLY E 565 13.91 -23.49 11.61
CA GLY E 565 15.19 -22.85 11.32
C GLY E 565 15.74 -22.04 12.46
N ASP E 566 16.74 -21.23 12.16
CA ASP E 566 17.49 -20.48 13.16
C ASP E 566 16.62 -19.46 13.83
N HIS E 567 16.65 -19.48 15.17
CA HIS E 567 15.93 -18.52 15.99
C HIS E 567 16.14 -17.11 15.45
N GLY E 568 15.06 -16.36 15.35
CA GLY E 568 15.16 -14.99 14.91
C GLY E 568 15.01 -14.78 13.42
N ALA E 569 15.50 -15.74 12.63
CA ALA E 569 15.56 -15.59 11.16
C ALA E 569 14.24 -15.24 10.49
N ARG E 570 14.30 -14.41 9.47
CA ARG E 570 13.16 -14.17 8.59
C ARG E 570 13.12 -15.21 7.47
N VAL E 571 11.96 -15.85 7.31
CA VAL E 571 11.77 -16.90 6.31
C VAL E 571 10.80 -16.41 5.24
N VAL E 572 11.19 -16.52 3.96
CA VAL E 572 10.30 -16.12 2.85
C VAL E 572 9.86 -17.30 2.02
N LEU E 573 8.58 -17.32 1.69
CA LEU E 573 8.00 -18.52 1.07
C LEU E 573 7.47 -18.28 -0.35
N VAL E 574 7.47 -19.36 -1.13
CA VAL E 574 6.80 -19.44 -2.43
C VAL E 574 6.30 -20.86 -2.65
N ALA E 575 5.14 -20.98 -3.30
CA ALA E 575 4.62 -22.28 -3.76
C ALA E 575 4.37 -22.21 -5.28
N VAL E 576 5.00 -23.11 -6.02
CA VAL E 576 4.92 -23.08 -7.48
C VAL E 576 4.34 -24.39 -7.98
N ASP E 577 3.36 -24.31 -8.88
CA ASP E 577 2.84 -25.48 -9.57
C ASP E 577 3.96 -26.11 -10.40
N LYS E 578 4.19 -27.42 -10.24
CA LYS E 578 5.27 -28.09 -10.97
C LYS E 578 5.13 -28.08 -12.50
N GLY E 579 3.95 -27.71 -12.99
CA GLY E 579 3.72 -27.51 -14.41
C GLY E 579 4.61 -26.43 -15.00
N VAL E 580 4.78 -25.34 -14.25
CA VAL E 580 5.60 -24.21 -14.69
C VAL E 580 6.96 -24.72 -15.12
N PHE E 581 7.53 -25.65 -14.37
CA PHE E 581 8.88 -26.16 -14.66
C PHE E 581 8.98 -27.00 -15.94
N VAL E 582 7.84 -27.49 -16.42
CA VAL E 582 7.79 -28.25 -17.67
C VAL E 582 8.05 -27.29 -18.83
N LEU E 583 7.54 -26.08 -18.67
CA LEU E 583 7.72 -25.02 -19.66
C LEU E 583 9.13 -24.44 -19.59
N ASN E 584 9.51 -24.02 -18.38
CA ASN E 584 10.80 -23.38 -18.15
C ASN E 584 11.32 -23.72 -16.75
N LYS E 585 12.59 -24.11 -16.66
CA LYS E 585 13.18 -24.44 -15.34
C LYS E 585 14.56 -23.84 -15.11
N LYS E 586 14.85 -22.75 -15.82
CA LYS E 586 16.13 -22.06 -15.68
C LYS E 586 16.13 -20.97 -14.58
N ASN E 587 17.34 -20.58 -14.19
CA ASN E 587 17.62 -19.57 -13.16
C ASN E 587 16.72 -19.53 -11.91
N LYS E 588 16.56 -20.70 -11.29
CA LYS E 588 15.97 -20.80 -9.94
C LYS E 588 17.06 -20.63 -8.87
N LEU E 589 16.71 -19.95 -7.77
CA LEU E 589 17.68 -19.71 -6.71
C LEU E 589 18.05 -20.96 -5.90
N THR E 590 19.35 -21.19 -5.76
CA THR E 590 19.87 -22.45 -5.21
C THR E 590 21.07 -22.20 -4.29
N GLN E 591 21.13 -22.91 -3.17
CA GLN E 591 22.19 -22.69 -2.18
C GLN E 591 23.57 -22.91 -2.76
N SER E 592 23.75 -23.94 -3.59
CA SER E 592 25.04 -24.17 -4.24
C SER E 592 25.39 -23.13 -5.32
N LYS E 593 24.38 -22.42 -5.83
CA LYS E 593 24.64 -21.23 -6.67
C LYS E 593 25.24 -20.10 -5.85
N ILE E 594 24.71 -19.91 -4.65
CA ILE E 594 25.25 -18.91 -3.72
C ILE E 594 26.73 -19.16 -3.40
N TRP E 595 27.07 -20.37 -2.97
CA TRP E 595 28.47 -20.65 -2.65
C TRP E 595 29.32 -20.49 -3.89
N ASP E 596 28.77 -20.87 -5.04
CA ASP E 596 29.52 -20.82 -6.28
C ASP E 596 29.86 -19.39 -6.66
N VAL E 597 28.96 -18.47 -6.36
CA VAL E 597 29.24 -17.04 -6.50
C VAL E 597 30.33 -16.64 -5.53
N VAL E 598 30.18 -17.03 -4.27
CA VAL E 598 31.14 -16.70 -3.21
C VAL E 598 32.55 -17.18 -3.54
N GLU E 599 32.68 -18.40 -4.04
CA GLU E 599 34.01 -18.90 -4.34
C GLU E 599 34.55 -18.37 -5.67
N LYS E 600 33.67 -17.82 -6.51
CA LYS E 600 34.12 -17.11 -7.70
C LYS E 600 34.66 -15.73 -7.37
N ALA E 601 34.25 -15.17 -6.24
CA ALA E 601 34.73 -13.86 -5.80
C ALA E 601 36.02 -13.91 -4.97
N ASP E 602 36.64 -15.09 -4.92
CA ASP E 602 37.80 -15.31 -4.04
C ASP E 602 39.02 -14.49 -4.45
N ILE E 603 39.64 -13.83 -3.48
CA ILE E 603 40.85 -13.04 -3.76
C ILE E 603 42.12 -13.87 -3.82
N GLY E 604 41.98 -15.17 -3.57
CA GLY E 604 43.07 -16.13 -3.77
C GLY E 604 42.90 -16.85 -5.09
N CYS E 605 43.99 -17.05 -5.81
CA CYS E 605 43.95 -17.55 -7.19
C CYS E 605 44.66 -18.88 -7.38
N THR E 606 45.21 -19.42 -6.30
CA THR E 606 46.12 -20.56 -6.38
C THR E 606 45.74 -21.59 -5.32
N PRO E 607 45.69 -22.88 -5.69
CA PRO E 607 45.46 -23.93 -4.70
C PRO E 607 46.62 -24.17 -3.71
N GLY E 608 47.72 -23.44 -3.82
CA GLY E 608 48.81 -23.54 -2.83
C GLY E 608 50.23 -23.29 -3.31
N SER E 609 51.11 -23.02 -2.33
CA SER E 609 52.53 -22.69 -2.54
C SER E 609 52.75 -21.46 -3.43
N GLY E 610 53.95 -21.29 -3.97
CA GLY E 610 54.29 -20.12 -4.79
C GLY E 610 55.74 -20.15 -5.27
N LYS E 611 56.11 -19.17 -6.09
CA LYS E 611 57.49 -19.07 -6.60
C LYS E 611 58.50 -18.76 -5.48
N ASP E 612 58.07 -17.93 -4.53
CA ASP E 612 58.88 -17.55 -3.37
C ASP E 612 57.95 -17.30 -2.18
N TYR E 613 58.46 -16.69 -1.11
CA TYR E 613 57.61 -16.36 0.05
C TYR E 613 56.57 -15.31 -0.33
N ALA E 614 56.99 -14.29 -1.07
CA ALA E 614 56.13 -13.17 -1.45
C ALA E 614 55.06 -13.61 -2.44
N GLY E 615 55.37 -14.68 -3.19
CA GLY E 615 54.40 -15.37 -4.03
C GLY E 615 53.35 -16.08 -3.18
N VAL E 616 53.82 -16.90 -2.24
CA VAL E 616 52.96 -17.67 -1.35
C VAL E 616 51.87 -16.80 -0.71
N PHE E 617 52.29 -15.69 -0.11
CA PHE E 617 51.37 -14.77 0.55
C PHE E 617 50.34 -14.21 -0.43
N SER E 618 50.81 -13.67 -1.56
CA SER E 618 49.92 -12.99 -2.49
C SER E 618 48.95 -13.91 -3.25
N ASP E 619 49.47 -15.04 -3.74
CA ASP E 619 48.63 -16.05 -4.37
C ASP E 619 47.47 -16.43 -3.44
N ALA E 620 47.78 -16.60 -2.16
CA ALA E 620 46.78 -16.91 -1.15
C ALA E 620 45.85 -15.74 -0.85
N GLY E 621 46.21 -14.55 -1.34
CA GLY E 621 45.37 -13.36 -1.13
C GLY E 621 45.80 -12.48 0.03
N LEU E 622 47.10 -12.46 0.29
CA LEU E 622 47.66 -11.72 1.41
C LEU E 622 48.86 -10.85 1.08
N THR E 623 48.93 -9.72 1.80
CA THR E 623 50.08 -8.83 1.78
C THR E 623 50.97 -9.15 2.99
N PHE E 624 52.27 -9.20 2.73
CA PHE E 624 53.23 -9.27 3.81
C PHE E 624 54.19 -8.09 3.67
N THR E 625 54.43 -7.39 4.78
CA THR E 625 55.32 -6.23 4.79
C THR E 625 56.10 -6.16 6.09
N SER E 626 57.40 -5.88 5.98
CA SER E 626 58.30 -5.85 7.14
C SER E 626 59.27 -4.66 7.14
N SER E 627 59.73 -4.31 8.35
CA SER E 627 60.72 -3.25 8.58
C SER E 627 62.11 -3.52 7.99
N SER E 628 62.40 -4.78 7.68
CA SER E 628 63.64 -5.14 7.01
C SER E 628 63.54 -4.99 5.48
N GLY E 629 62.31 -4.74 5.01
CA GLY E 629 62.03 -4.57 3.58
C GLY E 629 61.64 -5.83 2.84
N GLN E 630 61.13 -6.82 3.58
CA GLN E 630 60.54 -8.01 2.97
C GLN E 630 59.06 -7.74 2.77
N GLN E 631 58.61 -7.83 1.52
CA GLN E 631 57.22 -7.56 1.20
C GLN E 631 56.68 -8.29 -0.04
N THR E 632 55.36 -8.36 -0.11
CA THR E 632 54.66 -8.84 -1.30
C THR E 632 54.65 -7.74 -2.36
N ALA E 633 54.76 -8.15 -3.63
CA ALA E 633 54.74 -7.21 -4.76
C ALA E 633 53.35 -6.58 -4.90
N GLN E 634 53.29 -5.37 -5.46
CA GLN E 634 52.03 -4.62 -5.53
C GLN E 634 50.94 -5.32 -6.35
N ARG E 635 49.78 -5.54 -5.73
CA ARG E 635 48.62 -6.02 -6.47
C ARG E 635 47.73 -4.84 -6.85
N ALA E 636 47.54 -4.66 -8.16
CA ALA E 636 46.77 -3.55 -8.69
C ALA E 636 45.49 -4.02 -9.37
N GLU E 637 45.45 -5.31 -9.69
CA GLU E 637 44.33 -5.93 -10.39
C GLU E 637 43.26 -6.44 -9.41
N LEU E 638 42.02 -5.98 -9.59
CA LEU E 638 40.90 -6.38 -8.74
C LEU E 638 40.44 -7.83 -8.95
N GLN E 639 41.06 -8.52 -9.90
CA GLN E 639 40.61 -9.84 -10.33
C GLN E 639 41.78 -10.79 -10.47
N CYS E 640 41.51 -12.09 -10.33
CA CYS E 640 42.56 -13.09 -10.41
C CYS E 640 43.09 -13.26 -11.84
N PRO E 641 44.42 -13.29 -11.99
CA PRO E 641 45.03 -13.36 -13.32
C PRO E 641 44.45 -14.43 -14.22
N GLN E 642 43.92 -13.99 -15.37
CA GLN E 642 43.46 -14.87 -16.46
C GLN E 642 42.61 -14.09 -17.46
N ASP F 4 -32.46 -37.30 -13.63
CA ASP F 4 -32.81 -38.54 -12.88
C ASP F 4 -32.56 -38.35 -11.37
N GLU F 5 -32.56 -39.47 -10.64
CA GLU F 5 -32.17 -39.52 -9.22
C GLU F 5 -30.77 -40.15 -9.15
N ASP F 6 -30.38 -40.61 -7.96
CA ASP F 6 -29.04 -41.18 -7.70
C ASP F 6 -27.90 -40.28 -8.23
N ILE F 7 -28.11 -38.96 -8.16
CA ILE F 7 -27.20 -37.97 -8.73
C ILE F 7 -27.33 -36.58 -8.10
N ILE F 8 -26.20 -35.90 -7.96
CA ILE F 8 -26.17 -34.55 -7.39
C ILE F 8 -26.45 -33.54 -8.50
N ALA F 9 -27.71 -33.16 -8.65
CA ALA F 9 -28.11 -32.13 -9.63
C ALA F 9 -27.17 -30.93 -9.73
N GLU F 10 -26.96 -30.44 -10.95
CA GLU F 10 -26.07 -29.31 -11.26
C GLU F 10 -26.11 -28.14 -10.27
N GLU F 11 -27.31 -27.67 -9.92
CA GLU F 11 -27.44 -26.47 -9.08
C GLU F 11 -26.74 -26.65 -7.72
N ASN F 12 -26.42 -27.91 -7.41
CA ASN F 12 -25.78 -28.24 -6.14
C ASN F 12 -24.33 -28.72 -6.31
N ILE F 13 -23.59 -28.02 -7.14
CA ILE F 13 -22.17 -28.29 -7.36
C ILE F 13 -21.44 -26.96 -7.38
N VAL F 14 -20.50 -26.77 -6.47
CA VAL F 14 -19.58 -25.65 -6.61
C VAL F 14 -18.36 -26.09 -7.41
N SER F 15 -18.03 -25.33 -8.45
CA SER F 15 -16.89 -25.69 -9.29
C SER F 15 -15.58 -25.25 -8.66
N ARG F 16 -14.58 -26.12 -8.77
CA ARG F 16 -13.19 -25.78 -8.44
C ARG F 16 -12.77 -24.71 -9.43
N SER F 17 -12.36 -23.56 -8.92
CA SER F 17 -12.16 -22.37 -9.75
C SER F 17 -10.84 -21.65 -9.50
N GLU F 18 -10.00 -22.23 -8.64
CA GLU F 18 -8.78 -21.54 -8.21
C GLU F 18 -7.54 -22.36 -8.54
N PHE F 19 -6.82 -21.88 -9.54
CA PHE F 19 -5.61 -22.57 -10.01
C PHE F 19 -4.54 -21.54 -10.36
N PRO F 20 -4.10 -20.72 -9.38
CA PRO F 20 -2.91 -19.92 -9.66
C PRO F 20 -1.73 -20.81 -10.03
N GLU F 21 -0.79 -20.27 -10.80
CA GLU F 21 0.38 -21.02 -11.20
C GLU F 21 1.41 -21.03 -10.07
N SER F 22 1.38 -19.98 -9.27
CA SER F 22 2.17 -19.89 -8.06
C SER F 22 1.36 -19.15 -7.00
N TRP F 23 1.60 -19.49 -5.73
CA TRP F 23 1.01 -18.78 -4.58
C TRP F 23 1.94 -18.86 -3.37
N LEU F 24 1.38 -18.52 -2.20
CA LEU F 24 2.08 -18.64 -0.90
C LEU F 24 3.24 -17.67 -0.74
N TRP F 25 3.08 -16.47 -1.31
CA TRP F 25 4.12 -15.45 -1.26
C TRP F 25 4.09 -14.79 0.12
N ASN F 26 4.66 -15.50 1.08
CA ASN F 26 4.52 -15.12 2.48
C ASN F 26 5.83 -14.93 3.20
N VAL F 27 5.77 -14.12 4.26
CA VAL F 27 6.89 -13.83 5.13
C VAL F 27 6.59 -14.34 6.54
N GLU F 28 7.51 -15.11 7.12
CA GLU F 28 7.35 -15.64 8.47
C GLU F 28 8.63 -15.45 9.27
N ASP F 29 8.50 -14.80 10.42
CA ASP F 29 9.62 -14.71 11.36
C ASP F 29 9.59 -15.83 12.40
N LEU F 30 10.71 -16.53 12.56
CA LEU F 30 10.85 -17.53 13.61
C LEU F 30 11.11 -16.85 14.96
N LYS F 31 10.03 -16.38 15.59
CA LYS F 31 10.14 -15.61 16.82
C LYS F 31 10.13 -16.45 18.10
N GLU F 32 9.75 -17.73 17.97
CA GLU F 32 9.56 -18.58 19.14
C GLU F 32 10.87 -19.06 19.75
N PRO F 33 10.93 -19.18 21.10
CA PRO F 33 12.09 -19.68 21.84
C PRO F 33 12.56 -21.02 21.33
N PRO F 34 13.88 -21.16 21.10
CA PRO F 34 14.48 -22.28 20.38
C PRO F 34 14.60 -23.54 21.23
N LYS F 35 14.89 -24.67 20.58
CA LYS F 35 15.16 -25.92 21.28
C LYS F 35 16.41 -26.51 20.69
N ASN F 36 17.49 -26.44 21.45
CA ASN F 36 18.83 -26.84 21.00
C ASN F 36 19.09 -26.54 19.53
N GLY F 37 19.19 -25.24 19.23
CA GLY F 37 19.47 -24.77 17.88
C GLY F 37 18.28 -24.21 17.14
N ILE F 38 17.14 -24.91 17.19
CA ILE F 38 16.06 -24.69 16.22
C ILE F 38 14.82 -23.97 16.78
N SER F 39 14.42 -22.89 16.11
CA SER F 39 13.07 -22.33 16.27
C SER F 39 12.13 -22.98 15.26
N THR F 40 10.89 -23.16 15.66
CA THR F 40 9.94 -23.90 14.84
C THR F 40 8.69 -23.09 14.61
N LYS F 41 8.28 -22.93 13.36
CA LYS F 41 6.94 -22.39 13.10
C LYS F 41 5.98 -23.44 12.52
N LEU F 42 4.74 -23.37 12.99
CA LEU F 42 3.64 -24.13 12.44
C LEU F 42 2.71 -23.15 11.75
N MET F 43 2.62 -23.29 10.44
CA MET F 43 1.82 -22.41 9.64
C MET F 43 0.69 -23.22 9.05
N ASN F 44 -0.53 -22.73 9.23
CA ASN F 44 -1.70 -23.39 8.66
C ASN F 44 -2.10 -22.72 7.36
N ILE F 45 -2.04 -23.46 6.26
CA ILE F 45 -2.42 -22.91 4.96
C ILE F 45 -3.67 -23.60 4.40
N PHE F 46 -4.37 -22.88 3.53
CA PHE F 46 -5.48 -23.43 2.74
C PHE F 46 -5.06 -23.78 1.30
N LEU F 47 -5.00 -25.07 0.98
CA LEU F 47 -4.59 -25.52 -0.37
C LEU F 47 -5.51 -25.00 -1.47
N LYS F 48 -5.01 -25.03 -2.71
CA LYS F 48 -5.79 -24.55 -3.85
C LYS F 48 -6.28 -25.73 -4.69
N ASP F 49 -7.31 -25.44 -5.48
CA ASP F 49 -8.04 -26.40 -6.29
C ASP F 49 -7.29 -27.04 -7.48
N SER F 50 -6.08 -26.56 -7.78
CA SER F 50 -5.18 -27.30 -8.68
C SER F 50 -5.02 -28.73 -8.22
N ILE F 51 -5.12 -29.69 -9.14
CA ILE F 51 -4.82 -31.08 -8.82
C ILE F 51 -3.47 -31.36 -9.42
N THR F 52 -2.43 -30.96 -8.71
CA THR F 52 -1.07 -30.97 -9.26
C THR F 52 -0.04 -31.43 -8.23
N THR F 53 1.19 -30.92 -8.33
CA THR F 53 2.13 -30.96 -7.24
C THR F 53 2.80 -29.62 -7.03
N TRP F 54 2.88 -29.19 -5.78
CA TRP F 54 3.50 -27.94 -5.45
C TRP F 54 4.93 -28.12 -4.98
N GLU F 55 5.81 -27.24 -5.44
CA GLU F 55 7.12 -27.08 -4.87
C GLU F 55 7.05 -25.93 -3.88
N ILE F 56 7.26 -26.24 -2.60
CA ILE F 56 7.42 -25.19 -1.62
C ILE F 56 8.91 -24.98 -1.36
N LEU F 57 9.33 -23.73 -1.55
CA LEU F 57 10.73 -23.34 -1.40
C LEU F 57 10.81 -22.17 -0.45
N ALA F 58 11.65 -22.33 0.56
CA ALA F 58 11.88 -21.31 1.56
C ALA F 58 13.34 -20.84 1.53
N VAL F 59 13.52 -19.59 1.94
CA VAL F 59 14.81 -18.95 2.07
C VAL F 59 14.80 -18.18 3.38
N SER F 60 15.87 -18.34 4.16
CA SER F 60 15.96 -17.74 5.48
C SER F 60 17.16 -16.80 5.64
N MET F 61 16.89 -15.63 6.24
CA MET F 61 17.85 -14.55 6.36
C MET F 61 18.06 -14.16 7.82
N SER F 62 19.25 -14.43 8.35
CA SER F 62 19.52 -14.23 9.78
C SER F 62 20.76 -13.38 10.04
N ASP F 63 20.63 -12.36 10.88
CA ASP F 63 21.77 -11.47 11.15
C ASP F 63 22.99 -12.21 11.66
N LYS F 64 22.75 -13.27 12.40
CA LYS F 64 23.82 -13.99 13.07
C LYS F 64 24.27 -15.20 12.28
N LYS F 65 23.43 -15.69 11.39
CA LYS F 65 23.69 -16.96 10.69
C LYS F 65 23.65 -16.85 9.16
N GLY F 66 23.02 -15.79 8.66
CA GLY F 66 23.12 -15.43 7.24
C GLY F 66 21.99 -15.83 6.31
N ILE F 67 22.34 -16.00 5.05
CA ILE F 67 21.38 -16.43 4.02
C ILE F 67 21.38 -17.96 3.91
N CYS F 68 20.19 -18.53 3.86
CA CYS F 68 20.06 -19.97 3.68
C CYS F 68 18.89 -20.31 2.74
N VAL F 69 19.10 -21.25 1.83
CA VAL F 69 18.07 -21.66 0.89
C VAL F 69 17.76 -23.15 1.06
N ALA F 70 16.51 -23.46 1.37
CA ALA F 70 16.12 -24.83 1.70
C ALA F 70 16.03 -25.77 0.49
N ASP F 71 16.23 -27.07 0.73
CA ASP F 71 15.83 -28.11 -0.23
C ASP F 71 14.32 -28.01 -0.42
N PRO F 72 13.80 -28.27 -1.63
CA PRO F 72 12.38 -27.98 -1.83
C PRO F 72 11.51 -29.03 -1.16
N PHE F 73 10.26 -28.70 -0.88
CA PHE F 73 9.39 -29.69 -0.29
C PHE F 73 8.13 -29.80 -1.14
N GLU F 74 7.83 -31.02 -1.57
CA GLU F 74 6.73 -31.26 -2.49
C GLU F 74 5.39 -31.60 -1.81
N VAL F 75 4.31 -31.04 -2.34
CA VAL F 75 2.97 -31.47 -1.93
C VAL F 75 2.11 -31.90 -3.14
N THR F 76 1.67 -33.16 -3.13
CA THR F 76 0.70 -33.63 -4.11
C THR F 76 -0.72 -33.51 -3.62
N VAL F 77 -1.58 -32.90 -4.44
CA VAL F 77 -3.01 -32.87 -4.18
C VAL F 77 -3.68 -33.83 -5.17
N MET F 78 -4.66 -34.61 -4.70
CA MET F 78 -5.27 -35.65 -5.54
C MET F 78 -6.70 -36.05 -5.15
N GLN F 79 -7.58 -36.12 -6.15
CA GLN F 79 -8.91 -36.70 -6.00
C GLN F 79 -8.94 -38.06 -6.71
N ASP F 80 -10.00 -38.82 -6.48
CA ASP F 80 -10.16 -40.12 -7.11
C ASP F 80 -10.95 -40.00 -8.45
N PHE F 81 -11.59 -38.84 -8.63
CA PHE F 81 -12.33 -38.49 -9.86
C PHE F 81 -12.40 -36.98 -10.10
N PHE F 82 -12.00 -36.56 -11.28
CA PHE F 82 -11.89 -35.13 -11.58
C PHE F 82 -11.93 -34.79 -13.09
N ILE F 83 -12.54 -33.64 -13.37
CA ILE F 83 -12.53 -32.99 -14.68
C ILE F 83 -11.20 -32.30 -14.92
N ASP F 84 -10.49 -32.70 -15.97
CA ASP F 84 -9.40 -31.89 -16.50
C ASP F 84 -9.94 -31.05 -17.66
N LEU F 85 -9.92 -29.74 -17.50
CA LEU F 85 -10.44 -28.84 -18.54
C LEU F 85 -9.29 -28.11 -19.21
N ARG F 86 -8.91 -28.66 -20.36
CA ARG F 86 -7.82 -28.17 -21.19
C ARG F 86 -8.30 -27.01 -22.05
N LEU F 87 -7.72 -25.84 -21.87
CA LEU F 87 -8.07 -24.66 -22.67
C LEU F 87 -6.83 -24.13 -23.38
N PRO F 88 -7.00 -23.61 -24.61
CA PRO F 88 -5.93 -22.83 -25.22
C PRO F 88 -5.84 -21.46 -24.57
N TYR F 89 -4.69 -20.81 -24.71
CA TYR F 89 -4.45 -19.49 -24.13
C TYR F 89 -5.39 -18.42 -24.70
N SER F 90 -5.25 -18.18 -26.01
CA SER F 90 -5.99 -17.12 -26.71
C SER F 90 -6.96 -17.67 -27.74
N VAL F 91 -8.11 -17.01 -27.89
CA VAL F 91 -9.04 -17.27 -29.00
C VAL F 91 -9.44 -15.99 -29.73
N VAL F 92 -9.24 -16.00 -31.05
CA VAL F 92 -9.76 -14.97 -31.96
C VAL F 92 -11.28 -15.08 -32.04
N ARG F 93 -11.97 -13.97 -31.78
CA ARG F 93 -13.44 -13.92 -31.69
C ARG F 93 -14.18 -14.53 -32.90
N ASN F 94 -15.34 -15.13 -32.63
CA ASN F 94 -16.24 -15.73 -33.65
C ASN F 94 -15.66 -16.90 -34.45
N GLU F 95 -14.61 -17.53 -33.92
CA GLU F 95 -13.99 -18.70 -34.54
C GLU F 95 -14.54 -20.01 -33.94
N GLN F 96 -14.89 -20.95 -34.80
CA GLN F 96 -15.38 -22.27 -34.39
C GLN F 96 -14.25 -23.08 -33.72
N VAL F 97 -14.35 -23.21 -32.40
CA VAL F 97 -13.35 -23.94 -31.59
C VAL F 97 -13.93 -25.12 -30.81
N GLU F 98 -13.25 -26.26 -30.90
CA GLU F 98 -13.59 -27.44 -30.11
C GLU F 98 -12.55 -27.65 -28.99
N ILE F 99 -12.96 -27.33 -27.77
CA ILE F 99 -12.14 -27.53 -26.58
C ILE F 99 -12.56 -28.84 -25.92
N ARG F 100 -11.61 -29.53 -25.29
CA ARG F 100 -11.90 -30.83 -24.69
C ARG F 100 -12.14 -30.75 -23.16
N ALA F 101 -12.50 -31.90 -22.58
CA ALA F 101 -12.72 -32.04 -21.15
C ALA F 101 -12.44 -33.48 -20.75
N VAL F 102 -11.23 -33.72 -20.25
CA VAL F 102 -10.82 -35.04 -19.79
C VAL F 102 -11.51 -35.39 -18.47
N LEU F 103 -11.85 -36.67 -18.31
CA LEU F 103 -12.46 -37.17 -17.10
C LEU F 103 -11.66 -38.37 -16.61
N TYR F 104 -10.89 -38.16 -15.55
CA TYR F 104 -10.05 -39.23 -15.01
C TYR F 104 -10.79 -40.00 -13.94
N ASN F 105 -10.38 -41.24 -13.77
CA ASN F 105 -10.98 -42.15 -12.82
C ASN F 105 -9.93 -43.07 -12.23
N TYR F 106 -9.48 -42.73 -11.02
CA TYR F 106 -8.46 -43.54 -10.34
C TYR F 106 -9.00 -44.31 -9.15
N ARG F 107 -10.30 -44.61 -9.19
CA ARG F 107 -10.91 -45.54 -8.24
C ARG F 107 -10.21 -46.89 -8.32
N GLN F 108 -10.13 -47.56 -7.17
CA GLN F 108 -9.39 -48.81 -7.03
C GLN F 108 -9.48 -49.71 -8.28
N ASN F 109 -10.59 -50.41 -8.45
CA ASN F 109 -10.77 -51.34 -9.57
C ASN F 109 -12.25 -51.51 -9.95
N GLN F 110 -12.94 -50.39 -10.11
CA GLN F 110 -14.38 -50.38 -10.36
C GLN F 110 -14.74 -49.19 -11.25
N GLU F 111 -15.73 -49.40 -12.12
CA GLU F 111 -16.10 -48.37 -13.09
C GLU F 111 -17.18 -47.41 -12.60
N LEU F 112 -17.12 -46.17 -13.08
CA LEU F 112 -18.09 -45.13 -12.73
C LEU F 112 -18.99 -44.74 -13.91
N LYS F 113 -20.24 -44.38 -13.59
CA LYS F 113 -21.22 -43.92 -14.57
C LYS F 113 -21.48 -42.44 -14.38
N VAL F 114 -20.84 -41.62 -15.21
CA VAL F 114 -20.88 -40.17 -15.05
C VAL F 114 -21.75 -39.47 -16.11
N ARG F 115 -22.44 -38.41 -15.69
CA ARG F 115 -23.18 -37.58 -16.63
C ARG F 115 -22.55 -36.20 -16.72
N VAL F 116 -21.46 -36.08 -17.47
CA VAL F 116 -20.78 -34.80 -17.68
C VAL F 116 -21.69 -33.76 -18.37
N GLU F 117 -21.46 -32.47 -18.11
CA GLU F 117 -22.31 -31.43 -18.71
C GLU F 117 -21.64 -30.08 -18.85
N LEU F 118 -21.52 -29.60 -20.10
CA LEU F 118 -21.17 -28.21 -20.33
C LEU F 118 -22.33 -27.30 -19.88
N LEU F 119 -21.98 -26.20 -19.22
CA LEU F 119 -22.97 -25.25 -18.76
C LEU F 119 -23.03 -24.10 -19.76
N HIS F 120 -24.13 -23.34 -19.72
CA HIS F 120 -24.32 -22.20 -20.62
C HIS F 120 -23.32 -21.08 -20.34
N ASN F 121 -23.32 -20.06 -21.21
CA ASN F 121 -22.49 -18.87 -21.06
C ASN F 121 -22.96 -17.80 -22.05
N PRO F 122 -23.45 -16.65 -21.54
CA PRO F 122 -24.12 -15.66 -22.39
C PRO F 122 -23.26 -15.25 -23.57
N ALA F 123 -21.97 -15.03 -23.33
CA ALA F 123 -21.04 -14.62 -24.38
C ALA F 123 -20.44 -15.80 -25.14
N PHE F 124 -21.10 -16.95 -25.08
CA PHE F 124 -20.65 -18.15 -25.80
C PHE F 124 -21.75 -18.82 -26.62
N CYS F 125 -21.32 -19.54 -27.65
CA CYS F 125 -22.22 -20.28 -28.52
C CYS F 125 -21.81 -21.75 -28.53
N SER F 126 -22.71 -22.61 -28.08
CA SER F 126 -22.51 -24.05 -28.05
C SER F 126 -23.89 -24.71 -28.11
N LEU F 127 -23.92 -26.05 -28.04
CA LEU F 127 -25.19 -26.79 -28.00
C LEU F 127 -25.98 -26.57 -26.70
N ALA F 128 -25.60 -25.56 -25.92
CA ALA F 128 -26.26 -25.25 -24.66
C ALA F 128 -26.97 -23.90 -24.70
N THR F 129 -28.25 -23.91 -24.34
CA THR F 129 -29.09 -22.72 -24.36
C THR F 129 -29.64 -22.42 -22.96
N THR F 130 -30.44 -21.35 -22.85
CA THR F 130 -30.99 -20.93 -21.54
C THR F 130 -32.14 -21.80 -21.03
N LYS F 131 -32.53 -22.81 -21.82
CA LYS F 131 -33.53 -23.79 -21.39
C LYS F 131 -32.99 -25.22 -21.48
N ARG F 132 -32.45 -25.58 -22.65
CA ARG F 132 -31.91 -26.93 -22.87
C ARG F 132 -30.49 -27.07 -22.32
N ARG F 133 -30.10 -28.31 -21.97
CA ARG F 133 -28.80 -28.57 -21.35
C ARG F 133 -27.89 -29.43 -22.23
N HIS F 134 -26.60 -29.09 -22.28
CA HIS F 134 -25.65 -29.87 -23.10
C HIS F 134 -24.95 -31.00 -22.30
N GLN F 135 -25.76 -31.95 -21.86
CA GLN F 135 -25.33 -32.96 -20.89
C GLN F 135 -25.22 -34.34 -21.50
N GLN F 136 -24.03 -34.90 -21.49
CA GLN F 136 -23.82 -36.29 -21.97
C GLN F 136 -23.64 -37.30 -20.83
N THR F 137 -24.18 -38.50 -21.02
CA THR F 137 -24.03 -39.61 -20.10
C THR F 137 -22.94 -40.52 -20.63
N VAL F 138 -21.76 -40.46 -20.01
CA VAL F 138 -20.65 -41.34 -20.41
C VAL F 138 -20.41 -42.41 -19.33
N THR F 139 -19.49 -43.33 -19.58
CA THR F 139 -19.09 -44.33 -18.58
C THR F 139 -17.58 -44.56 -18.59
N ILE F 140 -16.93 -44.21 -17.49
CA ILE F 140 -15.47 -44.35 -17.40
C ILE F 140 -15.11 -45.62 -16.62
N PRO F 141 -14.31 -46.51 -17.26
CA PRO F 141 -13.77 -47.68 -16.57
C PRO F 141 -12.71 -47.30 -15.52
N PRO F 142 -12.14 -48.30 -14.80
CA PRO F 142 -11.07 -48.05 -13.83
C PRO F 142 -9.75 -47.57 -14.43
N LYS F 143 -9.09 -46.64 -13.72
CA LYS F 143 -7.73 -46.17 -14.00
C LYS F 143 -7.55 -45.66 -15.43
N SER F 144 -8.48 -44.81 -15.87
CA SER F 144 -8.53 -44.39 -17.27
C SER F 144 -9.12 -43.00 -17.49
N SER F 145 -8.77 -42.39 -18.61
CA SER F 145 -9.29 -41.09 -19.03
C SER F 145 -10.42 -41.23 -20.07
N LEU F 146 -10.99 -40.08 -20.47
CA LEU F 146 -12.11 -40.02 -21.42
C LEU F 146 -12.39 -38.56 -21.80
N SER F 147 -12.01 -38.18 -23.01
CA SER F 147 -12.11 -36.79 -23.46
C SER F 147 -13.49 -36.48 -24.04
N VAL F 148 -14.22 -35.61 -23.36
CA VAL F 148 -15.51 -35.14 -23.86
C VAL F 148 -15.28 -33.84 -24.62
N PRO F 149 -15.52 -33.85 -25.94
CA PRO F 149 -15.26 -32.66 -26.74
C PRO F 149 -16.44 -31.71 -26.69
N TYR F 150 -16.16 -30.42 -26.75
CA TYR F 150 -17.19 -29.40 -26.63
C TYR F 150 -16.93 -28.25 -27.59
N VAL F 151 -17.73 -28.16 -28.66
CA VAL F 151 -17.57 -27.05 -29.58
C VAL F 151 -18.20 -25.76 -29.02
N ILE F 152 -17.33 -24.77 -28.85
CA ILE F 152 -17.74 -23.44 -28.42
C ILE F 152 -17.47 -22.47 -29.55
N VAL F 153 -18.08 -21.29 -29.45
CA VAL F 153 -17.85 -20.20 -30.37
C VAL F 153 -18.00 -18.95 -29.51
N PRO F 154 -16.90 -18.22 -29.32
CA PRO F 154 -16.86 -17.01 -28.46
C PRO F 154 -17.36 -15.77 -29.18
N LEU F 155 -17.76 -14.76 -28.41
CA LEU F 155 -18.19 -13.50 -29.00
C LEU F 155 -18.15 -12.39 -27.96
N LYS F 156 -16.97 -12.21 -27.37
CA LYS F 156 -16.68 -11.07 -26.48
C LYS F 156 -15.17 -11.00 -26.24
N THR F 157 -14.69 -9.86 -25.74
CA THR F 157 -13.25 -9.59 -25.65
C THR F 157 -12.67 -9.65 -24.22
N GLY F 158 -11.34 -9.77 -24.16
CA GLY F 158 -10.62 -9.75 -22.88
C GLY F 158 -10.59 -11.10 -22.21
N LEU F 159 -11.11 -11.14 -20.97
CA LEU F 159 -11.14 -12.37 -20.17
C LEU F 159 -12.57 -12.92 -20.10
N GLN F 160 -12.73 -14.20 -20.44
CA GLN F 160 -14.05 -14.84 -20.47
C GLN F 160 -14.05 -16.30 -19.95
N GLU F 161 -15.21 -16.75 -19.47
CA GLU F 161 -15.36 -17.93 -18.60
C GLU F 161 -15.88 -19.19 -19.30
N VAL F 162 -15.38 -20.35 -18.88
CA VAL F 162 -15.90 -21.67 -19.30
C VAL F 162 -16.10 -22.53 -18.06
N GLU F 163 -17.13 -23.39 -18.06
CA GLU F 163 -17.50 -24.15 -16.85
C GLU F 163 -18.24 -25.47 -17.11
N VAL F 164 -17.52 -26.59 -17.19
CA VAL F 164 -18.18 -27.92 -17.21
C VAL F 164 -18.25 -28.53 -15.80
N LYS F 165 -19.15 -29.50 -15.62
CA LYS F 165 -19.42 -30.14 -14.33
C LYS F 165 -19.82 -31.61 -14.50
N ALA F 166 -19.18 -32.51 -13.75
CA ALA F 166 -19.60 -33.91 -13.78
C ALA F 166 -20.36 -34.30 -12.51
N ALA F 167 -20.81 -35.57 -12.45
CA ALA F 167 -21.59 -36.12 -11.32
C ALA F 167 -21.82 -37.60 -11.59
N VAL F 168 -21.62 -38.46 -10.60
CA VAL F 168 -21.77 -39.92 -10.79
C VAL F 168 -23.14 -40.52 -10.40
N TYR F 169 -23.32 -41.79 -10.73
CA TYR F 169 -24.55 -42.50 -10.36
C TYR F 169 -24.25 -43.52 -9.27
N HIS F 170 -25.18 -43.64 -8.32
CA HIS F 170 -25.03 -44.51 -7.13
C HIS F 170 -23.82 -44.17 -6.23
N HIS F 171 -23.32 -42.94 -6.36
CA HIS F 171 -22.27 -42.40 -5.50
C HIS F 171 -22.48 -40.91 -5.24
N PHE F 172 -22.07 -40.45 -4.06
CA PHE F 172 -22.18 -39.05 -3.67
C PHE F 172 -21.02 -38.20 -4.24
N ILE F 173 -20.22 -38.80 -5.12
CA ILE F 173 -19.05 -38.13 -5.68
C ILE F 173 -19.48 -37.17 -6.79
N SER F 174 -18.70 -36.11 -7.01
CA SER F 174 -18.96 -35.15 -8.09
C SER F 174 -17.74 -34.22 -8.34
N ASP F 175 -17.79 -33.43 -9.42
CA ASP F 175 -16.78 -32.36 -9.68
C ASP F 175 -17.33 -31.13 -10.43
N GLY F 176 -16.44 -30.18 -10.68
CA GLY F 176 -16.75 -28.95 -11.41
C GLY F 176 -15.47 -28.16 -11.61
N VAL F 177 -15.18 -27.78 -12.86
CA VAL F 177 -14.00 -26.96 -13.16
C VAL F 177 -14.46 -25.66 -13.83
N ARG F 178 -13.82 -24.54 -13.48
CA ARG F 178 -14.17 -23.23 -14.02
C ARG F 178 -12.95 -22.35 -14.37
N LYS F 179 -12.52 -22.42 -15.63
CA LYS F 179 -11.35 -21.67 -16.12
C LYS F 179 -11.71 -20.49 -17.01
N SER F 180 -10.81 -19.50 -17.07
CA SER F 180 -11.02 -18.27 -17.85
C SER F 180 -9.93 -18.04 -18.89
N LEU F 181 -10.26 -18.27 -20.16
CA LEU F 181 -9.35 -17.97 -21.28
C LEU F 181 -9.49 -16.52 -21.80
N LYS F 182 -8.55 -16.10 -22.65
CA LYS F 182 -8.55 -14.77 -23.27
C LYS F 182 -9.12 -14.76 -24.70
N VAL F 183 -10.05 -13.84 -24.95
CA VAL F 183 -10.65 -13.66 -26.28
C VAL F 183 -10.19 -12.32 -26.86
N VAL F 184 -9.74 -12.35 -28.13
CA VAL F 184 -9.09 -11.18 -28.74
C VAL F 184 -9.47 -10.91 -30.23
N PRO F 185 -9.71 -9.63 -30.59
CA PRO F 185 -9.81 -9.22 -32.00
C PRO F 185 -8.50 -9.41 -32.80
N GLU F 186 -8.55 -9.21 -34.12
CA GLU F 186 -7.38 -9.40 -35.00
C GLU F 186 -6.55 -8.12 -35.12
N THR G 37 -7.79 -19.80 -39.83
CA THR G 37 -6.82 -19.19 -40.73
C THR G 37 -6.07 -20.27 -41.53
N CYS G 38 -6.07 -21.50 -41.01
CA CYS G 38 -5.41 -22.67 -41.63
C CYS G 38 -4.03 -22.40 -42.26
N ASN G 39 -2.98 -22.57 -41.45
CA ASN G 39 -1.61 -22.21 -41.81
C ASN G 39 -1.02 -22.97 -43.01
N LYS G 40 -0.34 -24.08 -42.74
CA LYS G 40 0.43 -24.78 -43.78
C LYS G 40 -0.15 -26.16 -44.09
N PHE G 41 -1.47 -26.30 -43.98
CA PHE G 41 -2.15 -27.58 -44.25
C PHE G 41 -3.47 -27.47 -45.01
N ASP G 42 -3.94 -28.61 -45.53
CA ASP G 42 -5.10 -28.69 -46.41
C ASP G 42 -6.14 -29.66 -45.86
N LEU G 43 -7.27 -29.13 -45.38
CA LEU G 43 -8.26 -29.96 -44.70
C LEU G 43 -9.67 -29.97 -45.32
N LYS G 44 -10.02 -31.10 -45.94
CA LYS G 44 -11.35 -31.31 -46.50
C LYS G 44 -12.03 -32.51 -45.82
N VAL G 45 -13.26 -32.29 -45.37
CA VAL G 45 -13.97 -33.24 -44.53
C VAL G 45 -15.38 -33.58 -45.05
N THR G 46 -15.64 -34.87 -45.21
CA THR G 46 -16.90 -35.33 -45.81
C THR G 46 -17.61 -36.37 -44.94
N ILE G 47 -18.88 -36.08 -44.66
CA ILE G 47 -19.78 -37.03 -44.01
C ILE G 47 -20.78 -37.59 -45.03
N LYS G 48 -20.68 -38.89 -45.32
CA LYS G 48 -21.48 -39.52 -46.38
C LYS G 48 -22.34 -40.71 -45.91
N PRO G 49 -23.55 -40.86 -46.49
CA PRO G 49 -24.35 -42.08 -46.39
C PRO G 49 -23.73 -43.26 -47.16
N ALA G 50 -24.24 -44.47 -46.93
CA ALA G 50 -23.63 -45.71 -47.46
C ALA G 50 -24.64 -46.78 -47.90
N PRO G 51 -24.20 -47.76 -48.71
CA PRO G 51 -25.04 -48.92 -49.04
C PRO G 51 -24.93 -50.03 -47.99
N LYS G 61 -27.49 -46.60 -35.68
CA LYS G 61 -27.74 -47.82 -36.43
C LYS G 61 -27.54 -47.58 -37.94
N ASN G 62 -27.29 -46.32 -38.32
CA ASN G 62 -27.14 -45.93 -39.73
C ASN G 62 -25.85 -46.42 -40.39
N THR G 63 -24.74 -46.33 -39.66
CA THR G 63 -23.39 -46.73 -40.15
C THR G 63 -22.92 -45.91 -41.36
N MET G 64 -22.39 -44.72 -41.08
CA MET G 64 -22.01 -43.74 -42.12
C MET G 64 -20.53 -43.72 -42.52
N ILE G 65 -20.26 -43.30 -43.75
CA ILE G 65 -18.91 -43.18 -44.28
C ILE G 65 -18.25 -41.89 -43.79
N LEU G 66 -17.00 -42.01 -43.33
CA LEU G 66 -16.24 -40.84 -42.88
C LEU G 66 -15.05 -40.62 -43.81
N GLU G 67 -15.08 -39.50 -44.53
CA GLU G 67 -14.08 -39.21 -45.56
C GLU G 67 -13.32 -37.92 -45.25
N ILE G 68 -12.01 -38.05 -45.11
CA ILE G 68 -11.12 -36.90 -44.89
C ILE G 68 -9.84 -37.11 -45.68
N CYS G 69 -9.31 -36.02 -46.22
CA CYS G 69 -8.09 -36.06 -47.02
C CYS G 69 -7.19 -34.90 -46.66
N THR G 70 -5.89 -35.16 -46.58
CA THR G 70 -4.91 -34.13 -46.19
C THR G 70 -3.46 -34.47 -46.52
N ARG G 71 -2.73 -33.47 -47.02
CA ARG G 71 -1.27 -33.54 -47.20
C ARG G 71 -0.60 -32.20 -46.85
N TYR G 72 0.72 -32.12 -47.04
CA TYR G 72 1.53 -30.97 -46.63
C TYR G 72 1.42 -29.76 -47.58
N ARG G 73 2.06 -28.64 -47.19
CA ARG G 73 2.12 -27.45 -48.04
C ARG G 73 3.53 -26.87 -48.20
N GLY G 74 4.27 -27.42 -49.16
CA GLY G 74 5.64 -27.01 -49.46
C GLY G 74 6.20 -27.81 -50.63
N ASP G 75 5.55 -28.92 -50.95
CA ASP G 75 5.95 -29.84 -52.02
C ASP G 75 7.28 -30.55 -51.77
N GLN G 76 7.41 -31.09 -50.57
CA GLN G 76 8.50 -31.99 -50.19
C GLN G 76 7.91 -33.09 -49.31
N ASP G 77 8.59 -34.23 -49.25
CA ASP G 77 8.12 -35.36 -48.42
C ASP G 77 8.27 -35.10 -46.92
N ALA G 78 7.34 -34.33 -46.36
CA ALA G 78 7.36 -33.93 -44.94
C ALA G 78 7.27 -35.11 -43.97
N THR G 79 7.53 -34.82 -42.69
CA THR G 79 7.80 -35.86 -41.70
C THR G 79 6.60 -36.19 -40.81
N MET G 80 6.77 -37.23 -39.98
CA MET G 80 5.77 -37.77 -39.05
C MET G 80 4.73 -36.74 -38.59
N SER G 81 3.46 -37.02 -38.85
CA SER G 81 2.40 -36.04 -38.63
C SER G 81 1.16 -36.63 -37.95
N ILE G 82 0.24 -35.75 -37.55
CA ILE G 82 -0.97 -36.18 -36.81
C ILE G 82 -2.32 -35.66 -37.32
N LEU G 83 -3.27 -36.59 -37.42
CA LEU G 83 -4.69 -36.31 -37.63
C LEU G 83 -5.49 -36.54 -36.35
N ASP G 84 -5.98 -35.47 -35.74
CA ASP G 84 -6.75 -35.55 -34.49
C ASP G 84 -8.24 -35.59 -34.79
N ILE G 85 -8.81 -36.79 -34.88
CA ILE G 85 -10.21 -36.97 -35.25
C ILE G 85 -11.14 -37.04 -34.05
N SER G 86 -12.26 -36.33 -34.13
CA SER G 86 -13.27 -36.31 -33.07
C SER G 86 -14.66 -36.60 -33.63
N MET G 87 -15.27 -37.70 -33.17
CA MET G 87 -16.58 -38.16 -33.64
C MET G 87 -17.73 -37.15 -33.38
N MET G 88 -18.89 -37.46 -33.95
CA MET G 88 -20.14 -36.78 -33.60
C MET G 88 -20.73 -37.63 -32.49
N THR G 89 -21.54 -37.00 -31.64
CA THR G 89 -22.15 -37.67 -30.48
C THR G 89 -22.53 -39.14 -30.71
N GLY G 90 -21.99 -40.02 -29.87
CA GLY G 90 -22.38 -41.43 -29.82
C GLY G 90 -22.07 -42.25 -31.06
N PHE G 91 -20.78 -42.32 -31.41
CA PHE G 91 -20.32 -43.17 -32.51
C PHE G 91 -18.95 -43.79 -32.20
N ALA G 92 -18.82 -45.08 -32.51
CA ALA G 92 -17.56 -45.82 -32.30
C ALA G 92 -17.22 -46.72 -33.50
N PRO G 93 -16.13 -46.36 -34.23
CA PRO G 93 -15.73 -46.91 -35.54
C PRO G 93 -15.58 -48.44 -35.66
N ASP G 94 -15.75 -48.94 -36.87
CA ASP G 94 -15.63 -50.37 -37.19
C ASP G 94 -14.19 -50.84 -37.00
N THR G 95 -14.03 -51.88 -36.18
CA THR G 95 -12.71 -52.42 -35.82
C THR G 95 -12.11 -53.41 -36.83
N ASP G 96 -12.76 -53.54 -37.99
CA ASP G 96 -12.17 -54.25 -39.13
C ASP G 96 -11.80 -53.28 -40.25
N ASP G 97 -12.59 -52.23 -40.42
CA ASP G 97 -12.28 -51.13 -41.33
C ASP G 97 -11.03 -50.39 -40.86
N LEU G 98 -10.92 -50.18 -39.55
CA LEU G 98 -9.74 -49.57 -38.95
C LEU G 98 -8.51 -50.50 -38.93
N LYS G 99 -8.73 -51.79 -38.69
CA LYS G 99 -7.64 -52.78 -38.70
C LYS G 99 -7.02 -52.96 -40.09
N GLN G 100 -7.73 -52.49 -41.12
CA GLN G 100 -7.19 -52.41 -42.47
C GLN G 100 -6.22 -51.24 -42.58
N LEU G 101 -6.59 -50.12 -41.94
CA LEU G 101 -5.73 -48.95 -41.80
C LEU G 101 -4.51 -49.24 -40.93
N ALA G 102 -4.64 -50.23 -40.05
CA ALA G 102 -3.55 -50.66 -39.16
C ALA G 102 -2.40 -51.33 -39.90
N ASN G 103 -2.61 -52.58 -40.31
CA ASN G 103 -1.57 -53.38 -40.98
C ASN G 103 -1.09 -52.83 -42.32
N GLY G 104 -1.91 -51.97 -42.93
CA GLY G 104 -1.51 -51.23 -44.11
C GLY G 104 -0.39 -50.26 -43.77
N VAL G 105 0.71 -50.35 -44.50
CA VAL G 105 1.90 -49.51 -44.28
C VAL G 105 1.61 -48.01 -44.53
N ASP G 106 2.52 -47.13 -44.09
CA ASP G 106 2.36 -45.66 -44.19
C ASP G 106 1.44 -45.02 -43.13
N ARG G 107 0.77 -45.85 -42.33
CA ARG G 107 -0.18 -45.37 -41.32
C ARG G 107 0.05 -46.06 -39.97
N TYR G 108 -0.36 -45.39 -38.88
CA TYR G 108 -0.34 -45.97 -37.53
C TYR G 108 -1.54 -45.57 -36.66
N ILE G 109 -2.39 -46.56 -36.36
CA ILE G 109 -3.42 -46.45 -35.33
C ILE G 109 -3.08 -47.48 -34.25
N SER G 110 -2.78 -46.99 -33.04
CA SER G 110 -2.06 -47.75 -32.00
C SER G 110 -2.67 -49.11 -31.64
N LYS G 111 -1.79 -50.04 -31.29
CA LYS G 111 -2.14 -51.36 -30.79
C LYS G 111 -3.08 -51.29 -29.58
N TYR G 112 -2.99 -50.18 -28.86
CA TYR G 112 -3.76 -49.90 -27.64
C TYR G 112 -5.27 -49.76 -27.90
N GLU G 113 -5.67 -49.75 -29.17
CA GLU G 113 -7.07 -49.59 -29.56
C GLU G 113 -7.67 -50.81 -30.27
N LEU G 114 -6.80 -51.75 -30.68
CA LEU G 114 -7.23 -53.01 -31.31
C LEU G 114 -8.08 -53.85 -30.36
N ASP G 115 -7.77 -53.76 -29.07
CA ASP G 115 -8.54 -54.44 -28.01
C ASP G 115 -9.30 -53.43 -27.13
N LYS G 116 -9.80 -52.37 -27.76
CA LYS G 116 -10.62 -51.37 -27.06
C LYS G 116 -12.12 -51.62 -27.25
N ALA G 117 -12.87 -51.44 -26.18
CA ALA G 117 -14.32 -51.65 -26.17
C ALA G 117 -15.07 -50.59 -26.97
N PHE G 118 -16.18 -51.00 -27.59
CA PHE G 118 -17.06 -50.10 -28.34
C PHE G 118 -17.91 -49.26 -27.38
N SER G 119 -17.71 -49.49 -26.07
CA SER G 119 -18.48 -48.86 -25.00
C SER G 119 -18.37 -47.33 -25.00
N ASP G 120 -17.13 -46.83 -24.90
CA ASP G 120 -16.90 -45.38 -24.87
C ASP G 120 -15.62 -44.98 -25.62
N ARG G 121 -15.78 -44.68 -26.90
CA ARG G 121 -14.71 -44.20 -27.75
C ARG G 121 -15.21 -43.10 -28.68
N ASN G 122 -15.24 -41.87 -28.17
CA ASN G 122 -15.74 -40.72 -28.94
C ASN G 122 -14.65 -39.78 -29.48
N THR G 123 -13.40 -40.23 -29.42
CA THR G 123 -12.27 -39.57 -30.10
C THR G 123 -11.18 -40.61 -30.42
N LEU G 124 -10.50 -40.39 -31.54
CA LEU G 124 -9.28 -41.14 -31.86
C LEU G 124 -8.35 -40.34 -32.77
N ILE G 125 -7.08 -40.75 -32.85
CA ILE G 125 -6.04 -39.95 -33.50
C ILE G 125 -5.16 -40.82 -34.40
N ILE G 126 -5.01 -40.41 -35.67
CA ILE G 126 -4.26 -41.16 -36.67
C ILE G 126 -2.82 -40.63 -36.85
N TYR G 127 -1.86 -41.52 -36.61
CA TYR G 127 -0.44 -41.21 -36.73
C TYR G 127 0.02 -41.55 -38.14
N LEU G 128 0.21 -40.51 -38.96
CA LEU G 128 0.64 -40.69 -40.34
C LEU G 128 2.16 -40.68 -40.43
N ASP G 129 2.74 -41.54 -41.27
CA ASP G 129 4.19 -41.58 -41.49
C ASP G 129 4.66 -40.47 -42.43
N LYS G 130 3.99 -40.33 -43.57
CA LYS G 130 4.36 -39.32 -44.56
C LYS G 130 3.24 -38.30 -44.78
N VAL G 131 3.60 -37.15 -45.37
CA VAL G 131 2.64 -36.10 -45.70
C VAL G 131 3.28 -35.07 -46.66
N SER G 132 3.05 -35.29 -47.97
CA SER G 132 3.65 -34.45 -49.02
C SER G 132 2.57 -33.71 -49.82
N HIS G 133 2.52 -33.91 -51.15
CA HIS G 133 1.45 -33.37 -52.00
C HIS G 133 1.43 -33.99 -53.41
N SER G 134 2.02 -35.18 -53.55
CA SER G 134 2.05 -35.92 -54.83
C SER G 134 0.78 -36.75 -55.07
N GLU G 135 0.23 -37.31 -54.00
CA GLU G 135 -1.09 -37.94 -54.01
C GLU G 135 -1.96 -37.29 -52.91
N ASP G 136 -2.62 -38.11 -52.09
CA ASP G 136 -3.35 -37.61 -50.93
C ASP G 136 -3.62 -38.67 -49.87
N ASP G 137 -3.25 -38.36 -48.62
CA ASP G 137 -3.47 -39.26 -47.50
C ASP G 137 -4.94 -39.26 -47.08
N CYS G 138 -5.72 -40.06 -47.79
CA CYS G 138 -7.17 -40.11 -47.60
C CYS G 138 -7.59 -41.31 -46.77
N LEU G 139 -8.79 -41.26 -46.23
CA LEU G 139 -9.32 -42.30 -45.36
C LEU G 139 -10.84 -42.39 -45.38
N ALA G 140 -11.35 -43.62 -45.28
CA ALA G 140 -12.78 -43.89 -45.29
C ALA G 140 -13.10 -45.16 -44.51
N PHE G 141 -13.98 -45.03 -43.51
CA PHE G 141 -14.41 -46.18 -42.70
C PHE G 141 -15.82 -46.03 -42.12
N LYS G 142 -16.42 -47.16 -41.75
CA LYS G 142 -17.80 -47.22 -41.24
C LYS G 142 -17.88 -47.22 -39.71
N VAL G 143 -19.04 -46.83 -39.16
CA VAL G 143 -19.18 -46.58 -37.73
C VAL G 143 -20.35 -47.33 -37.05
N HIS G 144 -20.02 -48.17 -36.05
CA HIS G 144 -21.00 -48.93 -35.26
C HIS G 144 -21.63 -48.10 -34.13
N GLN G 145 -22.77 -47.47 -34.43
CA GLN G 145 -23.47 -46.59 -33.49
C GLN G 145 -24.05 -47.33 -32.29
N TYR G 146 -23.83 -46.79 -31.10
CA TYR G 146 -24.31 -47.41 -29.86
C TYR G 146 -25.48 -46.64 -29.21
N PHE G 147 -25.65 -45.39 -29.61
CA PHE G 147 -26.64 -44.51 -28.96
C PHE G 147 -27.38 -43.63 -29.96
N ASN G 148 -28.70 -43.70 -29.93
CA ASN G 148 -29.57 -42.91 -30.79
C ASN G 148 -30.18 -41.78 -29.97
N VAL G 149 -29.84 -40.54 -30.33
CA VAL G 149 -30.29 -39.38 -29.56
C VAL G 149 -30.48 -38.11 -30.42
N GLU G 150 -31.10 -37.09 -29.82
CA GLU G 150 -31.39 -35.81 -30.44
C GLU G 150 -30.14 -34.93 -30.66
N LEU G 151 -30.38 -33.67 -31.06
CA LEU G 151 -29.35 -32.63 -31.33
C LEU G 151 -27.88 -33.05 -31.24
N ILE G 152 -27.37 -33.59 -32.35
CA ILE G 152 -26.01 -34.13 -32.42
C ILE G 152 -24.93 -33.03 -32.42
N GLN G 153 -23.73 -33.39 -31.98
CA GLN G 153 -22.61 -32.46 -31.98
C GLN G 153 -21.75 -32.62 -33.23
N PRO G 154 -21.39 -31.49 -33.86
CA PRO G 154 -20.37 -31.47 -34.90
C PRO G 154 -19.12 -32.23 -34.47
N GLY G 155 -18.63 -33.11 -35.33
CA GLY G 155 -17.33 -33.74 -35.11
C GLY G 155 -16.21 -32.72 -35.28
N ALA G 156 -14.96 -33.15 -35.08
CA ALA G 156 -13.82 -32.25 -35.18
C ALA G 156 -12.51 -32.93 -35.61
N VAL G 157 -11.99 -32.51 -36.76
CA VAL G 157 -10.73 -33.04 -37.26
C VAL G 157 -9.66 -31.95 -37.30
N LYS G 158 -8.46 -32.31 -36.85
CA LYS G 158 -7.32 -31.40 -36.82
C LYS G 158 -6.13 -32.03 -37.56
N VAL G 159 -5.24 -31.17 -38.08
CA VAL G 159 -3.99 -31.62 -38.66
C VAL G 159 -2.81 -30.74 -38.27
N TYR G 160 -1.65 -31.37 -38.09
CA TYR G 160 -0.41 -30.66 -37.82
C TYR G 160 0.80 -31.60 -37.85
N ALA G 161 1.98 -31.01 -38.03
CA ALA G 161 3.24 -31.74 -37.95
C ALA G 161 3.65 -31.90 -36.50
N TYR G 162 4.33 -33.00 -36.18
CA TYR G 162 4.70 -33.34 -34.81
C TYR G 162 5.64 -32.33 -34.13
N TYR G 163 6.36 -31.52 -34.91
CA TYR G 163 7.32 -30.57 -34.34
C TYR G 163 6.79 -29.15 -34.18
N ASN G 164 5.48 -28.98 -34.35
CA ASN G 164 4.82 -27.69 -34.09
C ASN G 164 3.31 -27.81 -34.07
N LEU G 165 2.71 -27.55 -32.91
CA LEU G 165 1.27 -27.67 -32.71
C LEU G 165 0.52 -26.45 -33.24
N GLU G 166 1.20 -25.30 -33.28
CA GLU G 166 0.59 -24.01 -33.64
C GLU G 166 0.22 -23.88 -35.12
N GLU G 167 0.96 -24.54 -35.99
CA GLU G 167 0.60 -24.62 -37.40
C GLU G 167 -0.39 -25.76 -37.62
N SER G 168 -1.69 -25.44 -37.47
CA SER G 168 -2.73 -26.46 -37.43
C SER G 168 -4.00 -26.12 -38.21
N CYS G 169 -4.58 -27.14 -38.81
CA CYS G 169 -5.87 -27.02 -39.49
C CYS G 169 -6.98 -27.73 -38.71
N THR G 170 -8.05 -26.99 -38.42
CA THR G 170 -9.23 -27.53 -37.76
C THR G 170 -10.47 -27.37 -38.66
N ARG G 171 -11.04 -28.50 -39.06
CA ARG G 171 -12.27 -28.55 -39.86
C ARG G 171 -13.28 -29.46 -39.18
N PHE G 172 -14.55 -29.10 -39.29
CA PHE G 172 -15.64 -29.78 -38.58
C PHE G 172 -16.59 -30.51 -39.54
N TYR G 173 -17.48 -31.35 -38.99
CA TYR G 173 -18.43 -32.12 -39.81
C TYR G 173 -19.76 -32.48 -39.14
N HIS G 174 -20.82 -31.78 -39.55
CA HIS G 174 -22.19 -32.02 -39.09
C HIS G 174 -23.08 -32.11 -40.34
N PRO G 175 -23.60 -33.33 -40.65
CA PRO G 175 -24.22 -33.67 -41.95
C PRO G 175 -25.25 -32.68 -42.49
N GLU G 176 -26.07 -32.10 -41.60
CA GLU G 176 -27.12 -31.17 -42.01
C GLU G 176 -26.59 -29.78 -42.37
N LYS G 177 -26.39 -28.91 -41.38
CA LYS G 177 -25.73 -27.62 -41.61
C LYS G 177 -24.27 -27.95 -41.86
N GLU G 178 -23.90 -28.02 -43.14
CA GLU G 178 -22.73 -28.78 -43.59
C GLU G 178 -21.36 -28.33 -43.06
N ASP G 179 -20.47 -29.32 -42.94
CA ASP G 179 -19.08 -29.16 -42.49
C ASP G 179 -18.93 -28.56 -41.09
N GLY G 180 -19.80 -29.02 -40.17
CA GLY G 180 -19.78 -28.60 -38.78
C GLY G 180 -19.86 -27.11 -38.61
N LYS G 181 -21.00 -26.54 -38.95
CA LYS G 181 -21.21 -25.11 -38.85
C LYS G 181 -22.22 -24.77 -37.75
N LEU G 182 -21.72 -24.20 -36.65
CA LEU G 182 -22.60 -23.72 -35.60
C LEU G 182 -23.21 -22.40 -36.03
N ASN G 183 -24.53 -22.37 -36.07
CA ASN G 183 -25.28 -21.24 -36.61
C ASN G 183 -25.04 -19.95 -35.85
N LYS G 184 -24.48 -18.96 -36.56
CA LYS G 184 -24.20 -17.63 -35.99
C LYS G 184 -24.45 -16.48 -36.97
N LEU G 185 -25.36 -15.58 -36.59
CA LEU G 185 -25.68 -14.41 -37.39
C LEU G 185 -24.66 -13.30 -37.15
N CYS G 186 -23.72 -13.17 -38.09
CA CYS G 186 -22.58 -12.27 -37.93
C CYS G 186 -22.69 -10.98 -38.74
N ARG G 187 -23.26 -9.94 -38.12
CA ARG G 187 -23.30 -8.61 -38.73
C ARG G 187 -22.02 -7.86 -38.36
N ASP G 188 -21.26 -7.45 -39.37
CA ASP G 188 -19.97 -6.76 -39.21
C ASP G 188 -18.93 -7.68 -38.55
N GLU G 189 -18.71 -7.46 -37.25
CA GLU G 189 -17.80 -8.29 -36.46
C GLU G 189 -18.60 -9.14 -35.44
N LEU G 190 -19.29 -8.45 -34.53
CA LEU G 190 -20.01 -9.09 -33.42
C LEU G 190 -21.19 -9.96 -33.88
N CYS G 191 -21.21 -11.22 -33.44
CA CYS G 191 -22.26 -12.18 -33.82
C CYS G 191 -23.19 -12.50 -32.65
N ARG G 192 -24.22 -13.31 -32.91
CA ARG G 192 -25.07 -13.87 -31.85
C ARG G 192 -25.35 -15.34 -32.10
N CYS G 193 -25.91 -16.01 -31.10
CA CYS G 193 -26.23 -17.44 -31.20
C CYS G 193 -27.50 -17.67 -32.03
N ALA G 194 -27.40 -18.61 -32.97
CA ALA G 194 -28.54 -19.02 -33.77
C ALA G 194 -28.77 -20.53 -33.67
N GLU G 195 -28.18 -21.12 -32.63
CA GLU G 195 -28.43 -22.51 -32.28
C GLU G 195 -29.64 -22.60 -31.34
N GLU G 196 -30.31 -21.47 -31.14
CA GLU G 196 -31.52 -21.37 -30.32
C GLU G 196 -32.66 -22.19 -30.93
N ASN G 197 -33.57 -22.66 -30.07
CA ASN G 197 -34.67 -23.54 -30.47
C ASN G 197 -35.57 -22.90 -31.55
N CYS G 198 -36.05 -23.73 -32.47
CA CYS G 198 -36.84 -23.27 -33.63
C CYS G 198 -37.99 -22.32 -33.29
N PHE G 199 -38.86 -22.75 -32.38
CA PHE G 199 -40.01 -21.97 -31.93
C PHE G 199 -40.34 -22.25 -30.45
N ILE G 200 -41.60 -22.07 -30.07
CA ILE G 200 -42.07 -22.37 -28.71
C ILE G 200 -43.12 -23.49 -28.77
N GLN G 201 -42.98 -24.48 -27.89
CA GLN G 201 -43.87 -25.67 -27.79
C GLN G 201 -44.25 -26.33 -29.14
N LYS G 202 -45.39 -27.02 -29.16
CA LYS G 202 -45.95 -27.57 -30.40
C LYS G 202 -47.48 -27.65 -30.28
N ASP G 205 -50.68 -27.43 -27.23
CA ASP G 205 -51.24 -27.77 -28.53
C ASP G 205 -52.67 -27.25 -28.71
N LYS G 206 -53.42 -27.19 -27.61
CA LYS G 206 -54.79 -26.68 -27.64
C LYS G 206 -54.83 -25.17 -27.88
N VAL G 207 -53.72 -24.51 -27.56
CA VAL G 207 -53.51 -23.06 -27.76
C VAL G 207 -54.77 -22.20 -27.93
N THR G 208 -55.46 -21.97 -26.82
CA THR G 208 -56.66 -21.11 -26.80
C THR G 208 -56.33 -19.71 -26.24
N LEU G 209 -57.34 -19.03 -25.71
CA LEU G 209 -57.17 -17.68 -25.15
C LEU G 209 -56.49 -17.71 -23.78
N GLU G 210 -56.53 -18.87 -23.13
CA GLU G 210 -55.98 -19.07 -21.77
C GLU G 210 -54.48 -18.78 -21.68
N GLU G 211 -53.73 -19.22 -22.69
CA GLU G 211 -52.28 -19.06 -22.71
C GLU G 211 -51.83 -17.86 -23.56
N ARG G 212 -52.76 -16.93 -23.80
CA ARG G 212 -52.48 -15.75 -24.63
C ARG G 212 -52.30 -14.45 -23.84
N LEU G 213 -53.17 -14.22 -22.86
CA LEU G 213 -53.10 -13.02 -22.00
C LEU G 213 -51.93 -13.11 -21.01
N ASP G 214 -51.54 -14.34 -20.69
CA ASP G 214 -50.40 -14.61 -19.81
C ASP G 214 -49.06 -14.41 -20.53
N LYS G 215 -48.96 -14.92 -21.77
CA LYS G 215 -47.72 -14.88 -22.56
C LYS G 215 -47.36 -13.48 -23.09
N ALA G 216 -48.24 -12.52 -22.89
CA ALA G 216 -47.96 -11.12 -23.17
C ALA G 216 -47.30 -10.45 -21.96
N CYS G 217 -47.16 -11.20 -20.88
CA CYS G 217 -46.59 -10.70 -19.63
C CYS G 217 -45.63 -11.72 -19.02
N GLU G 218 -44.36 -11.65 -19.41
CA GLU G 218 -43.33 -12.55 -18.89
C GLU G 218 -42.03 -11.79 -18.58
N PRO G 219 -41.17 -12.33 -17.69
CA PRO G 219 -39.95 -11.66 -17.17
C PRO G 219 -39.35 -10.58 -18.08
N GLY G 220 -39.87 -9.37 -17.95
CA GLY G 220 -39.46 -8.23 -18.77
C GLY G 220 -40.62 -7.47 -19.38
N VAL G 221 -41.47 -8.20 -20.12
CA VAL G 221 -42.61 -7.65 -20.88
C VAL G 221 -42.14 -6.80 -22.07
N ASP G 222 -42.29 -7.33 -23.28
CA ASP G 222 -41.74 -6.68 -24.48
C ASP G 222 -42.71 -6.60 -25.67
N TYR G 223 -42.15 -6.67 -26.88
CA TYR G 223 -42.87 -6.36 -28.12
C TYR G 223 -43.83 -7.45 -28.62
N VAL G 224 -45.02 -7.03 -29.04
CA VAL G 224 -46.01 -7.90 -29.69
C VAL G 224 -46.54 -7.19 -30.94
N TYR G 225 -46.59 -7.89 -32.07
CA TYR G 225 -46.98 -7.28 -33.35
C TYR G 225 -47.91 -8.13 -34.21
N LYS G 226 -48.86 -7.46 -34.86
CA LYS G 226 -49.67 -8.06 -35.92
C LYS G 226 -49.26 -7.41 -37.24
N THR G 227 -48.47 -8.15 -38.01
CA THR G 227 -47.89 -7.61 -39.24
C THR G 227 -48.22 -8.46 -40.47
N ARG G 228 -48.12 -7.85 -41.64
CA ARG G 228 -48.32 -8.54 -42.90
C ARG G 228 -47.03 -8.53 -43.72
N LEU G 229 -46.60 -9.72 -44.13
CA LEU G 229 -45.35 -9.92 -44.88
C LEU G 229 -45.39 -9.20 -46.24
N VAL G 230 -44.27 -8.57 -46.60
CA VAL G 230 -44.18 -7.80 -47.85
C VAL G 230 -43.27 -8.48 -48.88
N LYS G 231 -42.02 -8.75 -48.49
CA LYS G 231 -41.01 -9.34 -49.37
C LYS G 231 -40.16 -10.36 -48.62
N VAL G 232 -39.87 -11.48 -49.29
CA VAL G 232 -39.02 -12.54 -48.72
C VAL G 232 -37.69 -12.58 -49.48
N GLN G 233 -36.58 -12.46 -48.74
CA GLN G 233 -35.24 -12.55 -49.34
C GLN G 233 -34.52 -13.84 -48.94
N LEU G 234 -34.74 -14.90 -49.72
CA LEU G 234 -34.07 -16.18 -49.50
C LEU G 234 -32.57 -16.08 -49.78
N SER G 235 -31.78 -15.98 -48.71
CA SER G 235 -30.32 -15.96 -48.83
C SER G 235 -29.76 -17.36 -48.52
N ASN G 236 -28.49 -17.57 -48.86
CA ASN G 236 -27.85 -18.89 -48.75
C ASN G 236 -27.71 -19.47 -47.33
N ASP G 237 -27.32 -18.63 -46.37
CA ASP G 237 -27.16 -19.10 -44.98
C ASP G 237 -28.15 -18.46 -44.00
N PHE G 238 -28.40 -17.16 -44.16
CA PHE G 238 -29.35 -16.43 -43.31
C PHE G 238 -30.32 -15.57 -44.10
N ASP G 239 -31.57 -16.01 -44.14
CA ASP G 239 -32.64 -15.38 -44.93
C ASP G 239 -33.10 -14.03 -44.36
N GLU G 240 -34.08 -13.42 -45.01
CA GLU G 240 -34.65 -12.15 -44.55
C GLU G 240 -36.17 -12.07 -44.73
N TYR G 241 -36.84 -11.43 -43.78
CA TYR G 241 -38.27 -11.15 -43.86
C TYR G 241 -38.55 -9.69 -43.52
N ILE G 242 -39.21 -8.97 -44.43
CA ILE G 242 -39.55 -7.58 -44.22
C ILE G 242 -41.07 -7.43 -44.05
N MET G 243 -41.48 -7.04 -42.85
CA MET G 243 -42.91 -6.97 -42.47
C MET G 243 -43.43 -5.53 -42.43
N ALA G 244 -44.74 -5.39 -42.60
CA ALA G 244 -45.40 -4.07 -42.53
C ALA G 244 -46.37 -4.00 -41.35
N ILE G 245 -46.24 -2.95 -40.56
CA ILE G 245 -47.03 -2.77 -39.33
C ILE G 245 -48.36 -2.05 -39.60
N GLU G 246 -49.47 -2.67 -39.20
CA GLU G 246 -50.80 -2.09 -39.34
C GLU G 246 -51.12 -1.24 -38.10
N GLN G 247 -51.43 -1.93 -37.00
CA GLN G 247 -51.56 -1.29 -35.70
C GLN G 247 -50.86 -2.13 -34.64
N THR G 248 -50.22 -1.45 -33.68
CA THR G 248 -49.44 -2.14 -32.64
C THR G 248 -50.33 -2.58 -31.49
N ILE G 249 -49.91 -3.63 -30.79
CA ILE G 249 -50.64 -4.16 -29.64
C ILE G 249 -49.89 -3.84 -28.34
N LYS G 250 -48.57 -4.01 -28.36
CA LYS G 250 -47.71 -3.65 -27.24
C LYS G 250 -46.38 -3.06 -27.74
N SER G 251 -46.02 -1.90 -27.21
CA SER G 251 -44.79 -1.21 -27.59
C SER G 251 -43.57 -1.75 -26.84
N GLY G 252 -42.48 -1.94 -27.58
CA GLY G 252 -41.23 -2.40 -27.00
C GLY G 252 -40.37 -1.24 -26.53
N SER G 253 -39.14 -1.18 -27.04
CA SER G 253 -38.17 -0.15 -26.64
C SER G 253 -38.45 1.21 -27.27
N ASP G 254 -38.81 1.20 -28.56
CA ASP G 254 -38.98 2.43 -29.34
C ASP G 254 -40.45 2.81 -29.55
N GLU G 255 -40.65 3.96 -30.18
CA GLU G 255 -41.97 4.40 -30.63
C GLU G 255 -41.87 4.83 -32.11
N VAL G 256 -42.59 4.13 -32.96
CA VAL G 256 -42.52 4.34 -34.42
C VAL G 256 -43.87 4.67 -35.05
N GLN G 257 -43.83 5.35 -36.20
CA GLN G 257 -45.03 5.75 -36.93
C GLN G 257 -45.45 4.67 -37.93
N VAL G 258 -46.76 4.45 -38.03
CA VAL G 258 -47.34 3.46 -38.96
C VAL G 258 -47.02 3.82 -40.41
N GLY G 259 -46.21 2.98 -41.05
CA GLY G 259 -45.78 3.19 -42.43
C GLY G 259 -44.37 2.70 -42.72
N GLN G 260 -43.61 2.44 -41.66
CA GLN G 260 -42.22 1.98 -41.77
C GLN G 260 -42.12 0.45 -41.84
N GLN G 261 -40.99 -0.03 -42.36
CA GLN G 261 -40.71 -1.48 -42.45
C GLN G 261 -39.47 -1.87 -41.64
N ARG G 262 -39.48 -3.11 -41.14
CA ARG G 262 -38.37 -3.65 -40.35
C ARG G 262 -37.77 -4.92 -40.99
N THR G 263 -36.76 -5.50 -40.34
CA THR G 263 -36.11 -6.71 -40.84
C THR G 263 -36.15 -7.83 -39.78
N PHE G 264 -36.64 -9.00 -40.18
CA PHE G 264 -36.74 -10.18 -39.31
C PHE G 264 -35.93 -11.32 -39.92
N ILE G 265 -35.03 -11.92 -39.12
CA ILE G 265 -34.13 -12.96 -39.63
C ILE G 265 -34.34 -14.31 -38.93
N SER G 266 -34.21 -15.40 -39.70
CA SER G 266 -34.36 -16.76 -39.21
C SER G 266 -33.12 -17.60 -39.46
N PRO G 267 -32.87 -18.62 -38.61
CA PRO G 267 -31.77 -19.58 -38.79
C PRO G 267 -31.85 -20.41 -40.09
N ILE G 268 -30.77 -21.13 -40.39
CA ILE G 268 -30.72 -22.02 -41.55
C ILE G 268 -31.53 -23.30 -41.31
N LYS G 269 -31.70 -23.65 -40.03
CA LYS G 269 -32.52 -24.81 -39.64
C LYS G 269 -34.01 -24.51 -39.76
N CYS G 270 -34.40 -23.26 -39.49
CA CYS G 270 -35.79 -22.81 -39.61
C CYS G 270 -36.17 -22.65 -41.09
N ARG G 271 -36.24 -23.77 -41.79
CA ARG G 271 -36.46 -23.80 -43.23
C ARG G 271 -37.96 -24.01 -43.52
N GLU G 272 -38.36 -25.28 -43.61
CA GLU G 272 -39.75 -25.64 -43.91
C GLU G 272 -40.60 -25.73 -42.63
N ALA G 273 -39.95 -25.57 -41.47
CA ALA G 273 -40.63 -25.58 -40.18
C ALA G 273 -41.25 -24.23 -39.84
N LEU G 274 -40.74 -23.17 -40.46
CA LEU G 274 -41.24 -21.81 -40.24
C LEU G 274 -41.35 -20.99 -41.53
N LYS G 275 -41.58 -21.66 -42.66
CA LYS G 275 -41.76 -20.98 -43.94
C LYS G 275 -43.12 -20.25 -43.98
N LEU G 276 -43.07 -18.98 -44.37
CA LEU G 276 -44.26 -18.12 -44.32
C LEU G 276 -44.64 -17.58 -45.69
N GLU G 277 -45.93 -17.63 -46.00
CA GLU G 277 -46.48 -17.11 -47.26
C GLU G 277 -46.54 -15.58 -47.22
N GLU G 278 -46.30 -14.96 -48.38
CA GLU G 278 -46.30 -13.51 -48.52
C GLU G 278 -47.69 -12.91 -48.24
N LYS G 279 -47.70 -11.72 -47.65
CA LYS G 279 -48.92 -10.93 -47.42
C LYS G 279 -50.02 -11.60 -46.57
N LYS G 280 -49.59 -12.43 -45.61
CA LYS G 280 -50.50 -13.03 -44.63
C LYS G 280 -50.42 -12.31 -43.28
N HIS G 281 -51.53 -12.32 -42.54
CA HIS G 281 -51.61 -11.70 -41.22
C HIS G 281 -51.17 -12.70 -40.15
N TYR G 282 -50.29 -12.28 -39.24
CA TYR G 282 -49.68 -13.19 -38.28
C TYR G 282 -49.86 -12.84 -36.81
N LEU G 283 -49.21 -13.61 -35.95
CA LEU G 283 -49.22 -13.44 -34.51
C LEU G 283 -47.85 -13.81 -33.94
N MET G 284 -47.13 -12.82 -33.41
CA MET G 284 -45.75 -13.02 -32.95
C MET G 284 -45.42 -12.38 -31.60
N TRP G 285 -44.33 -12.84 -30.99
CA TRP G 285 -43.85 -12.31 -29.70
C TRP G 285 -42.33 -12.06 -29.73
N GLY G 286 -41.71 -12.01 -28.55
CA GLY G 286 -40.26 -11.79 -28.43
C GLY G 286 -39.88 -10.89 -27.26
N LEU G 287 -38.64 -11.00 -26.80
CA LEU G 287 -38.16 -10.15 -25.69
C LEU G 287 -36.98 -9.22 -26.06
N SER G 288 -36.52 -8.45 -25.07
CA SER G 288 -35.66 -7.28 -25.30
C SER G 288 -34.21 -7.53 -25.74
N SER G 289 -33.72 -8.75 -25.59
CA SER G 289 -32.35 -9.10 -25.98
C SER G 289 -32.24 -9.45 -27.47
N ASP G 290 -33.37 -9.47 -28.15
CA ASP G 290 -33.43 -9.77 -29.59
C ASP G 290 -33.29 -8.52 -30.48
N PHE G 291 -33.10 -7.37 -29.86
CA PHE G 291 -32.85 -6.13 -30.59
C PHE G 291 -31.41 -6.07 -31.10
N TRP G 292 -31.25 -6.05 -32.41
CA TRP G 292 -29.94 -6.16 -33.05
C TRP G 292 -29.68 -5.01 -34.03
N GLY G 293 -28.41 -4.62 -34.16
CA GLY G 293 -28.02 -3.54 -35.06
C GLY G 293 -28.33 -2.15 -34.50
N GLU G 294 -27.61 -1.15 -35.01
CA GLU G 294 -27.77 0.24 -34.55
C GLU G 294 -29.00 0.90 -35.17
N LYS G 295 -29.68 1.73 -34.39
CA LYS G 295 -30.91 2.43 -34.81
C LYS G 295 -30.67 3.41 -35.97
N PRO G 296 -31.69 3.64 -36.83
CA PRO G 296 -33.05 3.08 -36.77
C PRO G 296 -33.22 1.72 -37.45
N ASN G 297 -32.14 1.20 -38.03
CA ASN G 297 -32.16 -0.09 -38.74
C ASN G 297 -32.24 -1.30 -37.81
N LEU G 298 -33.32 -1.39 -37.05
CA LEU G 298 -33.52 -2.46 -36.06
C LEU G 298 -33.99 -3.78 -36.70
N SER G 299 -33.48 -4.89 -36.16
CA SER G 299 -33.82 -6.23 -36.64
C SER G 299 -34.26 -7.16 -35.50
N TYR G 300 -35.09 -8.14 -35.85
CA TYR G 300 -35.61 -9.11 -34.87
C TYR G 300 -35.30 -10.54 -35.30
N ILE G 301 -35.31 -11.47 -34.34
CA ILE G 301 -34.91 -12.85 -34.60
C ILE G 301 -36.08 -13.82 -34.42
N ILE G 302 -36.17 -14.79 -35.33
CA ILE G 302 -37.11 -15.90 -35.20
C ILE G 302 -36.39 -17.10 -34.58
N GLY G 303 -35.96 -16.92 -33.34
CA GLY G 303 -35.25 -17.95 -32.59
C GLY G 303 -36.16 -18.69 -31.63
N LYS G 304 -35.70 -18.85 -30.39
CA LYS G 304 -36.43 -19.61 -29.38
C LYS G 304 -37.49 -18.80 -28.62
N ASP G 305 -37.31 -17.48 -28.58
CA ASP G 305 -38.24 -16.61 -27.85
C ASP G 305 -39.39 -16.13 -28.73
N THR G 306 -39.65 -16.86 -29.82
CA THR G 306 -40.64 -16.45 -30.82
C THR G 306 -41.50 -17.62 -31.31
N TRP G 307 -42.80 -17.37 -31.48
CA TRP G 307 -43.76 -18.38 -31.93
C TRP G 307 -44.74 -17.82 -32.96
N VAL G 308 -44.93 -18.56 -34.05
CA VAL G 308 -45.82 -18.16 -35.16
C VAL G 308 -47.14 -18.96 -35.13
N GLU G 309 -48.26 -18.24 -35.16
CA GLU G 309 -49.59 -18.85 -35.16
C GLU G 309 -50.48 -18.21 -36.22
N HIS G 310 -51.34 -19.02 -36.82
CA HIS G 310 -52.15 -18.62 -37.98
C HIS G 310 -53.35 -17.71 -37.66
N TRP G 311 -53.65 -16.81 -38.60
CA TRP G 311 -54.82 -15.93 -38.54
C TRP G 311 -55.00 -15.21 -39.90
N PRO G 312 -55.64 -15.90 -40.87
CA PRO G 312 -55.75 -15.40 -42.26
C PRO G 312 -56.86 -14.34 -42.48
N GLU G 313 -57.58 -14.48 -43.59
CA GLU G 313 -58.61 -13.51 -44.01
C GLU G 313 -59.83 -13.50 -43.10
N GLU G 314 -60.39 -12.31 -42.87
CA GLU G 314 -61.59 -12.15 -42.03
C GLU G 314 -62.87 -12.70 -42.65
N ASP G 315 -62.78 -13.10 -43.91
CA ASP G 315 -63.89 -13.77 -44.60
C ASP G 315 -64.08 -15.20 -44.10
N GLU G 316 -63.00 -15.80 -43.62
CA GLU G 316 -63.02 -17.18 -43.14
C GLU G 316 -62.91 -17.32 -41.61
N CYS G 317 -63.56 -16.40 -40.88
CA CYS G 317 -63.74 -16.52 -39.43
C CYS G 317 -65.06 -17.21 -39.14
N GLN G 318 -65.82 -17.48 -40.20
CA GLN G 318 -67.12 -18.13 -40.12
C GLN G 318 -67.01 -19.61 -40.49
N ASP G 319 -66.07 -19.94 -41.37
CA ASP G 319 -65.75 -21.32 -41.72
C ASP G 319 -65.13 -22.03 -40.53
N GLU G 320 -65.56 -23.26 -40.28
CA GLU G 320 -65.19 -24.00 -39.07
C GLU G 320 -63.73 -24.50 -39.07
N GLU G 321 -62.82 -23.55 -38.85
CA GLU G 321 -61.40 -23.81 -38.57
C GLU G 321 -60.85 -22.64 -37.77
N ASN G 322 -61.16 -21.43 -38.24
CA ASN G 322 -60.85 -20.20 -37.53
C ASN G 322 -61.99 -19.76 -36.60
N GLN G 323 -63.01 -20.62 -36.46
CA GLN G 323 -64.15 -20.33 -35.58
C GLN G 323 -63.74 -20.42 -34.11
N LYS G 324 -62.71 -21.22 -33.82
CA LYS G 324 -62.09 -21.27 -32.50
C LYS G 324 -60.63 -20.81 -32.56
N GLN G 325 -60.38 -19.80 -33.41
CA GLN G 325 -59.03 -19.25 -33.62
C GLN G 325 -59.05 -17.76 -34.02
N CYS G 326 -60.16 -17.30 -34.59
CA CYS G 326 -60.33 -15.90 -34.99
C CYS G 326 -61.06 -15.09 -33.90
N GLN G 327 -62.03 -15.70 -33.25
CA GLN G 327 -62.79 -15.07 -32.16
C GLN G 327 -61.92 -14.92 -30.91
N ASP G 328 -60.92 -15.79 -30.78
CA ASP G 328 -59.95 -15.72 -29.69
C ASP G 328 -59.06 -14.48 -29.83
N LEU G 329 -58.58 -14.22 -31.05
CA LEU G 329 -57.74 -13.06 -31.35
C LEU G 329 -58.55 -11.79 -31.60
N GLY G 330 -59.81 -11.97 -32.01
CA GLY G 330 -60.75 -10.86 -32.15
C GLY G 330 -61.07 -10.24 -30.81
N ALA G 331 -61.01 -11.06 -29.76
CA ALA G 331 -61.23 -10.61 -28.38
C ALA G 331 -59.92 -10.28 -27.65
N PHE G 332 -58.79 -10.53 -28.32
CA PHE G 332 -57.46 -10.30 -27.73
C PHE G 332 -56.95 -8.88 -28.05
N THR G 333 -57.55 -8.25 -29.06
CA THR G 333 -57.12 -6.93 -29.53
C THR G 333 -57.29 -5.83 -28.47
N GLU G 334 -58.41 -5.86 -27.76
CA GLU G 334 -58.76 -4.80 -26.81
C GLU G 334 -58.43 -5.14 -25.35
N SER G 335 -58.08 -6.40 -25.09
CA SER G 335 -57.66 -6.82 -23.74
C SER G 335 -56.25 -6.33 -23.42
N MET G 336 -55.56 -5.82 -24.44
CA MET G 336 -54.22 -5.26 -24.31
C MET G 336 -54.21 -3.74 -24.47
N VAL G 337 -55.15 -3.23 -25.26
CA VAL G 337 -55.28 -1.79 -25.51
C VAL G 337 -55.91 -1.07 -24.31
N VAL G 338 -57.05 -1.58 -23.86
CA VAL G 338 -57.83 -0.94 -22.79
C VAL G 338 -57.17 -1.08 -21.41
N PHE G 339 -56.85 -2.32 -21.02
CA PHE G 339 -56.32 -2.59 -19.68
C PHE G 339 -54.79 -2.76 -19.63
N GLY G 340 -54.23 -3.48 -20.60
CA GLY G 340 -52.78 -3.65 -20.71
C GLY G 340 -52.23 -4.85 -19.96
N CYS G 341 -51.13 -4.63 -19.25
CA CYS G 341 -50.43 -5.70 -18.52
C CYS G 341 -50.89 -5.78 -17.06
N PRO G 342 -51.47 -6.94 -16.66
CA PRO G 342 -51.90 -7.19 -15.27
C PRO G 342 -50.79 -7.08 -14.21
N ASN G 343 -49.57 -7.50 -14.56
CA ASN G 343 -48.43 -7.46 -13.63
C ASN G 343 -47.97 -6.04 -13.31
N GLY H 1 37.54 -42.66 18.53
CA GLY H 1 37.14 -42.40 17.11
C GLY H 1 35.75 -41.79 16.98
N ARG H 2 35.23 -41.78 15.76
CA ARG H 2 33.85 -41.34 15.44
C ARG H 2 33.15 -42.43 14.60
N PRO H 3 31.79 -42.48 14.59
CA PRO H 3 31.11 -43.59 13.91
C PRO H 3 31.41 -43.67 12.42
N ILE H 4 31.12 -44.82 11.81
CA ILE H 4 31.50 -45.08 10.41
C ILE H 4 30.34 -45.73 9.65
N LEU H 5 30.03 -45.17 8.47
CA LEU H 5 28.94 -45.67 7.64
C LEU H 5 29.39 -46.71 6.63
N GLU H 6 28.55 -47.74 6.44
CA GLU H 6 28.80 -48.78 5.44
C GLU H 6 27.70 -48.78 4.36
N VAL H 7 28.11 -48.44 3.13
CA VAL H 7 27.22 -48.38 1.97
C VAL H 7 27.93 -48.95 0.73
N PRO H 8 27.28 -49.88 0.02
CA PRO H 8 27.82 -50.47 -1.22
C PRO H 8 28.14 -49.41 -2.28
N GLU H 9 29.19 -49.64 -3.06
CA GLU H 9 29.57 -48.72 -4.14
C GLU H 9 28.43 -48.58 -5.16
N SER H 10 27.73 -49.68 -5.39
CA SER H 10 26.62 -49.75 -6.34
C SER H 10 25.57 -50.75 -5.84
N VAL H 11 24.32 -50.56 -6.29
CA VAL H 11 23.23 -51.52 -6.06
C VAL H 11 22.44 -51.63 -7.36
N THR H 12 21.91 -52.83 -7.64
CA THR H 12 21.17 -53.09 -8.86
C THR H 12 19.80 -53.68 -8.53
N GLY H 13 18.79 -53.28 -9.28
CA GLY H 13 17.43 -53.72 -9.02
C GLY H 13 16.57 -53.99 -10.24
N PRO H 14 15.63 -54.96 -10.12
CA PRO H 14 14.70 -55.34 -11.18
C PRO H 14 13.71 -54.25 -11.53
N TRP H 15 13.64 -53.89 -12.81
CA TRP H 15 12.62 -52.97 -13.32
C TRP H 15 11.23 -53.44 -12.90
N LYS H 16 10.37 -52.49 -12.58
CA LYS H 16 9.01 -52.75 -12.06
C LYS H 16 8.98 -53.45 -10.69
N GLY H 17 10.14 -53.84 -10.17
CA GLY H 17 10.26 -54.58 -8.90
C GLY H 17 10.67 -53.78 -7.67
N ASP H 18 11.18 -54.48 -6.66
CA ASP H 18 11.71 -53.87 -5.43
C ASP H 18 13.23 -53.88 -5.40
N VAL H 19 13.81 -53.03 -4.54
CA VAL H 19 15.26 -52.96 -4.36
C VAL H 19 15.58 -52.45 -2.95
N ASN H 20 16.77 -52.78 -2.46
CA ASN H 20 17.24 -52.28 -1.19
C ASN H 20 18.62 -51.61 -1.29
N LEU H 21 18.72 -50.40 -0.75
CA LEU H 21 20.00 -49.72 -0.65
C LEU H 21 20.46 -49.79 0.81
N PRO H 22 21.47 -50.63 1.08
CA PRO H 22 21.91 -50.83 2.46
C PRO H 22 22.70 -49.64 2.96
N CYS H 23 22.40 -49.21 4.19
CA CYS H 23 23.16 -48.18 4.87
C CYS H 23 23.16 -48.50 6.36
N THR H 24 24.29 -49.06 6.82
CA THR H 24 24.42 -49.52 8.21
C THR H 24 25.64 -48.98 8.94
N TYR H 25 25.52 -48.85 10.26
CA TYR H 25 26.65 -48.48 11.12
C TYR H 25 26.62 -49.19 12.47
N ASP H 26 27.80 -49.48 13.00
CA ASP H 26 27.93 -50.00 14.36
C ASP H 26 27.87 -48.83 15.36
N PRO H 27 26.86 -48.84 16.26
CA PRO H 27 26.67 -47.80 17.28
C PRO H 27 27.87 -47.61 18.19
N LEU H 28 27.98 -46.43 18.81
CA LEU H 28 29.06 -46.10 19.74
C LEU H 28 28.56 -45.26 20.91
N GLN H 29 29.28 -45.30 22.03
CA GLN H 29 29.01 -44.45 23.18
C GLN H 29 29.21 -42.98 22.86
N GLY H 30 28.34 -42.13 23.41
CA GLY H 30 28.43 -40.69 23.23
C GLY H 30 27.97 -40.23 21.85
N TYR H 31 27.27 -41.12 21.15
CA TYR H 31 26.79 -40.86 19.80
C TYR H 31 25.30 -41.18 19.57
N THR H 32 24.43 -40.32 20.11
CA THR H 32 22.98 -40.42 19.87
C THR H 32 22.67 -40.04 18.41
N GLN H 33 21.87 -40.87 17.74
CA GLN H 33 21.39 -40.53 16.41
C GLN H 33 20.26 -39.53 16.57
N VAL H 34 20.35 -38.40 15.87
CA VAL H 34 19.28 -37.39 15.95
C VAL H 34 18.63 -37.08 14.59
N LEU H 35 19.24 -37.56 13.50
CA LEU H 35 18.71 -37.28 12.17
C LEU H 35 19.18 -38.28 11.12
N VAL H 36 18.24 -38.78 10.31
CA VAL H 36 18.61 -39.58 9.15
C VAL H 36 18.11 -38.85 7.91
N LYS H 37 18.92 -38.88 6.84
CA LYS H 37 18.61 -38.13 5.65
C LYS H 37 19.01 -38.92 4.41
N TRP H 38 18.08 -39.04 3.48
CA TRP H 38 18.40 -39.61 2.18
C TRP H 38 18.23 -38.56 1.09
N LEU H 39 19.24 -38.45 0.23
CA LEU H 39 19.21 -37.50 -0.87
C LEU H 39 19.33 -38.28 -2.17
N VAL H 40 18.76 -37.73 -3.24
CA VAL H 40 18.99 -38.28 -4.56
C VAL H 40 19.64 -37.21 -5.42
N GLN H 41 20.68 -37.61 -6.13
CA GLN H 41 21.44 -36.71 -6.98
C GLN H 41 20.64 -36.47 -8.24
N ARG H 42 19.81 -35.42 -8.24
CA ARG H 42 19.09 -35.00 -9.43
C ARG H 42 20.08 -34.38 -10.42
N GLY H 43 20.83 -35.27 -11.11
CA GLY H 43 21.89 -34.90 -12.05
C GLY H 43 22.94 -33.98 -11.47
N SER H 44 22.59 -32.69 -11.40
CA SER H 44 23.46 -31.63 -10.89
C SER H 44 23.98 -31.94 -9.48
N ASP H 45 23.10 -31.85 -8.48
CA ASP H 45 23.47 -32.02 -7.07
C ASP H 45 22.39 -31.60 -6.07
N PRO H 46 22.35 -32.19 -4.86
CA PRO H 46 21.71 -33.40 -4.39
C PRO H 46 20.43 -32.88 -3.71
N VAL H 47 19.45 -33.74 -3.47
CA VAL H 47 18.12 -33.27 -3.00
C VAL H 47 17.21 -34.30 -2.32
N THR H 48 16.48 -33.96 -1.26
CA THR H 48 16.67 -34.46 0.07
C THR H 48 15.35 -35.20 -0.11
N ILE H 49 15.35 -36.53 -0.12
CA ILE H 49 14.09 -37.23 -0.39
C ILE H 49 13.42 -37.76 0.84
N PHE H 50 14.22 -38.28 1.77
CA PHE H 50 13.72 -38.82 3.03
C PHE H 50 14.26 -38.03 4.21
N LEU H 51 13.61 -38.14 5.37
CA LEU H 51 13.96 -37.33 6.53
C LEU H 51 13.38 -37.94 7.79
N ARG H 52 14.24 -38.42 8.69
CA ARG H 52 13.79 -38.97 9.97
C ARG H 52 14.35 -38.22 11.17
N ASP H 53 13.46 -37.72 12.03
CA ASP H 53 13.85 -37.03 13.25
C ASP H 53 12.87 -37.28 14.41
N SER H 54 13.11 -36.63 15.55
CA SER H 54 12.21 -36.72 16.69
C SER H 54 10.74 -36.84 16.28
N SER H 55 10.30 -36.01 15.33
CA SER H 55 8.90 -36.00 14.87
C SER H 55 8.46 -37.30 14.14
N GLY H 56 9.31 -37.85 13.29
CA GLY H 56 8.95 -39.07 12.55
C GLY H 56 9.59 -39.17 11.17
N ASP H 57 8.90 -39.84 10.26
CA ASP H 57 9.37 -40.03 8.88
C ASP H 57 8.77 -39.02 7.91
N HIS H 58 9.53 -38.65 6.87
CA HIS H 58 9.16 -37.54 5.99
C HIS H 58 9.63 -37.72 4.56
N ILE H 59 8.70 -37.79 3.62
CA ILE H 59 9.07 -37.84 2.20
C ILE H 59 8.94 -36.45 1.57
N GLN H 60 10.08 -35.88 1.17
CA GLN H 60 10.13 -34.50 0.75
C GLN H 60 10.07 -34.32 -0.77
N GLN H 61 9.80 -35.41 -1.49
CA GLN H 61 9.69 -35.40 -2.95
C GLN H 61 8.59 -36.36 -3.39
N ALA H 62 7.55 -35.81 -4.01
CA ALA H 62 6.31 -36.54 -4.36
C ALA H 62 6.43 -37.83 -5.20
N LYS H 63 7.46 -37.98 -6.02
CA LYS H 63 7.57 -39.19 -6.84
C LYS H 63 7.90 -40.43 -6.00
N TYR H 64 8.12 -40.22 -4.70
CA TYR H 64 8.50 -41.31 -3.80
C TYR H 64 7.40 -41.70 -2.82
N GLN H 65 6.35 -40.88 -2.74
CA GLN H 65 5.23 -41.15 -1.82
C GLN H 65 4.59 -42.51 -2.09
N GLY H 66 4.66 -43.39 -1.09
CA GLY H 66 4.12 -44.74 -1.22
C GLY H 66 5.14 -45.79 -1.61
N ARG H 67 6.16 -45.39 -2.38
CA ARG H 67 7.21 -46.31 -2.86
C ARG H 67 8.42 -46.40 -1.95
N LEU H 68 8.44 -45.61 -0.88
CA LEU H 68 9.67 -45.44 -0.11
C LEU H 68 9.56 -45.81 1.37
N HIS H 69 10.56 -46.54 1.85
CA HIS H 69 10.62 -47.05 3.23
C HIS H 69 12.07 -47.18 3.72
N VAL H 70 12.31 -46.70 4.95
CA VAL H 70 13.62 -46.80 5.58
C VAL H 70 13.55 -47.68 6.83
N SER H 71 14.31 -48.77 6.80
CA SER H 71 14.48 -49.65 7.94
C SER H 71 14.55 -48.87 9.28
N HIS H 72 14.05 -49.48 10.35
CA HIS H 72 14.00 -48.79 11.65
C HIS H 72 13.94 -49.72 12.86
N LYS H 73 14.41 -50.95 12.69
CA LYS H 73 14.34 -51.95 13.74
C LYS H 73 15.65 -52.02 14.54
N VAL H 74 16.67 -52.63 13.94
CA VAL H 74 18.02 -52.72 14.51
C VAL H 74 18.65 -51.33 14.57
N PRO H 75 18.97 -50.85 15.79
CA PRO H 75 19.76 -49.62 15.85
C PRO H 75 21.05 -49.79 15.06
N GLY H 76 21.26 -48.93 14.06
CA GLY H 76 22.41 -49.04 13.17
C GLY H 76 22.02 -49.26 11.72
N ASP H 77 20.75 -49.59 11.50
CA ASP H 77 20.25 -49.85 10.16
C ASP H 77 19.27 -48.77 9.70
N VAL H 78 19.73 -47.95 8.75
CA VAL H 78 18.91 -46.90 8.14
C VAL H 78 18.84 -47.08 6.63
N SER H 79 18.85 -48.35 6.20
CA SER H 79 18.77 -48.71 4.78
C SER H 79 17.45 -48.29 4.13
N LEU H 80 17.49 -48.10 2.82
CA LEU H 80 16.36 -47.54 2.09
C LEU H 80 15.78 -48.55 1.09
N GLN H 81 14.46 -48.63 1.06
CA GLN H 81 13.76 -49.56 0.15
C GLN H 81 12.80 -48.82 -0.78
N LEU H 82 13.08 -48.89 -2.07
CA LEU H 82 12.14 -48.42 -3.09
C LEU H 82 11.37 -49.57 -3.68
N SER H 83 10.09 -49.34 -3.92
CA SER H 83 9.21 -50.33 -4.53
C SER H 83 8.74 -49.85 -5.90
N THR H 84 8.52 -50.81 -6.81
CA THR H 84 8.05 -50.55 -8.18
C THR H 84 9.00 -49.63 -8.95
N LEU H 85 10.23 -50.08 -9.15
CA LEU H 85 11.26 -49.26 -9.78
C LEU H 85 10.89 -48.77 -11.19
N GLU H 86 11.03 -47.47 -11.39
CA GLU H 86 10.90 -46.86 -12.71
C GLU H 86 12.30 -46.61 -13.23
N MET H 87 12.45 -46.61 -14.54
CA MET H 87 13.75 -46.29 -15.16
C MET H 87 14.28 -44.94 -14.69
N ASP H 88 13.37 -44.03 -14.35
CA ASP H 88 13.71 -42.71 -13.85
C ASP H 88 14.38 -42.75 -12.44
N ASP H 89 14.24 -43.86 -11.74
CA ASP H 89 14.89 -44.01 -10.43
C ASP H 89 16.40 -44.18 -10.50
N ARG H 90 16.90 -44.61 -11.67
CA ARG H 90 18.33 -44.73 -11.93
C ARG H 90 19.02 -43.42 -11.56
N SER H 91 19.89 -43.48 -10.55
CA SER H 91 20.53 -42.27 -10.00
C SER H 91 21.41 -42.57 -8.79
N HIS H 92 22.17 -41.57 -8.36
CA HIS H 92 22.98 -41.66 -7.14
C HIS H 92 22.18 -41.28 -5.88
N TYR H 93 22.21 -42.15 -4.88
CA TYR H 93 21.52 -41.91 -3.61
C TYR H 93 22.53 -41.74 -2.49
N THR H 94 22.27 -40.77 -1.63
CA THR H 94 23.16 -40.44 -0.51
C THR H 94 22.48 -40.77 0.81
N CYS H 95 23.17 -41.58 1.61
CA CYS H 95 22.74 -41.83 2.98
C CYS H 95 23.53 -40.91 3.89
N GLU H 96 22.84 -40.16 4.75
CA GLU H 96 23.51 -39.22 5.64
C GLU H 96 22.95 -39.25 7.06
N VAL H 97 23.79 -39.65 8.00
CA VAL H 97 23.39 -39.73 9.40
C VAL H 97 24.09 -38.66 10.22
N THR H 98 23.41 -38.20 11.27
CA THR H 98 23.86 -37.09 12.08
C THR H 98 23.75 -37.45 13.55
N TRP H 99 24.88 -37.50 14.25
CA TRP H 99 24.85 -37.82 15.68
C TRP H 99 25.06 -36.62 16.59
N GLN H 100 24.54 -36.74 17.81
CA GLN H 100 24.79 -35.76 18.85
C GLN H 100 25.75 -36.31 19.91
N THR H 101 26.68 -35.46 20.32
CA THR H 101 27.63 -35.80 21.38
C THR H 101 27.20 -35.08 22.67
N PRO H 102 27.36 -35.74 23.83
CA PRO H 102 26.83 -35.30 25.13
C PRO H 102 26.97 -33.81 25.43
N ASP H 103 28.02 -33.17 24.93
CA ASP H 103 28.23 -31.75 25.17
C ASP H 103 27.26 -30.87 24.39
N GLY H 104 26.89 -31.30 23.18
CA GLY H 104 25.89 -30.58 22.39
C GLY H 104 26.06 -30.63 20.89
N ASN H 105 27.31 -30.75 20.46
CA ASN H 105 27.67 -30.60 19.06
C ASN H 105 27.26 -31.79 18.23
N GLN H 106 26.95 -31.53 16.96
CA GLN H 106 26.55 -32.57 16.03
C GLN H 106 27.73 -32.98 15.14
N VAL H 107 27.72 -34.24 14.70
CA VAL H 107 28.70 -34.68 13.71
C VAL H 107 28.00 -35.45 12.59
N VAL H 108 28.53 -35.29 11.37
CA VAL H 108 27.85 -35.81 10.18
C VAL H 108 28.72 -36.82 9.43
N ARG H 109 28.11 -37.89 8.95
CA ARG H 109 28.76 -38.83 8.06
C ARG H 109 27.78 -39.23 6.96
N ASP H 110 28.29 -39.37 5.74
CA ASP H 110 27.46 -39.66 4.56
C ASP H 110 28.17 -40.62 3.62
N LYS H 111 27.41 -41.29 2.76
CA LYS H 111 28.00 -42.15 1.74
C LYS H 111 27.08 -42.25 0.53
N ILE H 112 27.66 -42.33 -0.67
CA ILE H 112 26.89 -42.34 -1.91
C ILE H 112 26.87 -43.71 -2.58
N THR H 113 25.68 -44.22 -2.87
CA THR H 113 25.52 -45.40 -3.72
C THR H 113 24.92 -45.07 -5.10
N GLU H 114 25.35 -45.81 -6.13
CA GLU H 114 24.84 -45.64 -7.48
C GLU H 114 23.78 -46.71 -7.77
N LEU H 115 22.51 -46.32 -7.72
CA LEU H 115 21.42 -47.26 -8.05
C LEU H 115 21.27 -47.51 -9.55
N ARG H 116 21.30 -48.78 -9.92
CA ARG H 116 21.02 -49.23 -11.28
C ARG H 116 19.72 -50.03 -11.36
N VAL H 117 19.07 -49.95 -12.52
CA VAL H 117 17.82 -50.66 -12.77
C VAL H 117 17.94 -51.55 -14.00
N GLN H 118 17.85 -52.87 -13.78
CA GLN H 118 17.97 -53.86 -14.85
C GLN H 118 16.63 -54.28 -15.42
N LYS H 119 16.51 -54.19 -16.74
CA LYS H 119 15.28 -54.57 -17.45
C LYS H 119 15.10 -56.08 -17.51
C1 NAG I . -46.95 34.76 -13.17
C2 NAG I . -46.08 33.53 -13.04
C3 NAG I . -44.73 33.80 -13.68
C4 NAG I . -44.93 34.04 -15.19
C5 NAG I . -46.19 34.82 -15.55
C6 NAG I . -47.02 34.00 -16.54
C7 NAG I . -45.88 31.98 -11.21
C8 NAG I . -45.13 31.78 -9.92
N2 NAG I . -45.91 33.22 -11.65
O3 NAG I . -43.87 32.71 -13.46
O4 NAG I . -43.81 34.76 -15.69
O5 NAG I . -47.05 35.27 -14.49
O6 NAG I . -46.86 34.61 -17.79
O7 NAG I . -46.40 31.04 -11.79
C1 NAG I . -43.30 34.20 -16.92
C2 NAG I . -41.95 34.83 -17.27
C3 NAG I . -41.44 34.29 -18.61
C4 NAG I . -41.53 32.77 -18.70
C5 NAG I . -42.86 32.21 -18.15
C6 NAG I . -42.81 30.69 -17.98
C7 NAG I . -42.01 37.08 -16.27
C8 NAG I . -42.87 38.31 -16.34
N2 NAG I . -42.05 36.29 -17.34
O3 NAG I . -40.10 34.70 -18.81
O4 NAG I . -41.35 32.38 -20.04
O5 NAG I . -43.17 32.79 -16.90
O6 NAG I . -44.04 30.21 -17.54
O7 NAG I . -41.31 36.87 -15.28
CA CA J . -31.98 19.32 0.14
CA CA K . 33.37 -26.09 -0.42
#